data_5LR8
#
_entry.id   5LR8
#
_cell.length_a   229.210
_cell.length_b   63.480
_cell.length_c   148.820
_cell.angle_alpha   90.00
_cell.angle_beta   115.21
_cell.angle_gamma   90.00
#
_symmetry.space_group_name_H-M   'C 1 2 1'
#
loop_
_entity.id
_entity.type
_entity.pdbx_description
1 polymer 'Alpha-1,4 glucan phosphorylase'
2 non-polymer "PYRIDOXAL-5'-PHOSPHATE"
3 non-polymer 'CITRIC ACID'
4 water water
#
_entity_poly.entity_id   1
_entity_poly.type   'polypeptide(L)'
_entity_poly.pdbx_seq_one_letter_code
;MRSVASDREVRGPASTEEELSAVLTSIDSSAIASNIQHHADFTPLFSPEHSSPLKAYHATAKSVFDSLIMNWNATYDYYN
KVNAKQAYYLSMEFLQGRALTNAIGNLELTGQYAEALKQLGHNLEDVASQEPDPALGNGGLGRLASCFLDSLATLNYPAW
GYGLRYRYGLFKQIITKDGQEEVAENWLEMGNPWEIVRNDVSYPVKFYGKVVEGTDGRKHWIGGENIKAVAHDVPIPGYK
TKTTNNLRLWSTTVPSQNFDLGAFNAGDHAKANEAHLNAEKICHVLYPGDESSEGKILRLKQQYTLCSASLQDIISRFES
RAGDSLNWEDFPSKVAVQMNDTHPTLCIPELMRILMDIKGLSWNEAWSITERTVAYTNHTVLPEALEKWSLDIMQKLLPR
HVEIIETIDEELMNNIVSKYGTADISLLKQKLKDMRILDNVDLPASVAKLFIKPKEKRGKLLVESLESIAEADEKTESQE
VENILSETTEKKAESDSEEAPDAEKEDPEYELDPFAKYDPQFPRVVRMANLCVVGGHSVNGVAEIHSEIVKQDVFNSFYE
MWPTKFQNKTNGVTPRRWIRFCNPELSTIISKWIGSDDWILNTDKLAGLKKFADDEDLQSEWRTAKRNNKMKVVSLIRDK
TGYIVSPDAMFDVQVKRIHEYKRQLLNILGIVYRYKKMKEMSAKDRRKSFVPRVCIFGGKAFATYVQAKRIVKFITDVAA
TVNYDPDIGDLLKVVFVPDYNVSVAETLIPASELSQHISTAGMEASGTSNMKFAMNGCLLIGTLDGANVEIREEVGEENF
FLFGAHAPEIAGLRQERAEGKFVPDLRFEEVKEYVRSGVFGTSNYDELMGSLEGNEGYGRADYFLVGKDFPSYIECQEKV
DEAYRDQKLWTRMSILNTAGSPKFSSDRTIHEYAKDIWDISPVIMPTFPDIENLYFQG
;
_entity_poly.pdbx_strand_id   A,B
#
# COMPACT_ATOMS: atom_id res chain seq x y z
N SER A 26 -17.92 -16.38 -50.60
CA SER A 26 -19.36 -16.38 -51.00
C SER A 26 -20.23 -15.39 -50.21
N ILE A 27 -19.62 -14.56 -49.36
CA ILE A 27 -20.33 -13.46 -48.70
C ILE A 27 -19.57 -12.16 -49.03
N ASP A 28 -19.92 -11.57 -50.18
CA ASP A 28 -19.12 -10.51 -50.80
C ASP A 28 -19.75 -9.12 -50.69
N SER A 29 -18.98 -8.10 -51.06
CA SER A 29 -19.41 -6.70 -50.93
C SER A 29 -20.61 -6.33 -51.80
N SER A 30 -20.78 -7.02 -52.93
CA SER A 30 -21.83 -6.66 -53.89
C SER A 30 -23.22 -7.13 -53.44
N ALA A 31 -23.27 -8.24 -52.72
CA ALA A 31 -24.53 -8.73 -52.15
C ALA A 31 -24.96 -7.88 -50.96
N ILE A 32 -23.99 -7.45 -50.14
CA ILE A 32 -24.25 -6.56 -49.02
C ILE A 32 -24.84 -5.24 -49.50
N ALA A 33 -24.28 -4.68 -50.57
CA ALA A 33 -24.77 -3.43 -51.16
C ALA A 33 -26.24 -3.56 -51.57
N SER A 34 -26.60 -4.72 -52.11
CA SER A 34 -28.00 -5.03 -52.45
C SER A 34 -28.90 -5.08 -51.22
N ASN A 35 -28.41 -5.68 -50.14
CA ASN A 35 -29.19 -5.82 -48.92
C ASN A 35 -29.37 -4.49 -48.19
N ILE A 36 -28.34 -3.64 -48.24
CA ILE A 36 -28.46 -2.27 -47.77
C ILE A 36 -29.57 -1.59 -48.57
N GLN A 37 -29.47 -1.68 -49.89
CA GLN A 37 -30.48 -1.10 -50.78
C GLN A 37 -31.88 -1.65 -50.47
N HIS A 38 -31.96 -2.98 -50.34
CA HIS A 38 -33.22 -3.63 -50.00
C HIS A 38 -33.86 -3.01 -48.75
N HIS A 39 -33.07 -2.85 -47.69
CA HIS A 39 -33.58 -2.29 -46.43
C HIS A 39 -34.01 -0.82 -46.54
N ALA A 40 -33.31 -0.04 -47.35
CA ALA A 40 -33.69 1.35 -47.60
C ALA A 40 -35.07 1.43 -48.23
N ASP A 41 -35.41 0.43 -49.05
CA ASP A 41 -36.64 0.45 -49.83
C ASP A 41 -37.76 -0.41 -49.24
N PHE A 42 -37.42 -1.51 -48.56
CA PHE A 42 -38.43 -2.46 -48.09
C PHE A 42 -38.59 -2.58 -46.56
N THR A 43 -37.72 -1.90 -45.81
CA THR A 43 -38.03 -1.50 -44.44
C THR A 43 -37.75 0.00 -44.32
N PRO A 44 -38.48 0.82 -45.10
CA PRO A 44 -38.19 2.26 -45.20
C PRO A 44 -38.68 3.11 -44.02
N LEU A 45 -37.96 4.19 -43.73
CA LEU A 45 -38.35 5.21 -42.74
C LEU A 45 -38.43 6.61 -43.36
N PHE A 46 -38.20 6.70 -44.68
CA PHE A 46 -38.12 7.98 -45.37
C PHE A 46 -38.80 7.90 -46.73
N SER A 47 -39.06 9.07 -47.33
CA SER A 47 -39.52 9.13 -48.72
C SER A 47 -38.50 8.43 -49.62
N PRO A 48 -38.95 7.82 -50.72
CA PRO A 48 -38.03 7.06 -51.57
C PRO A 48 -36.94 7.90 -52.22
N GLU A 49 -37.30 9.11 -52.67
CA GLU A 49 -36.37 10.00 -53.36
C GLU A 49 -35.42 10.74 -52.40
N HIS A 50 -35.67 10.62 -51.10
CA HIS A 50 -34.82 11.25 -50.09
C HIS A 50 -33.48 10.54 -50.01
N SER A 51 -32.41 11.31 -49.85
CA SER A 51 -31.04 10.78 -49.87
C SER A 51 -30.21 11.39 -48.74
N SER A 52 -29.93 10.60 -47.72
CA SER A 52 -29.25 11.07 -46.51
C SER A 52 -28.18 10.09 -46.05
N PRO A 53 -27.11 10.61 -45.43
CA PRO A 53 -26.23 9.72 -44.68
C PRO A 53 -26.99 8.97 -43.59
N LEU A 54 -27.96 9.65 -42.99
CA LEU A 54 -28.81 9.06 -41.95
C LEU A 54 -29.66 7.93 -42.51
N LYS A 55 -30.24 8.14 -43.68
CA LYS A 55 -31.03 7.12 -44.35
C LYS A 55 -30.15 5.90 -44.63
N ALA A 56 -28.94 6.16 -45.11
CA ALA A 56 -27.96 5.10 -45.34
C ALA A 56 -27.61 4.36 -44.04
N TYR A 57 -27.59 5.09 -42.93
CA TYR A 57 -27.28 4.47 -41.65
C TYR A 57 -28.33 3.44 -41.24
N HIS A 58 -29.59 3.83 -41.22
CA HIS A 58 -30.66 2.93 -40.83
C HIS A 58 -30.71 1.69 -41.73
N ALA A 59 -30.45 1.87 -43.01
CA ALA A 59 -30.39 0.75 -43.96
C ALA A 59 -29.18 -0.15 -43.68
N THR A 60 -28.01 0.47 -43.47
CA THR A 60 -26.80 -0.29 -43.18
C THR A 60 -26.92 -1.02 -41.84
N ALA A 61 -27.46 -0.32 -40.85
CA ALA A 61 -27.73 -0.94 -39.55
C ALA A 61 -28.62 -2.18 -39.70
N LYS A 62 -29.67 -2.06 -40.52
CA LYS A 62 -30.62 -3.17 -40.71
C LYS A 62 -30.03 -4.32 -41.54
N SER A 63 -29.09 -4.00 -42.43
CA SER A 63 -28.39 -5.04 -43.19
C SER A 63 -27.52 -5.88 -42.27
N VAL A 64 -26.74 -5.20 -41.43
CA VAL A 64 -25.92 -5.87 -40.42
C VAL A 64 -26.83 -6.69 -39.51
N PHE A 65 -27.96 -6.09 -39.12
CA PHE A 65 -28.87 -6.70 -38.14
C PHE A 65 -29.36 -8.07 -38.58
N ASP A 66 -29.58 -8.26 -39.89
CA ASP A 66 -29.96 -9.57 -40.43
C ASP A 66 -29.01 -10.70 -39.99
N SER A 67 -27.71 -10.42 -39.97
CA SER A 67 -26.72 -11.37 -39.48
C SER A 67 -26.89 -11.66 -37.99
N LEU A 68 -27.13 -10.60 -37.21
CA LEU A 68 -27.31 -10.72 -35.76
C LEU A 68 -28.55 -11.56 -35.42
N ILE A 69 -29.62 -11.38 -36.18
CA ILE A 69 -30.84 -12.15 -36.00
C ILE A 69 -30.58 -13.64 -36.23
N MET A 70 -30.01 -13.97 -37.37
CA MET A 70 -29.63 -15.36 -37.66
C MET A 70 -28.84 -15.96 -36.51
N ASN A 71 -27.79 -15.28 -36.10
CA ASN A 71 -26.92 -15.75 -35.02
C ASN A 71 -27.57 -15.72 -33.64
N TRP A 72 -28.43 -14.72 -33.40
CA TRP A 72 -29.18 -14.63 -32.14
C TRP A 72 -30.11 -15.84 -31.98
N ASN A 73 -30.84 -16.16 -33.04
CA ASN A 73 -31.81 -17.27 -33.01
C ASN A 73 -31.12 -18.61 -32.83
N ALA A 74 -29.98 -18.80 -33.48
CA ALA A 74 -29.19 -20.01 -33.33
C ALA A 74 -28.66 -20.16 -31.90
N THR A 75 -28.15 -19.06 -31.35
CA THR A 75 -27.64 -19.06 -29.98
C THR A 75 -28.76 -19.31 -28.98
N TYR A 76 -29.90 -18.65 -29.18
CA TYR A 76 -31.07 -18.80 -28.32
C TYR A 76 -31.56 -20.25 -28.29
N ASP A 77 -31.70 -20.85 -29.47
CA ASP A 77 -32.18 -22.22 -29.61
C ASP A 77 -31.23 -23.26 -29.01
N TYR A 78 -29.93 -23.05 -29.18
CA TYR A 78 -28.93 -24.02 -28.71
C TYR A 78 -28.83 -24.01 -27.18
N TYR A 79 -28.96 -22.83 -26.58
CA TYR A 79 -29.00 -22.68 -25.13
C TYR A 79 -30.17 -23.46 -24.53
N ASN A 80 -31.33 -23.37 -25.16
CA ASN A 80 -32.51 -24.14 -24.72
C ASN A 80 -32.27 -25.65 -24.80
N LYS A 81 -31.58 -26.10 -25.85
CA LYS A 81 -31.27 -27.53 -26.03
C LYS A 81 -30.35 -28.04 -24.94
N VAL A 82 -29.28 -27.28 -24.68
CA VAL A 82 -28.23 -27.72 -23.78
C VAL A 82 -28.65 -27.55 -22.32
N ASN A 83 -29.39 -26.49 -22.03
CA ASN A 83 -29.85 -26.18 -20.67
C ASN A 83 -28.70 -26.09 -19.68
N ALA A 84 -27.62 -25.43 -20.10
CA ALA A 84 -26.49 -25.14 -19.23
C ALA A 84 -26.85 -23.96 -18.33
N LYS A 85 -26.13 -23.83 -17.23
CA LYS A 85 -26.34 -22.73 -16.30
C LYS A 85 -26.11 -21.41 -17.03
N GLN A 86 -27.04 -20.48 -16.83
CA GLN A 86 -27.02 -19.20 -17.55
C GLN A 86 -26.83 -18.07 -16.55
N ALA A 87 -25.89 -17.16 -16.85
CA ALA A 87 -25.63 -16.02 -15.97
C ALA A 87 -26.45 -14.81 -16.39
N TYR A 88 -26.88 -14.02 -15.40
CA TYR A 88 -27.75 -12.87 -15.68
C TYR A 88 -27.23 -11.63 -14.98
N TYR A 89 -26.79 -10.67 -15.79
CA TYR A 89 -26.21 -9.45 -15.29
C TYR A 89 -27.26 -8.33 -15.31
N LEU A 90 -27.71 -7.93 -14.12
CA LEU A 90 -28.67 -6.83 -13.97
C LEU A 90 -27.94 -5.55 -13.62
N SER A 91 -28.19 -4.49 -14.38
CA SER A 91 -27.64 -3.17 -14.10
C SER A 91 -28.67 -2.09 -14.44
N MET A 92 -28.62 -0.97 -13.71
CA MET A 92 -29.43 0.19 -14.05
C MET A 92 -28.83 0.98 -15.20
N GLU A 93 -27.60 0.63 -15.60
CA GLU A 93 -26.92 1.31 -16.71
C GLU A 93 -26.35 0.31 -17.71
N PHE A 94 -26.42 0.67 -18.98
CA PHE A 94 -25.63 0.01 -20.03
C PHE A 94 -25.19 1.08 -21.02
N LEU A 95 -23.94 1.52 -20.92
CA LEU A 95 -23.38 2.43 -21.93
C LEU A 95 -22.99 1.64 -23.18
N GLN A 96 -23.99 1.26 -23.97
CA GLN A 96 -23.76 0.43 -25.15
C GLN A 96 -22.89 1.14 -26.20
N GLY A 97 -23.08 2.45 -26.37
CA GLY A 97 -22.39 3.19 -27.41
C GLY A 97 -22.95 2.80 -28.76
N ARG A 98 -22.40 3.38 -29.83
CA ARG A 98 -22.79 3.01 -31.19
C ARG A 98 -22.48 1.54 -31.46
N ALA A 99 -23.38 0.85 -32.16
CA ALA A 99 -23.24 -0.58 -32.41
C ALA A 99 -22.61 -0.89 -33.77
N LEU A 100 -22.85 -0.02 -34.75
CA LEU A 100 -22.52 -0.32 -36.15
C LEU A 100 -21.08 -0.78 -36.36
N THR A 101 -20.11 0.08 -36.05
CA THR A 101 -18.71 -0.23 -36.30
C THR A 101 -18.26 -1.53 -35.63
N ASN A 102 -18.78 -1.79 -34.42
CA ASN A 102 -18.37 -2.96 -33.63
C ASN A 102 -19.07 -4.27 -34.02
N ALA A 103 -20.32 -4.18 -34.47
CA ALA A 103 -21.04 -5.35 -34.99
C ALA A 103 -20.39 -5.82 -36.28
N ILE A 104 -20.15 -4.86 -37.18
CA ILE A 104 -19.45 -5.11 -38.44
C ILE A 104 -18.05 -5.68 -38.19
N GLY A 105 -17.40 -5.16 -37.16
CA GLY A 105 -16.10 -5.64 -36.75
C GLY A 105 -16.13 -7.09 -36.30
N ASN A 106 -16.98 -7.38 -35.33
CA ASN A 106 -17.09 -8.74 -34.78
C ASN A 106 -17.52 -9.78 -35.83
N LEU A 107 -18.36 -9.37 -36.78
CA LEU A 107 -18.72 -10.21 -37.92
C LEU A 107 -17.60 -10.32 -38.96
N GLU A 108 -16.58 -9.48 -38.85
CA GLU A 108 -15.46 -9.43 -39.80
C GLU A 108 -15.94 -9.16 -41.22
N LEU A 109 -16.90 -8.25 -41.36
CA LEU A 109 -17.36 -7.80 -42.66
C LEU A 109 -16.99 -6.33 -42.83
N THR A 110 -16.00 -5.90 -42.07
CA THR A 110 -15.60 -4.50 -42.02
C THR A 110 -15.03 -4.00 -43.35
N GLY A 111 -14.25 -4.84 -44.03
CA GLY A 111 -13.71 -4.53 -45.35
C GLY A 111 -14.79 -4.49 -46.43
N GLN A 112 -15.72 -5.43 -46.38
CA GLN A 112 -16.74 -5.56 -47.43
C GLN A 112 -17.89 -4.56 -47.29
N TYR A 113 -18.26 -4.21 -46.06
CA TYR A 113 -19.26 -3.14 -45.85
C TYR A 113 -18.74 -1.79 -46.30
N ALA A 114 -17.43 -1.59 -46.13
CA ALA A 114 -16.78 -0.36 -46.58
C ALA A 114 -16.98 -0.18 -48.08
N GLU A 115 -16.66 -1.21 -48.86
CA GLU A 115 -16.79 -1.15 -50.32
C GLU A 115 -18.26 -1.05 -50.74
N ALA A 116 -19.11 -1.87 -50.14
CA ALA A 116 -20.55 -1.86 -50.42
C ALA A 116 -21.12 -0.45 -50.33
N LEU A 117 -20.65 0.32 -49.35
CA LEU A 117 -21.10 1.70 -49.16
C LEU A 117 -20.49 2.67 -50.17
N LYS A 118 -19.34 2.34 -50.76
CA LYS A 118 -18.79 3.14 -51.87
C LYS A 118 -19.69 3.01 -53.10
N GLN A 119 -20.06 1.76 -53.42
CA GLN A 119 -20.95 1.48 -54.55
C GLN A 119 -22.23 2.31 -54.50
N LEU A 120 -22.75 2.55 -53.30
CA LEU A 120 -23.98 3.32 -53.09
C LEU A 120 -23.71 4.82 -52.88
N GLY A 121 -22.47 5.27 -53.13
CA GLY A 121 -22.11 6.68 -53.05
C GLY A 121 -21.96 7.22 -51.65
N HIS A 122 -21.55 6.36 -50.71
CA HIS A 122 -21.41 6.72 -49.30
C HIS A 122 -20.04 6.35 -48.75
N ASN A 123 -19.83 6.63 -47.47
CA ASN A 123 -18.57 6.39 -46.79
C ASN A 123 -18.86 5.83 -45.39
N LEU A 124 -18.31 4.67 -45.08
CA LEU A 124 -18.61 3.97 -43.82
C LEU A 124 -18.50 4.89 -42.61
N GLU A 125 -17.33 5.51 -42.46
CA GLU A 125 -17.06 6.38 -41.31
C GLU A 125 -18.11 7.48 -41.21
N ASP A 126 -18.40 8.12 -42.34
CA ASP A 126 -19.43 9.17 -42.44
C ASP A 126 -20.82 8.67 -42.02
N VAL A 127 -21.16 7.44 -42.43
CA VAL A 127 -22.45 6.83 -42.10
C VAL A 127 -22.53 6.47 -40.61
N ALA A 128 -21.42 5.92 -40.09
CA ALA A 128 -21.32 5.56 -38.69
C ALA A 128 -21.49 6.76 -37.76
N SER A 129 -21.02 7.93 -38.18
CA SER A 129 -21.12 9.15 -37.36
C SER A 129 -22.55 9.71 -37.31
N GLN A 130 -23.47 9.11 -38.05
CA GLN A 130 -24.89 9.45 -37.99
C GLN A 130 -25.65 8.65 -36.93
N GLU A 131 -25.03 7.61 -36.38
CA GLU A 131 -25.67 6.81 -35.32
C GLU A 131 -25.71 7.62 -34.02
N PRO A 132 -26.88 7.70 -33.38
CA PRO A 132 -26.96 8.33 -32.07
C PRO A 132 -26.51 7.37 -30.97
N ASP A 133 -25.85 7.89 -29.94
CA ASP A 133 -25.46 7.07 -28.79
C ASP A 133 -26.71 6.68 -28.01
N PRO A 134 -26.93 5.37 -27.79
CA PRO A 134 -28.08 5.01 -26.97
C PRO A 134 -27.94 5.62 -25.59
N ALA A 135 -29.00 6.25 -25.10
CA ALA A 135 -29.00 6.93 -23.81
C ALA A 135 -29.41 5.94 -22.71
N LEU A 136 -28.73 4.80 -22.67
CA LEU A 136 -29.08 3.69 -21.79
C LEU A 136 -28.16 3.58 -20.57
N GLY A 137 -27.18 4.48 -20.47
CA GLY A 137 -26.25 4.49 -19.34
C GLY A 137 -25.74 5.87 -19.02
N ASN A 138 -24.72 5.94 -18.18
CA ASN A 138 -24.16 7.23 -17.78
C ASN A 138 -22.64 7.15 -17.71
N GLY A 139 -22.14 6.42 -16.72
CA GLY A 139 -20.72 6.35 -16.45
C GLY A 139 -20.19 4.94 -16.41
N GLY A 140 -19.12 4.77 -15.63
CA GLY A 140 -18.38 3.52 -15.59
C GLY A 140 -19.20 2.29 -15.25
N LEU A 141 -20.13 2.45 -14.31
CA LEU A 141 -21.01 1.36 -13.89
C LEU A 141 -21.63 0.67 -15.09
N GLY A 142 -22.16 1.48 -15.99
CA GLY A 142 -22.85 1.00 -17.19
C GLY A 142 -21.93 0.56 -18.30
N ARG A 143 -20.80 1.23 -18.45
CA ARG A 143 -19.85 0.87 -19.49
C ARG A 143 -19.19 -0.46 -19.16
N LEU A 144 -18.87 -0.68 -17.88
CA LEU A 144 -18.39 -1.98 -17.42
C LEU A 144 -19.35 -3.09 -17.84
N ALA A 145 -20.62 -2.93 -17.49
CA ALA A 145 -21.65 -3.89 -17.85
C ALA A 145 -21.61 -4.18 -19.35
N SER A 146 -21.46 -3.13 -20.15
CA SER A 146 -21.43 -3.27 -21.61
C SER A 146 -20.22 -4.05 -22.09
N CYS A 147 -19.04 -3.69 -21.58
CA CYS A 147 -17.80 -4.43 -21.88
C CYS A 147 -17.97 -5.90 -21.48
N PHE A 148 -18.53 -6.12 -20.30
CA PHE A 148 -18.84 -7.46 -19.81
C PHE A 148 -19.69 -8.27 -20.79
N LEU A 149 -20.65 -7.62 -21.47
CA LEU A 149 -21.49 -8.32 -22.44
C LEU A 149 -20.70 -8.69 -23.71
N ASP A 150 -19.75 -7.84 -24.10
CA ASP A 150 -18.89 -8.13 -25.25
C ASP A 150 -17.99 -9.33 -24.97
N SER A 151 -17.40 -9.36 -23.78
CA SER A 151 -16.50 -10.43 -23.39
C SER A 151 -17.24 -11.76 -23.20
N LEU A 152 -18.44 -11.71 -22.63
CA LEU A 152 -19.26 -12.91 -22.43
C LEU A 152 -19.60 -13.61 -23.75
N ALA A 153 -19.95 -12.81 -24.76
CA ALA A 153 -20.27 -13.33 -26.09
C ALA A 153 -19.01 -13.84 -26.76
N THR A 154 -17.99 -12.99 -26.80
CA THR A 154 -16.72 -13.33 -27.42
C THR A 154 -16.15 -14.65 -26.87
N LEU A 155 -16.31 -14.89 -25.58
CA LEU A 155 -15.82 -16.13 -24.94
C LEU A 155 -16.87 -17.25 -24.82
N ASN A 156 -18.00 -17.10 -25.51
CA ASN A 156 -19.02 -18.15 -25.63
C ASN A 156 -19.68 -18.57 -24.31
N TYR A 157 -19.81 -17.63 -23.37
CA TYR A 157 -20.53 -17.90 -22.12
C TYR A 157 -22.03 -17.62 -22.32
N PRO A 158 -22.90 -18.48 -21.75
CA PRO A 158 -24.32 -18.20 -21.81
C PRO A 158 -24.71 -17.20 -20.74
N ALA A 159 -25.00 -15.97 -21.18
CA ALA A 159 -25.27 -14.88 -20.28
C ALA A 159 -26.08 -13.79 -20.96
N TRP A 160 -27.07 -13.26 -20.26
CA TRP A 160 -27.81 -12.10 -20.73
C TRP A 160 -27.56 -10.93 -19.80
N GLY A 161 -27.76 -9.73 -20.33
CA GLY A 161 -27.92 -8.53 -19.53
C GLY A 161 -29.40 -8.21 -19.43
N TYR A 162 -29.82 -7.72 -18.28
CA TYR A 162 -31.18 -7.22 -18.07
C TYR A 162 -31.08 -5.77 -17.67
N GLY A 163 -31.95 -4.93 -18.22
CA GLY A 163 -31.95 -3.50 -17.91
C GLY A 163 -33.26 -2.86 -18.26
N LEU A 164 -33.31 -1.52 -18.17
CA LEU A 164 -34.48 -0.73 -18.55
C LEU A 164 -34.19 0.06 -19.84
N ARG A 165 -35.22 0.25 -20.65
CA ARG A 165 -35.09 0.97 -21.93
C ARG A 165 -35.38 2.47 -21.78
N TYR A 166 -34.35 3.23 -21.39
CA TYR A 166 -34.54 4.67 -21.13
C TYR A 166 -34.77 5.47 -22.41
N ARG A 167 -35.78 6.33 -22.39
CA ARG A 167 -36.15 7.14 -23.56
C ARG A 167 -35.19 8.31 -23.66
N TYR A 168 -35.19 9.16 -22.63
CA TYR A 168 -34.45 10.42 -22.65
C TYR A 168 -33.07 10.34 -21.98
N GLY A 169 -32.73 9.20 -21.42
CA GLY A 169 -31.42 9.02 -20.79
C GLY A 169 -31.21 9.90 -19.58
N LEU A 170 -29.95 10.24 -19.30
CA LEU A 170 -29.65 11.15 -18.20
C LEU A 170 -29.88 12.59 -18.67
N PHE A 171 -29.02 13.04 -19.60
CA PHE A 171 -29.22 14.29 -20.34
C PHE A 171 -28.11 14.48 -21.39
N LYS A 172 -28.45 15.15 -22.49
CA LYS A 172 -27.49 15.58 -23.49
C LYS A 172 -26.93 16.91 -23.03
N GLN A 173 -25.61 17.01 -22.95
CA GLN A 173 -24.96 18.20 -22.41
C GLN A 173 -24.64 19.20 -23.52
N ILE A 174 -25.03 20.45 -23.31
CA ILE A 174 -24.68 21.55 -24.22
C ILE A 174 -23.93 22.61 -23.43
N ILE A 175 -22.92 23.20 -24.05
CA ILE A 175 -22.10 24.23 -23.42
C ILE A 175 -22.45 25.58 -24.05
N THR A 176 -22.91 26.51 -23.21
CA THR A 176 -23.21 27.87 -23.64
C THR A 176 -22.21 28.80 -22.95
N LYS A 177 -22.48 30.11 -22.98
CA LYS A 177 -21.68 31.07 -22.24
C LYS A 177 -22.08 31.15 -20.75
N ASP A 178 -22.98 30.26 -20.31
CA ASP A 178 -23.40 30.18 -18.92
C ASP A 178 -22.86 28.93 -18.21
N GLY A 179 -22.19 28.05 -18.95
CA GLY A 179 -21.72 26.78 -18.41
C GLY A 179 -22.46 25.65 -19.09
N GLN A 180 -22.77 24.59 -18.34
CA GLN A 180 -23.51 23.47 -18.91
C GLN A 180 -25.01 23.68 -18.79
N GLU A 181 -25.74 23.22 -19.81
CA GLU A 181 -27.19 23.08 -19.73
C GLU A 181 -27.57 21.67 -20.14
N GLU A 182 -28.72 21.22 -19.65
CA GLU A 182 -29.15 19.84 -19.83
C GLU A 182 -30.38 19.79 -20.74
N VAL A 183 -30.29 18.94 -21.75
CA VAL A 183 -31.37 18.73 -22.72
C VAL A 183 -31.65 17.23 -22.79
N ALA A 184 -32.92 16.87 -22.89
CA ALA A 184 -33.31 15.46 -23.00
C ALA A 184 -32.84 14.86 -24.32
N GLU A 185 -32.42 13.59 -24.27
CA GLU A 185 -31.85 12.90 -25.42
C GLU A 185 -32.91 12.52 -26.43
N ASN A 186 -32.52 12.41 -27.70
CA ASN A 186 -33.46 12.17 -28.79
C ASN A 186 -33.26 10.83 -29.51
N TRP A 187 -32.52 9.92 -28.89
CA TRP A 187 -32.01 8.73 -29.58
C TRP A 187 -33.10 7.76 -30.09
N LEU A 188 -34.30 7.81 -29.50
CA LEU A 188 -35.41 6.97 -29.95
C LEU A 188 -36.39 7.67 -30.90
N GLU A 189 -36.12 8.92 -31.27
CA GLU A 189 -37.09 9.68 -32.07
C GLU A 189 -37.52 8.96 -33.36
N MET A 190 -36.59 8.23 -33.99
CA MET A 190 -36.88 7.48 -35.22
C MET A 190 -36.86 5.97 -35.03
N GLY A 191 -36.71 5.53 -33.78
CA GLY A 191 -36.66 4.11 -33.48
C GLY A 191 -35.25 3.59 -33.49
N ASN A 192 -35.07 2.46 -32.80
CA ASN A 192 -33.76 1.85 -32.64
C ASN A 192 -33.66 0.63 -33.56
N PRO A 193 -32.77 0.70 -34.57
CA PRO A 193 -32.66 -0.42 -35.48
C PRO A 193 -31.99 -1.65 -34.86
N TRP A 194 -31.37 -1.47 -33.68
CA TRP A 194 -30.60 -2.52 -33.03
C TRP A 194 -31.40 -3.34 -32.01
N GLU A 195 -32.72 -3.22 -32.03
CA GLU A 195 -33.56 -3.94 -31.09
C GLU A 195 -34.72 -4.66 -31.76
N ILE A 196 -35.25 -5.66 -31.06
CA ILE A 196 -36.44 -6.38 -31.49
C ILE A 196 -37.47 -6.36 -30.36
N VAL A 197 -38.67 -5.88 -30.66
CA VAL A 197 -39.76 -5.88 -29.69
C VAL A 197 -40.25 -7.31 -29.58
N ARG A 198 -40.47 -7.81 -28.37
CA ARG A 198 -41.04 -9.15 -28.16
C ARG A 198 -42.40 -9.01 -27.50
N ASN A 199 -43.45 -8.91 -28.31
CA ASN A 199 -44.80 -8.68 -27.82
C ASN A 199 -45.38 -9.85 -27.00
N ASP A 200 -44.88 -11.05 -27.22
CA ASP A 200 -45.29 -12.21 -26.42
C ASP A 200 -44.59 -12.27 -25.05
N VAL A 201 -43.55 -11.45 -24.88
CA VAL A 201 -42.85 -11.36 -23.61
C VAL A 201 -43.28 -10.11 -22.86
N SER A 202 -44.34 -10.24 -22.07
CA SER A 202 -44.83 -9.17 -21.21
C SER A 202 -45.04 -9.73 -19.81
N TYR A 203 -44.61 -8.98 -18.79
CA TYR A 203 -44.78 -9.42 -17.40
C TYR A 203 -45.45 -8.35 -16.55
N PRO A 204 -46.43 -8.74 -15.71
CA PRO A 204 -47.06 -7.79 -14.79
C PRO A 204 -46.19 -7.44 -13.58
N VAL A 205 -46.17 -6.16 -13.25
CA VAL A 205 -45.48 -5.64 -12.08
C VAL A 205 -46.47 -4.84 -11.26
N LYS A 206 -46.42 -4.99 -9.95
CA LYS A 206 -47.43 -4.41 -9.08
C LYS A 206 -46.80 -3.39 -8.15
N PHE A 207 -47.53 -2.31 -7.89
CA PHE A 207 -47.13 -1.27 -6.92
C PHE A 207 -48.24 -1.06 -5.91
N TYR A 208 -47.85 -0.69 -4.69
CA TYR A 208 -48.77 -0.49 -3.57
C TYR A 208 -49.57 -1.77 -3.25
N GLY A 209 -50.87 -1.65 -2.98
CA GLY A 209 -51.69 -2.78 -2.57
C GLY A 209 -51.45 -3.14 -1.12
N LYS A 210 -51.91 -4.33 -0.71
CA LYS A 210 -51.64 -4.85 0.62
C LYS A 210 -51.66 -6.37 0.60
N VAL A 211 -51.22 -6.97 1.69
CA VAL A 211 -51.11 -8.42 1.80
C VAL A 211 -52.24 -8.99 2.64
N VAL A 212 -52.75 -10.15 2.22
CA VAL A 212 -53.74 -10.89 3.00
C VAL A 212 -53.41 -12.38 2.96
N GLU A 213 -53.60 -13.05 4.09
CA GLU A 213 -53.37 -14.48 4.19
C GLU A 213 -54.64 -15.20 3.75
N GLY A 214 -54.55 -15.95 2.65
CA GLY A 214 -55.73 -16.57 2.02
C GLY A 214 -56.18 -17.88 2.64
N THR A 215 -57.08 -18.57 1.94
CA THR A 215 -57.65 -19.84 2.41
C THR A 215 -56.54 -20.80 2.85
N ASP A 216 -55.58 -21.02 1.96
CA ASP A 216 -54.55 -22.03 2.12
C ASP A 216 -53.27 -21.53 2.82
N GLY A 217 -53.42 -20.91 3.99
CA GLY A 217 -52.28 -20.35 4.74
C GLY A 217 -51.30 -19.49 3.94
N ARG A 218 -51.46 -19.46 2.61
CA ARG A 218 -50.47 -18.83 1.75
C ARG A 218 -50.75 -17.35 1.65
N LYS A 219 -49.69 -16.55 1.53
CA LYS A 219 -49.83 -15.09 1.41
C LYS A 219 -50.22 -14.71 -0.01
N HIS A 220 -51.02 -13.66 -0.14
CA HIS A 220 -51.40 -13.13 -1.45
C HIS A 220 -51.28 -11.61 -1.43
N TRP A 221 -50.61 -11.06 -2.45
CA TRP A 221 -50.43 -9.61 -2.61
C TRP A 221 -51.47 -9.09 -3.61
N ILE A 222 -52.42 -8.31 -3.11
CA ILE A 222 -53.58 -7.89 -3.92
C ILE A 222 -53.68 -6.37 -4.09
N GLY A 223 -54.54 -5.98 -5.02
CA GLY A 223 -54.88 -4.58 -5.23
C GLY A 223 -53.74 -3.75 -5.78
N GLY A 224 -53.69 -2.49 -5.37
CA GLY A 224 -52.64 -1.57 -5.76
C GLY A 224 -52.74 -1.17 -7.22
N GLU A 225 -51.58 -0.90 -7.82
CA GLU A 225 -51.45 -0.40 -9.18
C GLU A 225 -50.75 -1.48 -10.00
N ASN A 226 -51.14 -1.64 -11.27
CA ASN A 226 -50.54 -2.68 -12.12
C ASN A 226 -50.07 -2.15 -13.48
N ILE A 227 -48.80 -2.40 -13.79
CA ILE A 227 -48.24 -2.05 -15.10
C ILE A 227 -47.69 -3.29 -15.76
N LYS A 228 -47.36 -3.20 -17.04
CA LYS A 228 -46.70 -4.31 -17.72
C LYS A 228 -45.37 -3.85 -18.30
N ALA A 229 -44.39 -4.74 -18.18
CA ALA A 229 -43.06 -4.53 -18.74
C ALA A 229 -42.94 -5.41 -19.97
N VAL A 230 -42.56 -4.82 -21.09
CA VAL A 230 -42.43 -5.56 -22.33
C VAL A 230 -40.95 -5.65 -22.70
N ALA A 231 -40.56 -6.75 -23.35
CA ALA A 231 -39.16 -7.03 -23.64
C ALA A 231 -38.72 -6.42 -24.95
N HIS A 232 -37.59 -5.72 -24.91
CA HIS A 232 -36.93 -5.16 -26.08
C HIS A 232 -35.53 -5.73 -26.10
N ASP A 233 -35.28 -6.65 -27.04
CA ASP A 233 -34.00 -7.37 -27.09
C ASP A 233 -32.99 -6.61 -27.91
N VAL A 234 -31.77 -6.49 -27.38
CA VAL A 234 -30.62 -5.96 -28.12
C VAL A 234 -29.55 -7.07 -28.19
N PRO A 235 -29.47 -7.78 -29.34
CA PRO A 235 -28.44 -8.79 -29.58
C PRO A 235 -27.02 -8.29 -29.32
N ILE A 236 -26.16 -9.17 -28.79
CA ILE A 236 -24.78 -8.82 -28.50
C ILE A 236 -23.85 -9.80 -29.23
N PRO A 237 -23.36 -9.41 -30.41
CA PRO A 237 -22.55 -10.34 -31.18
C PRO A 237 -21.13 -10.46 -30.65
N GLY A 238 -20.64 -11.70 -30.51
CA GLY A 238 -19.25 -11.93 -30.12
C GLY A 238 -18.30 -11.73 -31.27
N TYR A 239 -17.01 -11.59 -30.96
CA TYR A 239 -15.96 -11.39 -31.96
C TYR A 239 -15.39 -12.72 -32.44
N LYS A 240 -15.39 -12.93 -33.76
CA LYS A 240 -14.90 -14.17 -34.38
C LYS A 240 -15.62 -15.39 -33.81
N THR A 241 -16.94 -15.28 -33.65
CA THR A 241 -17.77 -16.37 -33.14
C THR A 241 -19.21 -16.12 -33.54
N LYS A 242 -19.99 -17.20 -33.68
CA LYS A 242 -21.40 -17.07 -33.98
C LYS A 242 -22.16 -16.65 -32.74
N THR A 243 -21.66 -17.01 -31.56
CA THR A 243 -22.30 -16.67 -30.30
C THR A 243 -22.79 -15.23 -30.32
N THR A 244 -24.10 -15.05 -30.24
CA THR A 244 -24.71 -13.74 -30.10
C THR A 244 -25.65 -13.79 -28.88
N ASN A 245 -25.19 -13.21 -27.78
CA ASN A 245 -25.99 -13.17 -26.55
C ASN A 245 -27.02 -12.03 -26.62
N ASN A 246 -27.56 -11.62 -25.47
CA ASN A 246 -28.72 -10.71 -25.46
C ASN A 246 -28.71 -9.71 -24.31
N LEU A 247 -29.18 -8.51 -24.59
CA LEU A 247 -29.49 -7.52 -23.57
C LEU A 247 -30.99 -7.30 -23.61
N ARG A 248 -31.71 -7.88 -22.64
CA ARG A 248 -33.16 -7.70 -22.56
C ARG A 248 -33.49 -6.41 -21.82
N LEU A 249 -34.23 -5.52 -22.50
CA LEU A 249 -34.56 -4.20 -21.95
C LEU A 249 -36.06 -4.07 -21.73
N TRP A 250 -36.44 -3.68 -20.52
CA TRP A 250 -37.83 -3.52 -20.15
C TRP A 250 -38.31 -2.12 -20.49
N SER A 251 -39.43 -2.05 -21.20
CA SER A 251 -40.17 -0.82 -21.45
C SER A 251 -41.53 -0.92 -20.79
N THR A 252 -41.85 0.06 -19.96
CA THR A 252 -43.09 0.03 -19.17
C THR A 252 -44.23 0.71 -19.91
N THR A 253 -45.43 0.15 -19.76
CA THR A 253 -46.65 0.74 -20.33
C THR A 253 -47.87 0.19 -19.60
N VAL A 254 -49.07 0.63 -20.02
CA VAL A 254 -50.33 0.01 -19.59
C VAL A 254 -51.19 -0.22 -20.83
N PRO A 255 -52.14 -1.17 -20.76
CA PRO A 255 -52.95 -1.42 -21.95
C PRO A 255 -53.89 -0.25 -22.27
N SER A 256 -54.02 0.04 -23.55
CA SER A 256 -54.85 1.15 -24.05
C SER A 256 -56.10 1.42 -23.23
N GLN A 257 -56.79 0.35 -22.80
CA GLN A 257 -58.02 0.49 -22.01
C GLN A 257 -57.89 1.27 -20.70
N ASN A 258 -56.66 1.46 -20.21
CA ASN A 258 -56.43 2.30 -19.02
C ASN A 258 -56.51 3.81 -19.31
N PHE A 259 -56.67 4.15 -20.59
CA PHE A 259 -56.96 5.53 -21.00
C PHE A 259 -58.41 5.89 -20.62
N ASP A 260 -58.56 6.98 -19.88
CA ASP A 260 -59.86 7.41 -19.39
C ASP A 260 -60.56 8.35 -20.40
N LEU A 261 -61.44 7.80 -21.22
CA LEU A 261 -62.15 8.57 -22.24
C LEU A 261 -63.08 9.63 -21.64
N GLY A 262 -63.74 9.29 -20.53
CA GLY A 262 -64.57 10.24 -19.79
C GLY A 262 -63.79 11.49 -19.42
N ALA A 263 -62.59 11.29 -18.87
CA ALA A 263 -61.71 12.39 -18.54
C ALA A 263 -61.32 13.18 -19.80
N PHE A 264 -60.96 12.47 -20.86
CA PHE A 264 -60.51 13.15 -22.09
C PHE A 264 -61.60 14.01 -22.71
N ASN A 265 -62.81 13.46 -22.82
CA ASN A 265 -63.93 14.18 -23.46
C ASN A 265 -64.44 15.34 -22.61
N ALA A 266 -64.27 15.23 -21.28
CA ALA A 266 -64.66 16.29 -20.37
C ALA A 266 -63.68 17.47 -20.43
N GLY A 267 -62.53 17.25 -21.05
CA GLY A 267 -61.54 18.30 -21.26
C GLY A 267 -60.24 18.04 -20.54
N ASP A 268 -60.31 17.21 -19.50
CA ASP A 268 -59.16 16.92 -18.66
C ASP A 268 -58.27 15.89 -19.35
N HIS A 269 -57.47 16.37 -20.30
CA HIS A 269 -56.66 15.50 -21.15
C HIS A 269 -55.48 14.88 -20.40
N ALA A 270 -54.95 15.57 -19.40
CA ALA A 270 -53.88 15.04 -18.55
C ALA A 270 -54.38 13.90 -17.68
N LYS A 271 -55.56 14.08 -17.08
CA LYS A 271 -56.19 13.04 -16.27
C LYS A 271 -56.40 11.78 -17.10
N ALA A 272 -56.97 11.95 -18.29
CA ALA A 272 -57.14 10.85 -19.24
C ALA A 272 -55.84 10.08 -19.50
N ASN A 273 -54.72 10.79 -19.45
CA ASN A 273 -53.39 10.23 -19.74
C ASN A 273 -52.57 9.86 -18.49
N GLU A 274 -53.18 10.04 -17.31
CA GLU A 274 -52.48 9.89 -16.05
C GLU A 274 -51.87 8.50 -15.88
N ALA A 275 -52.65 7.46 -16.22
CA ALA A 275 -52.23 6.08 -16.00
C ALA A 275 -51.07 5.71 -16.89
N HIS A 276 -51.13 6.16 -18.14
CA HIS A 276 -50.07 5.95 -19.11
C HIS A 276 -48.79 6.67 -18.69
N LEU A 277 -48.92 7.90 -18.22
CA LEU A 277 -47.76 8.66 -17.74
C LEU A 277 -47.07 7.94 -16.59
N ASN A 278 -47.86 7.42 -15.65
CA ASN A 278 -47.31 6.67 -14.51
C ASN A 278 -46.46 5.48 -14.92
N ALA A 279 -46.96 4.70 -15.87
CA ALA A 279 -46.23 3.54 -16.35
C ALA A 279 -45.01 3.98 -17.11
N GLU A 280 -45.21 4.88 -18.06
CA GLU A 280 -44.17 5.22 -19.02
C GLU A 280 -42.98 5.98 -18.38
N LYS A 281 -43.25 6.81 -17.38
CA LYS A 281 -42.21 7.63 -16.76
C LYS A 281 -41.11 6.82 -16.09
N ILE A 282 -41.41 5.58 -15.72
CA ILE A 282 -40.40 4.67 -15.18
C ILE A 282 -39.20 4.57 -16.13
N CYS A 283 -39.48 4.56 -17.44
CA CYS A 283 -38.43 4.44 -18.45
C CYS A 283 -38.03 5.76 -19.10
N HIS A 284 -38.42 6.89 -18.51
CA HIS A 284 -38.15 8.20 -19.12
C HIS A 284 -36.72 8.70 -18.88
N VAL A 285 -36.33 8.77 -17.61
CA VAL A 285 -35.05 9.35 -17.24
C VAL A 285 -34.22 8.39 -16.39
N LEU A 286 -32.91 8.38 -16.62
CA LEU A 286 -31.96 7.60 -15.82
C LEU A 286 -31.58 8.39 -14.58
N TYR A 287 -31.68 7.75 -13.41
CA TYR A 287 -31.41 8.40 -12.14
C TYR A 287 -32.19 9.69 -11.98
N PRO A 288 -33.52 9.61 -11.98
CA PRO A 288 -34.31 10.83 -11.80
C PRO A 288 -34.08 11.42 -10.42
N GLY A 289 -34.08 12.74 -10.33
CA GLY A 289 -33.79 13.46 -9.08
C GLY A 289 -34.72 13.03 -7.97
N ASP A 290 -34.16 12.78 -6.79
CA ASP A 290 -34.88 12.16 -5.66
C ASP A 290 -34.90 13.01 -4.39
N GLU A 291 -34.79 14.33 -4.54
CA GLU A 291 -34.97 15.25 -3.43
C GLU A 291 -36.46 15.54 -3.20
N SER A 292 -37.31 14.60 -3.61
CA SER A 292 -38.75 14.71 -3.45
C SER A 292 -39.32 13.31 -3.25
N SER A 293 -40.36 13.20 -2.44
CA SER A 293 -40.98 11.91 -2.18
C SER A 293 -41.47 11.26 -3.48
N GLU A 294 -41.74 12.09 -4.49
CA GLU A 294 -42.16 11.60 -5.80
CA GLU A 294 -42.16 11.62 -5.80
C GLU A 294 -40.98 11.04 -6.60
N GLY A 295 -39.81 11.63 -6.43
CA GLY A 295 -38.61 11.15 -7.11
C GLY A 295 -38.09 9.87 -6.49
N LYS A 296 -38.28 9.73 -5.18
CA LYS A 296 -37.85 8.54 -4.45
C LYS A 296 -38.74 7.34 -4.79
N ILE A 297 -40.05 7.57 -4.84
CA ILE A 297 -40.99 6.52 -5.24
C ILE A 297 -40.67 6.00 -6.64
N LEU A 298 -40.26 6.91 -7.54
CA LEU A 298 -40.03 6.54 -8.95
C LEU A 298 -38.75 5.73 -9.09
N ARG A 299 -37.70 6.24 -8.48
CA ARG A 299 -36.41 5.55 -8.37
C ARG A 299 -36.58 4.12 -7.83
N LEU A 300 -37.53 3.97 -6.92
CA LEU A 300 -37.84 2.68 -6.29
C LEU A 300 -38.69 1.78 -7.20
N LYS A 301 -39.66 2.38 -7.91
CA LYS A 301 -40.43 1.70 -8.95
C LYS A 301 -39.52 1.20 -10.06
N GLN A 302 -38.56 2.04 -10.45
CA GLN A 302 -37.57 1.69 -11.46
C GLN A 302 -36.86 0.38 -11.12
N GLN A 303 -36.32 0.33 -9.92
CA GLN A 303 -35.53 -0.80 -9.46
C GLN A 303 -36.36 -2.08 -9.32
N TYR A 304 -37.55 -1.97 -8.74
CA TYR A 304 -38.41 -3.13 -8.57
C TYR A 304 -38.86 -3.68 -9.93
N THR A 305 -39.16 -2.78 -10.87
CA THR A 305 -39.55 -3.17 -12.22
C THR A 305 -38.44 -3.98 -12.89
N LEU A 306 -37.21 -3.50 -12.78
CA LEU A 306 -36.04 -4.20 -13.32
C LEU A 306 -35.90 -5.59 -12.69
N CYS A 307 -36.05 -5.65 -11.37
CA CYS A 307 -35.91 -6.89 -10.63
C CYS A 307 -37.07 -7.86 -10.88
N SER A 308 -38.30 -7.33 -10.83
CA SER A 308 -39.48 -8.16 -10.93
C SER A 308 -39.63 -8.74 -12.34
N ALA A 309 -39.60 -7.86 -13.33
CA ALA A 309 -39.74 -8.28 -14.72
C ALA A 309 -38.64 -9.31 -15.07
N SER A 310 -37.39 -8.96 -14.77
CA SER A 310 -36.25 -9.84 -15.07
C SER A 310 -36.34 -11.23 -14.40
N LEU A 311 -36.70 -11.26 -13.11
CA LEU A 311 -36.78 -12.52 -12.40
C LEU A 311 -37.95 -13.37 -12.90
N GLN A 312 -39.10 -12.74 -13.16
CA GLN A 312 -40.24 -13.47 -13.73
C GLN A 312 -39.89 -14.16 -15.05
N ASP A 313 -39.07 -13.49 -15.85
CA ASP A 313 -38.62 -14.01 -17.15
C ASP A 313 -37.64 -15.18 -16.95
N ILE A 314 -36.66 -14.99 -16.07
CA ILE A 314 -35.67 -16.02 -15.75
C ILE A 314 -36.36 -17.29 -15.23
N ILE A 315 -37.31 -17.10 -14.31
CA ILE A 315 -38.10 -18.20 -13.75
C ILE A 315 -38.87 -18.91 -14.85
N SER A 316 -39.45 -18.13 -15.77
CA SER A 316 -40.19 -18.68 -16.90
C SER A 316 -39.33 -19.55 -17.78
N ARG A 317 -38.12 -19.09 -18.09
CA ARG A 317 -37.19 -19.83 -18.94
C ARG A 317 -36.72 -21.13 -18.28
N PHE A 318 -36.46 -21.07 -16.98
CA PHE A 318 -36.12 -22.27 -16.19
C PHE A 318 -37.21 -23.34 -16.30
N GLU A 319 -38.46 -22.92 -16.13
CA GLU A 319 -39.61 -23.84 -16.20
C GLU A 319 -39.80 -24.47 -17.57
N SER A 320 -39.76 -23.66 -18.63
CA SER A 320 -39.95 -24.15 -19.99
C SER A 320 -38.85 -25.15 -20.39
N ARG A 321 -37.63 -24.90 -19.95
CA ARG A 321 -36.51 -25.80 -20.24
C ARG A 321 -36.58 -27.11 -19.45
N ALA A 322 -36.97 -27.03 -18.18
CA ALA A 322 -37.02 -28.20 -17.31
C ALA A 322 -38.11 -29.18 -17.73
N GLY A 323 -39.20 -28.67 -18.28
CA GLY A 323 -40.31 -29.52 -18.74
C GLY A 323 -40.92 -30.30 -17.59
N ASP A 324 -41.10 -31.61 -17.81
CA ASP A 324 -41.72 -32.47 -16.81
C ASP A 324 -40.80 -32.69 -15.61
N SER A 325 -39.52 -32.92 -15.86
CA SER A 325 -38.54 -33.09 -14.78
C SER A 325 -38.16 -31.72 -14.19
N LEU A 326 -39.07 -31.17 -13.38
CA LEU A 326 -38.87 -29.84 -12.79
C LEU A 326 -38.63 -29.97 -11.29
N ASN A 327 -37.46 -29.52 -10.85
CA ASN A 327 -37.08 -29.55 -9.44
C ASN A 327 -36.42 -28.24 -9.08
N TRP A 328 -36.97 -27.52 -8.10
CA TRP A 328 -36.50 -26.17 -7.78
C TRP A 328 -35.15 -26.15 -7.08
N GLU A 329 -34.74 -27.28 -6.51
CA GLU A 329 -33.40 -27.38 -5.93
C GLU A 329 -32.34 -27.22 -7.03
N ASP A 330 -32.69 -27.52 -8.28
CA ASP A 330 -31.80 -27.32 -9.42
C ASP A 330 -31.65 -25.87 -9.84
N PHE A 331 -32.46 -24.96 -9.27
CA PHE A 331 -32.49 -23.56 -9.72
C PHE A 331 -31.12 -22.87 -9.67
N PRO A 332 -30.43 -22.93 -8.52
CA PRO A 332 -29.13 -22.25 -8.46
C PRO A 332 -28.00 -22.97 -9.23
N SER A 333 -28.25 -24.19 -9.71
CA SER A 333 -27.30 -24.89 -10.59
C SER A 333 -27.61 -24.62 -12.06
N LYS A 334 -28.71 -23.91 -12.33
CA LYS A 334 -29.07 -23.46 -13.68
C LYS A 334 -29.11 -21.93 -13.83
N VAL A 335 -29.10 -21.21 -12.71
CA VAL A 335 -29.29 -19.76 -12.73
C VAL A 335 -28.30 -19.03 -11.82
N ALA A 336 -27.67 -17.99 -12.36
CA ALA A 336 -26.88 -17.05 -11.57
C ALA A 336 -27.38 -15.65 -11.83
N VAL A 337 -27.67 -14.91 -10.76
CA VAL A 337 -28.11 -13.52 -10.88
C VAL A 337 -27.02 -12.64 -10.26
N GLN A 338 -26.51 -11.69 -11.04
CA GLN A 338 -25.48 -10.76 -10.59
C GLN A 338 -26.03 -9.34 -10.47
N MET A 339 -26.00 -8.82 -9.24
CA MET A 339 -26.47 -7.48 -8.95
C MET A 339 -25.31 -6.51 -9.06
N ASN A 340 -25.38 -5.67 -10.09
CA ASN A 340 -24.42 -4.59 -10.30
C ASN A 340 -24.79 -3.42 -9.38
N ASP A 341 -24.01 -3.25 -8.30
CA ASP A 341 -24.32 -2.23 -7.28
C ASP A 341 -25.58 -2.62 -6.49
N THR A 342 -26.04 -1.74 -5.60
CA THR A 342 -27.21 -2.00 -4.76
C THR A 342 -28.57 -1.78 -5.46
N HIS A 343 -28.55 -1.17 -6.64
CA HIS A 343 -29.79 -0.85 -7.34
C HIS A 343 -30.70 -2.05 -7.56
N PRO A 344 -30.14 -3.24 -7.86
CA PRO A 344 -30.97 -4.44 -8.00
C PRO A 344 -31.17 -5.28 -6.72
N THR A 345 -30.93 -4.70 -5.55
CA THR A 345 -31.05 -5.40 -4.25
C THR A 345 -32.38 -6.15 -4.08
N LEU A 346 -33.47 -5.51 -4.49
CA LEU A 346 -34.82 -6.08 -4.40
C LEU A 346 -34.98 -7.46 -5.06
N CYS A 347 -34.00 -7.90 -5.86
CA CYS A 347 -33.98 -9.27 -6.38
C CYS A 347 -34.10 -10.31 -5.27
N ILE A 348 -33.40 -10.07 -4.17
CA ILE A 348 -33.38 -11.02 -3.04
C ILE A 348 -34.81 -11.28 -2.53
N PRO A 349 -35.48 -10.26 -1.96
CA PRO A 349 -36.85 -10.49 -1.46
C PRO A 349 -37.87 -10.86 -2.55
N GLU A 350 -37.68 -10.33 -3.76
CA GLU A 350 -38.55 -10.65 -4.89
C GLU A 350 -38.49 -12.14 -5.23
N LEU A 351 -37.28 -12.70 -5.22
CA LEU A 351 -37.12 -14.12 -5.50
C LEU A 351 -37.78 -14.95 -4.40
N MET A 352 -37.62 -14.52 -3.15
CA MET A 352 -38.30 -15.15 -2.03
C MET A 352 -39.81 -15.06 -2.19
N ARG A 353 -40.29 -13.91 -2.65
CA ARG A 353 -41.71 -13.69 -2.89
C ARG A 353 -42.28 -14.76 -3.81
N ILE A 354 -41.69 -14.89 -4.98
CA ILE A 354 -42.22 -15.76 -6.03
C ILE A 354 -42.13 -17.24 -5.64
N LEU A 355 -40.97 -17.65 -5.12
CA LEU A 355 -40.75 -19.05 -4.72
C LEU A 355 -41.79 -19.51 -3.69
N MET A 356 -42.07 -18.69 -2.68
CA MET A 356 -43.06 -19.05 -1.67
C MET A 356 -44.50 -18.79 -2.15
N ASP A 357 -44.82 -17.53 -2.44
CA ASP A 357 -46.20 -17.13 -2.74
C ASP A 357 -46.76 -17.75 -4.02
N ILE A 358 -45.92 -17.86 -5.05
CA ILE A 358 -46.37 -18.35 -6.36
C ILE A 358 -46.08 -19.85 -6.57
N LYS A 359 -44.89 -20.29 -6.17
CA LYS A 359 -44.47 -21.69 -6.40
C LYS A 359 -44.73 -22.62 -5.21
N GLY A 360 -44.84 -22.06 -4.01
CA GLY A 360 -45.25 -22.82 -2.83
C GLY A 360 -44.12 -23.44 -2.04
N LEU A 361 -42.90 -22.96 -2.24
CA LEU A 361 -41.75 -23.46 -1.50
C LEU A 361 -41.78 -22.93 -0.06
N SER A 362 -41.13 -23.66 0.85
CA SER A 362 -41.01 -23.21 2.23
C SER A 362 -39.96 -22.10 2.33
N TRP A 363 -39.89 -21.45 3.48
CA TRP A 363 -38.94 -20.36 3.69
C TRP A 363 -37.49 -20.82 3.49
N ASN A 364 -37.09 -21.85 4.22
CA ASN A 364 -35.71 -22.33 4.18
C ASN A 364 -35.34 -22.90 2.81
N GLU A 365 -36.28 -23.59 2.19
CA GLU A 365 -36.13 -24.13 0.83
C GLU A 365 -35.91 -22.99 -0.16
N ALA A 366 -36.72 -21.93 -0.03
CA ALA A 366 -36.62 -20.76 -0.89
C ALA A 366 -35.38 -19.92 -0.60
N TRP A 367 -35.06 -19.75 0.68
CA TRP A 367 -33.89 -18.98 1.10
C TRP A 367 -32.59 -19.58 0.59
N SER A 368 -32.46 -20.90 0.73
CA SER A 368 -31.26 -21.58 0.27
C SER A 368 -31.04 -21.40 -1.23
N ILE A 369 -32.14 -21.44 -2.00
CA ILE A 369 -32.10 -21.24 -3.44
C ILE A 369 -31.70 -19.80 -3.78
N THR A 370 -32.24 -18.84 -3.03
CA THR A 370 -31.95 -17.44 -3.24
C THR A 370 -30.49 -17.13 -2.95
N GLU A 371 -30.03 -17.50 -1.75
CA GLU A 371 -28.65 -17.23 -1.35
C GLU A 371 -27.64 -17.81 -2.36
N ARG A 372 -27.95 -18.97 -2.93
CA ARG A 372 -27.07 -19.64 -3.89
C ARG A 372 -27.21 -19.12 -5.33
N THR A 373 -28.28 -18.38 -5.61
CA THR A 373 -28.50 -17.81 -6.94
C THR A 373 -27.94 -16.40 -7.09
N VAL A 374 -28.07 -15.60 -6.03
CA VAL A 374 -27.72 -14.17 -6.08
C VAL A 374 -26.26 -13.93 -5.65
N ALA A 375 -25.63 -12.95 -6.30
CA ALA A 375 -24.32 -12.43 -5.86
C ALA A 375 -24.29 -10.93 -6.05
N TYR A 376 -23.42 -10.25 -5.30
CA TYR A 376 -23.39 -8.78 -5.24
C TYR A 376 -22.01 -8.23 -5.61
N THR A 377 -21.97 -7.26 -6.51
CA THR A 377 -20.73 -6.53 -6.81
C THR A 377 -20.85 -5.10 -6.27
N ASN A 378 -19.86 -4.70 -5.50
CA ASN A 378 -19.84 -3.41 -4.86
C ASN A 378 -18.82 -2.50 -5.55
N HIS A 379 -19.22 -1.26 -5.83
CA HIS A 379 -18.38 -0.26 -6.48
C HIS A 379 -18.06 0.95 -5.59
N THR A 380 -18.45 0.87 -4.31
CA THR A 380 -18.34 1.99 -3.38
C THR A 380 -17.17 1.81 -2.41
N VAL A 381 -16.47 2.91 -2.11
CA VAL A 381 -15.36 2.90 -1.16
C VAL A 381 -15.76 3.54 0.18
N LEU A 382 -16.75 4.44 0.16
CA LEU A 382 -17.27 5.07 1.39
C LEU A 382 -18.44 4.26 1.96
N PRO A 383 -18.43 3.99 3.28
CA PRO A 383 -19.59 3.31 3.88
C PRO A 383 -20.86 4.19 3.98
N GLU A 384 -20.69 5.51 3.91
CA GLU A 384 -21.82 6.43 3.83
C GLU A 384 -22.05 6.88 2.38
N ALA A 385 -22.04 5.91 1.47
CA ALA A 385 -22.48 6.13 0.08
C ALA A 385 -23.29 4.93 -0.39
N LEU A 386 -23.80 4.17 0.58
CA LEU A 386 -24.50 2.92 0.34
C LEU A 386 -25.99 3.20 0.40
N GLU A 387 -26.71 2.70 -0.60
CA GLU A 387 -28.11 3.05 -0.81
C GLU A 387 -28.99 2.78 0.42
N LYS A 388 -29.69 3.81 0.87
CA LYS A 388 -30.64 3.71 1.97
C LYS A 388 -32.03 4.13 1.52
N TRP A 389 -33.06 3.47 2.03
CA TRP A 389 -34.44 3.84 1.74
C TRP A 389 -35.22 4.01 3.03
N SER A 390 -36.16 4.94 2.99
CA SER A 390 -37.16 5.08 4.06
C SER A 390 -38.00 3.81 4.11
N LEU A 391 -38.12 3.23 5.29
CA LEU A 391 -38.93 2.04 5.49
C LEU A 391 -40.39 2.38 5.17
N ASP A 392 -40.83 3.53 5.66
CA ASP A 392 -42.21 3.98 5.46
C ASP A 392 -42.59 4.03 3.97
N ILE A 393 -41.70 4.58 3.15
CA ILE A 393 -41.92 4.65 1.70
C ILE A 393 -41.98 3.24 1.08
N MET A 394 -41.00 2.40 1.43
CA MET A 394 -40.94 1.04 0.91
C MET A 394 -42.13 0.21 1.41
N GLN A 395 -42.51 0.41 2.67
CA GLN A 395 -43.62 -0.33 3.29
C GLN A 395 -44.94 -0.03 2.57
N LYS A 396 -45.08 1.20 2.10
CA LYS A 396 -46.26 1.61 1.35
C LYS A 396 -46.25 1.02 -0.06
N LEU A 397 -45.12 1.10 -0.74
CA LEU A 397 -45.02 0.67 -2.14
C LEU A 397 -44.94 -0.86 -2.30
N LEU A 398 -44.13 -1.48 -1.48
CA LEU A 398 -43.86 -2.92 -1.56
C LEU A 398 -44.02 -3.56 -0.18
N PRO A 399 -45.26 -3.65 0.32
CA PRO A 399 -45.50 -4.17 1.67
C PRO A 399 -45.07 -5.64 1.86
N ARG A 400 -45.28 -6.46 0.84
CA ARG A 400 -44.92 -7.87 0.91
C ARG A 400 -43.40 -8.06 0.95
N HIS A 401 -42.67 -7.17 0.29
CA HIS A 401 -41.21 -7.22 0.33
C HIS A 401 -40.66 -6.79 1.69
N VAL A 402 -41.34 -5.88 2.37
CA VAL A 402 -40.90 -5.46 3.70
C VAL A 402 -41.12 -6.60 4.70
N GLU A 403 -42.27 -7.27 4.60
CA GLU A 403 -42.51 -8.48 5.39
C GLU A 403 -41.34 -9.45 5.23
N ILE A 404 -40.98 -9.75 3.98
CA ILE A 404 -39.90 -10.70 3.72
C ILE A 404 -38.57 -10.19 4.28
N ILE A 405 -38.23 -8.93 4.01
CA ILE A 405 -37.02 -8.31 4.59
C ILE A 405 -37.03 -8.42 6.11
N GLU A 406 -38.18 -8.14 6.72
CA GLU A 406 -38.32 -8.25 8.18
C GLU A 406 -37.90 -9.63 8.67
N THR A 407 -38.37 -10.68 8.00
CA THR A 407 -38.04 -12.06 8.36
C THR A 407 -36.56 -12.34 8.16
N ILE A 408 -35.99 -11.83 7.05
CA ILE A 408 -34.57 -11.98 6.76
C ILE A 408 -33.71 -11.33 7.84
N ASP A 409 -34.11 -10.13 8.27
CA ASP A 409 -33.37 -9.39 9.30
C ASP A 409 -33.48 -10.06 10.67
N GLU A 410 -34.59 -10.73 10.94
CA GLU A 410 -34.73 -11.47 12.20
C GLU A 410 -33.80 -12.68 12.22
N GLU A 411 -33.78 -13.46 11.13
CA GLU A 411 -32.83 -14.56 10.97
C GLU A 411 -31.41 -14.06 11.20
N LEU A 412 -31.00 -13.08 10.41
CA LEU A 412 -29.66 -12.50 10.51
C LEU A 412 -29.27 -12.20 11.95
N MET A 413 -30.20 -11.66 12.72
CA MET A 413 -29.92 -11.26 14.10
C MET A 413 -29.81 -12.44 15.06
N ASN A 414 -30.59 -13.49 14.82
CA ASN A 414 -30.49 -14.72 15.60
C ASN A 414 -29.18 -15.47 15.32
N ASN A 415 -28.68 -15.34 14.09
CA ASN A 415 -27.38 -15.90 13.72
C ASN A 415 -26.22 -15.15 14.36
N ILE A 416 -26.39 -13.84 14.55
CA ILE A 416 -25.38 -13.03 15.26
C ILE A 416 -25.41 -13.39 16.75
N VAL A 417 -26.61 -13.48 17.32
CA VAL A 417 -26.79 -13.94 18.69
C VAL A 417 -26.03 -15.24 18.95
N SER A 418 -26.22 -16.22 18.08
CA SER A 418 -25.55 -17.51 18.18
C SER A 418 -24.05 -17.35 18.10
N LYS A 419 -23.59 -16.74 17.01
CA LYS A 419 -22.16 -16.68 16.71
C LYS A 419 -21.36 -15.72 17.61
N TYR A 420 -21.93 -15.25 18.71
CA TYR A 420 -21.26 -14.24 19.53
C TYR A 420 -21.59 -14.26 21.03
N GLY A 421 -22.78 -13.78 21.40
CA GLY A 421 -22.97 -13.22 22.73
C GLY A 421 -24.18 -13.62 23.56
N THR A 422 -24.86 -12.59 24.07
CA THR A 422 -25.67 -12.63 25.30
C THR A 422 -24.72 -12.22 26.42
N ALA A 423 -23.71 -13.06 26.66
CA ALA A 423 -22.71 -12.80 27.69
C ALA A 423 -22.19 -11.37 27.55
N ASP A 424 -21.50 -11.10 26.44
CA ASP A 424 -21.01 -9.74 26.18
C ASP A 424 -22.05 -9.01 25.36
N ILE A 425 -22.79 -8.10 25.98
CA ILE A 425 -23.89 -7.43 25.28
C ILE A 425 -23.44 -6.19 24.52
N SER A 426 -22.57 -5.37 25.12
CA SER A 426 -22.13 -4.15 24.45
C SER A 426 -21.50 -4.55 23.11
N LEU A 427 -20.73 -5.62 23.13
CA LEU A 427 -20.20 -6.23 21.93
C LEU A 427 -21.33 -6.53 20.94
N LEU A 428 -22.32 -7.27 21.43
CA LEU A 428 -23.48 -7.68 20.61
C LEU A 428 -24.22 -6.45 20.06
N LYS A 429 -24.35 -5.43 20.90
CA LYS A 429 -24.91 -4.14 20.52
C LYS A 429 -24.25 -3.61 19.24
N GLN A 430 -22.91 -3.67 19.21
CA GLN A 430 -22.12 -3.18 18.09
C GLN A 430 -22.28 -4.04 16.83
N LYS A 431 -22.23 -5.35 17.02
CA LYS A 431 -22.41 -6.31 15.93
C LYS A 431 -23.78 -6.16 15.26
N LEU A 432 -24.80 -5.87 16.06
CA LEU A 432 -26.16 -5.70 15.54
C LEU A 432 -26.35 -4.38 14.81
N LYS A 433 -25.71 -3.30 15.28
CA LYS A 433 -25.75 -2.01 14.57
C LYS A 433 -25.16 -2.19 13.18
N ASP A 434 -23.94 -2.71 13.13
CA ASP A 434 -23.18 -2.84 11.90
C ASP A 434 -23.93 -3.63 10.82
N MET A 435 -24.57 -4.71 11.21
CA MET A 435 -25.11 -5.69 10.25
C MET A 435 -26.62 -5.62 9.98
N ARG A 436 -27.39 -5.06 10.92
CA ARG A 436 -28.82 -4.85 10.74
C ARG A 436 -29.19 -4.37 9.35
N ILE A 437 -30.26 -4.92 8.80
CA ILE A 437 -30.82 -4.41 7.54
C ILE A 437 -31.73 -3.22 7.82
N LEU A 438 -32.60 -3.35 8.82
CA LEU A 438 -33.53 -2.28 9.19
C LEU A 438 -32.96 -1.51 10.35
N ASP A 439 -32.53 -0.28 10.11
CA ASP A 439 -31.95 0.53 11.18
C ASP A 439 -33.02 1.39 11.86
N ASN A 440 -32.93 1.51 13.18
CA ASN A 440 -33.87 2.28 14.00
C ASN A 440 -35.29 1.71 13.96
N VAL A 441 -35.40 0.42 14.24
CA VAL A 441 -36.67 -0.29 14.27
C VAL A 441 -36.75 -1.07 15.60
N ASP A 442 -37.96 -1.32 16.08
CA ASP A 442 -38.15 -2.15 17.27
C ASP A 442 -37.64 -3.55 16.95
N LEU A 443 -36.72 -4.05 17.77
CA LEU A 443 -36.17 -5.37 17.56
C LEU A 443 -37.26 -6.43 17.62
N PRO A 444 -37.11 -7.52 16.84
CA PRO A 444 -38.01 -8.66 17.01
C PRO A 444 -37.98 -9.20 18.44
N ALA A 445 -39.09 -9.74 18.90
CA ALA A 445 -39.26 -10.13 20.31
C ALA A 445 -38.13 -11.02 20.82
N SER A 446 -37.62 -11.91 19.97
CA SER A 446 -36.56 -12.85 20.33
C SER A 446 -35.26 -12.16 20.77
N VAL A 447 -34.83 -11.18 19.98
CA VAL A 447 -33.57 -10.46 20.22
C VAL A 447 -33.77 -9.43 21.34
N ALA A 448 -34.84 -8.65 21.22
CA ALA A 448 -35.20 -7.62 22.21
C ALA A 448 -35.02 -8.07 23.67
N LYS A 449 -35.43 -9.31 23.95
CA LYS A 449 -35.26 -9.92 25.30
C LYS A 449 -33.92 -9.53 25.91
N LEU A 450 -32.85 -9.79 25.16
CA LEU A 450 -31.50 -9.74 25.68
C LEU A 450 -31.10 -8.35 26.21
N PHE A 451 -31.97 -7.36 26.02
CA PHE A 451 -31.68 -5.98 26.41
C PHE A 451 -32.67 -5.42 27.45
N ILE A 452 -33.29 -6.31 28.24
CA ILE A 452 -34.22 -5.88 29.30
C ILE A 452 -33.43 -5.36 30.51
N LYS A 453 -33.98 -4.36 31.20
CA LYS A 453 -33.37 -3.81 32.41
C LYS A 453 -34.38 -3.03 33.25
N GLU A 511 -37.58 -0.69 31.37
CA GLU A 511 -37.53 -2.03 30.81
C GLU A 511 -36.50 -2.09 29.67
N LEU A 512 -36.94 -2.21 28.41
CA LEU A 512 -36.02 -2.34 27.26
C LEU A 512 -35.05 -1.17 27.13
N ASP A 513 -33.82 -1.50 26.71
CA ASP A 513 -32.80 -0.49 26.41
C ASP A 513 -33.31 0.42 25.28
N PRO A 514 -33.08 1.74 25.39
CA PRO A 514 -33.33 2.66 24.26
C PRO A 514 -32.87 2.13 22.90
N PHE A 515 -31.74 1.43 22.89
CA PHE A 515 -31.19 0.85 21.65
C PHE A 515 -32.15 -0.11 20.92
N ALA A 516 -32.96 -0.85 21.68
CA ALA A 516 -33.85 -1.87 21.10
C ALA A 516 -35.25 -1.32 20.75
N LYS A 517 -35.32 -0.04 20.43
CA LYS A 517 -36.58 0.65 20.21
C LYS A 517 -36.47 1.65 19.07
N TYR A 518 -37.59 1.92 18.41
CA TYR A 518 -37.66 2.95 17.38
C TYR A 518 -37.60 4.31 18.05
N ASP A 519 -36.64 5.12 17.63
CA ASP A 519 -36.48 6.48 18.12
C ASP A 519 -36.97 7.46 17.05
N PRO A 520 -38.14 8.10 17.26
CA PRO A 520 -38.72 8.97 16.24
C PRO A 520 -37.87 10.21 15.91
N GLN A 521 -36.85 10.46 16.72
CA GLN A 521 -35.88 11.51 16.46
C GLN A 521 -35.10 11.27 15.17
N PHE A 522 -35.07 10.01 14.71
CA PHE A 522 -34.37 9.66 13.49
C PHE A 522 -35.29 8.88 12.56
N PRO A 523 -34.95 8.85 11.26
CA PRO A 523 -35.76 8.05 10.35
C PRO A 523 -35.57 6.54 10.55
N ARG A 524 -36.58 5.78 10.14
CA ARG A 524 -36.48 4.34 10.02
C ARG A 524 -35.95 4.04 8.61
N VAL A 525 -34.84 3.32 8.54
CA VAL A 525 -34.08 3.17 7.31
C VAL A 525 -33.83 1.71 6.94
N VAL A 526 -33.93 1.40 5.65
CA VAL A 526 -33.56 0.08 5.14
C VAL A 526 -32.19 0.19 4.46
N ARG A 527 -31.20 -0.51 5.00
CA ARG A 527 -29.84 -0.50 4.43
C ARG A 527 -29.68 -1.60 3.38
N MET A 528 -29.67 -1.21 2.11
CA MET A 528 -29.72 -2.18 1.01
C MET A 528 -28.43 -2.98 0.85
N ALA A 529 -27.31 -2.36 1.22
CA ALA A 529 -26.00 -2.98 1.08
C ALA A 529 -25.93 -4.21 1.97
N ASN A 530 -26.34 -4.04 3.22
CA ASN A 530 -26.31 -5.13 4.18
C ASN A 530 -27.22 -6.27 3.71
N LEU A 531 -28.38 -5.92 3.15
CA LEU A 531 -29.30 -6.92 2.61
C LEU A 531 -28.69 -7.67 1.44
N CYS A 532 -27.92 -6.98 0.60
CA CYS A 532 -27.20 -7.63 -0.50
C CYS A 532 -26.18 -8.63 0.02
N VAL A 533 -25.45 -8.25 1.07
CA VAL A 533 -24.42 -9.12 1.65
C VAL A 533 -25.06 -10.40 2.22
N VAL A 534 -26.10 -10.23 3.04
CA VAL A 534 -26.84 -11.35 3.61
C VAL A 534 -27.44 -12.25 2.54
N GLY A 535 -27.94 -11.66 1.46
CA GLY A 535 -28.70 -12.40 0.45
C GLY A 535 -27.90 -13.10 -0.66
N GLY A 536 -26.64 -12.73 -0.84
CA GLY A 536 -25.81 -13.30 -1.91
C GLY A 536 -24.74 -14.23 -1.39
N HIS A 537 -24.35 -15.22 -2.18
CA HIS A 537 -23.28 -16.15 -1.78
C HIS A 537 -21.87 -15.58 -1.97
N SER A 538 -21.75 -14.55 -2.81
CA SER A 538 -20.47 -13.86 -3.03
C SER A 538 -20.64 -12.36 -3.04
N VAL A 539 -19.67 -11.66 -2.44
CA VAL A 539 -19.60 -10.21 -2.49
C VAL A 539 -18.21 -9.85 -2.99
N ASN A 540 -18.12 -9.03 -4.04
CA ASN A 540 -16.82 -8.68 -4.60
C ASN A 540 -16.64 -7.20 -4.85
N GLY A 541 -15.41 -6.75 -4.67
CA GLY A 541 -15.00 -5.42 -5.09
C GLY A 541 -14.48 -5.48 -6.51
N VAL A 542 -13.92 -4.38 -6.97
CA VAL A 542 -13.56 -4.19 -8.37
C VAL A 542 -12.09 -3.82 -8.58
N ALA A 543 -11.29 -3.92 -7.51
CA ALA A 543 -9.85 -3.70 -7.56
C ALA A 543 -9.22 -4.25 -6.27
N GLU A 544 -7.95 -4.65 -6.34
CA GLU A 544 -7.29 -5.30 -5.21
C GLU A 544 -7.36 -4.48 -3.92
N ILE A 545 -6.98 -3.20 -4.02
CA ILE A 545 -7.00 -2.32 -2.85
C ILE A 545 -8.43 -2.12 -2.34
N HIS A 546 -9.33 -1.83 -3.26
CA HIS A 546 -10.73 -1.59 -2.92
C HIS A 546 -11.38 -2.82 -2.28
N SER A 547 -11.19 -4.00 -2.88
CA SER A 547 -11.74 -5.24 -2.31
C SER A 547 -11.29 -5.48 -0.86
N GLU A 548 -10.08 -5.02 -0.53
CA GLU A 548 -9.59 -5.05 0.85
C GLU A 548 -10.31 -4.01 1.72
N ILE A 549 -10.46 -2.79 1.21
CA ILE A 549 -11.25 -1.76 1.91
C ILE A 549 -12.63 -2.31 2.26
N VAL A 550 -13.25 -2.98 1.28
CA VAL A 550 -14.55 -3.63 1.46
C VAL A 550 -14.57 -4.60 2.64
N LYS A 551 -13.50 -5.38 2.81
CA LYS A 551 -13.39 -6.36 3.91
C LYS A 551 -13.04 -5.74 5.26
N GLN A 552 -12.27 -4.65 5.23
CA GLN A 552 -11.70 -4.06 6.44
C GLN A 552 -12.55 -2.92 7.01
N ASP A 553 -13.01 -2.02 6.14
CA ASP A 553 -13.76 -0.82 6.57
C ASP A 553 -15.27 -0.94 6.38
N VAL A 554 -15.68 -1.38 5.19
CA VAL A 554 -17.09 -1.31 4.79
C VAL A 554 -17.95 -2.41 5.40
N PHE A 555 -17.59 -3.69 5.20
CA PHE A 555 -18.41 -4.80 5.71
C PHE A 555 -17.65 -5.69 6.69
N ASN A 556 -16.89 -5.09 7.59
CA ASN A 556 -15.99 -5.83 8.49
C ASN A 556 -16.63 -6.97 9.27
N SER A 557 -17.73 -6.67 9.96
CA SER A 557 -18.37 -7.65 10.83
C SER A 557 -18.98 -8.79 10.01
N PHE A 558 -19.38 -8.48 8.78
CA PHE A 558 -19.85 -9.48 7.83
C PHE A 558 -18.71 -10.39 7.38
N TYR A 559 -17.55 -9.78 7.06
CA TYR A 559 -16.35 -10.53 6.68
C TYR A 559 -15.95 -11.49 7.80
N GLU A 560 -15.92 -10.99 9.03
CA GLU A 560 -15.71 -11.83 10.22
C GLU A 560 -16.65 -13.04 10.24
N MET A 561 -17.92 -12.81 9.93
CA MET A 561 -18.95 -13.85 10.00
C MET A 561 -18.85 -14.84 8.85
N TRP A 562 -18.77 -14.31 7.63
CA TRP A 562 -18.73 -15.13 6.42
C TRP A 562 -17.54 -14.70 5.56
N PRO A 563 -16.33 -15.12 5.92
CA PRO A 563 -15.17 -14.64 5.17
C PRO A 563 -15.14 -15.13 3.72
N THR A 564 -15.65 -16.34 3.49
CA THR A 564 -15.63 -16.96 2.15
C THR A 564 -16.49 -16.26 1.10
N LYS A 565 -17.46 -15.45 1.56
CA LYS A 565 -18.27 -14.62 0.65
C LYS A 565 -17.42 -13.64 -0.16
N PHE A 566 -16.41 -13.09 0.49
CA PHE A 566 -15.73 -11.88 -0.02
C PHE A 566 -14.64 -12.18 -1.02
N GLN A 567 -14.72 -11.51 -2.17
CA GLN A 567 -13.81 -11.74 -3.28
C GLN A 567 -13.32 -10.42 -3.87
N ASN A 568 -12.45 -10.54 -4.86
CA ASN A 568 -12.06 -9.44 -5.73
C ASN A 568 -12.18 -9.87 -7.18
N LYS A 569 -12.62 -8.95 -8.04
CA LYS A 569 -12.65 -9.16 -9.48
C LYS A 569 -12.26 -7.83 -10.13
N THR A 570 -10.97 -7.65 -10.39
CA THR A 570 -10.48 -6.40 -10.94
C THR A 570 -11.18 -6.12 -12.27
N ASN A 571 -11.56 -4.86 -12.48
CA ASN A 571 -12.27 -4.48 -13.69
C ASN A 571 -11.38 -4.65 -14.90
N GLY A 572 -12.02 -4.56 -16.07
CA GLY A 572 -11.33 -4.59 -17.35
C GLY A 572 -12.23 -4.01 -18.42
N VAL A 573 -11.67 -3.82 -19.61
CA VAL A 573 -12.41 -3.26 -20.74
C VAL A 573 -12.15 -4.12 -21.98
N THR A 574 -13.10 -4.11 -22.91
CA THR A 574 -12.96 -4.92 -24.12
C THR A 574 -11.91 -4.31 -25.07
N PRO A 575 -10.92 -5.12 -25.50
CA PRO A 575 -9.88 -4.60 -26.40
C PRO A 575 -10.33 -4.46 -27.85
N ARG A 576 -11.55 -4.91 -28.13
CA ARG A 576 -12.09 -4.81 -29.47
C ARG A 576 -12.66 -3.42 -29.72
N ARG A 577 -13.57 -2.95 -28.86
CA ARG A 577 -14.08 -1.59 -28.97
C ARG A 577 -13.00 -0.55 -28.65
N TRP A 578 -12.11 -0.87 -27.71
CA TRP A 578 -11.20 0.13 -27.14
C TRP A 578 -9.75 0.06 -27.65
N ILE A 579 -9.47 -0.83 -28.61
CA ILE A 579 -8.22 -0.75 -29.39
C ILE A 579 -8.54 -1.00 -30.86
N ARG A 580 -8.95 -2.23 -31.17
CA ARG A 580 -9.11 -2.69 -32.54
C ARG A 580 -9.98 -1.78 -33.39
N PHE A 581 -11.13 -1.37 -32.85
CA PHE A 581 -12.13 -0.63 -33.62
C PHE A 581 -12.10 0.88 -33.43
N CYS A 582 -11.67 1.35 -32.25
CA CYS A 582 -11.49 2.79 -32.05
C CYS A 582 -10.12 3.28 -32.53
N ASN A 583 -9.15 2.38 -32.67
CA ASN A 583 -7.78 2.73 -33.04
C ASN A 583 -7.20 1.79 -34.10
N PRO A 584 -7.80 1.77 -35.30
CA PRO A 584 -7.32 0.85 -36.34
C PRO A 584 -5.85 1.07 -36.73
N GLU A 585 -5.39 2.32 -36.75
CA GLU A 585 -4.02 2.62 -37.14
C GLU A 585 -3.00 2.00 -36.19
N LEU A 586 -3.26 2.07 -34.89
CA LEU A 586 -2.40 1.42 -33.90
C LEU A 586 -2.51 -0.09 -34.04
N SER A 587 -3.73 -0.59 -34.21
CA SER A 587 -3.99 -2.02 -34.35
C SER A 587 -3.15 -2.68 -35.45
N THR A 588 -2.97 -1.99 -36.58
CA THR A 588 -2.14 -2.50 -37.67
C THR A 588 -0.67 -2.63 -37.22
N ILE A 589 -0.17 -1.60 -36.57
CA ILE A 589 1.19 -1.61 -36.02
C ILE A 589 1.37 -2.77 -35.04
N ILE A 590 0.36 -3.01 -34.21
CA ILE A 590 0.44 -4.04 -33.17
C ILE A 590 0.56 -5.44 -33.79
N SER A 591 -0.28 -5.73 -34.77
CA SER A 591 -0.34 -7.07 -35.37
C SER A 591 0.84 -7.37 -36.28
N LYS A 592 1.50 -6.33 -36.77
CA LYS A 592 2.71 -6.47 -37.56
C LYS A 592 3.84 -7.00 -36.67
N TRP A 593 4.19 -6.22 -35.64
CA TRP A 593 5.37 -6.52 -34.82
C TRP A 593 5.20 -7.73 -33.89
N ILE A 594 3.96 -8.03 -33.50
CA ILE A 594 3.68 -9.24 -32.71
C ILE A 594 3.55 -10.46 -33.62
N GLY A 595 3.14 -10.25 -34.87
CA GLY A 595 3.11 -11.32 -35.87
C GLY A 595 1.72 -11.65 -36.38
N SER A 596 0.70 -11.38 -35.56
CA SER A 596 -0.68 -11.70 -35.90
C SER A 596 -1.64 -10.70 -35.27
N ASP A 597 -2.93 -10.86 -35.58
CA ASP A 597 -4.01 -10.07 -34.96
C ASP A 597 -4.75 -10.89 -33.91
N ASP A 598 -4.14 -12.01 -33.50
CA ASP A 598 -4.74 -12.89 -32.49
C ASP A 598 -4.80 -12.21 -31.12
N TRP A 599 -3.94 -11.23 -30.89
CA TRP A 599 -3.94 -10.44 -29.66
C TRP A 599 -5.31 -9.78 -29.34
N ILE A 600 -6.12 -9.56 -30.37
CA ILE A 600 -7.44 -8.97 -30.18
C ILE A 600 -8.28 -9.87 -29.27
N LEU A 601 -8.09 -11.17 -29.41
CA LEU A 601 -8.75 -12.18 -28.58
C LEU A 601 -7.85 -12.59 -27.41
N ASN A 602 -6.61 -12.97 -27.70
CA ASN A 602 -5.65 -13.43 -26.69
C ASN A 602 -4.69 -12.32 -26.27
N THR A 603 -5.26 -11.27 -25.66
CA THR A 603 -4.57 -10.01 -25.40
C THR A 603 -3.27 -10.14 -24.58
N ASP A 604 -3.05 -11.29 -23.94
CA ASP A 604 -1.76 -11.62 -23.32
C ASP A 604 -0.56 -11.42 -24.27
N LYS A 605 -0.78 -11.68 -25.56
CA LYS A 605 0.29 -11.56 -26.57
C LYS A 605 0.76 -10.14 -26.87
N LEU A 606 0.20 -9.13 -26.20
CA LEU A 606 0.73 -7.77 -26.30
C LEU A 606 2.08 -7.64 -25.59
N ALA A 607 2.30 -8.46 -24.56
CA ALA A 607 3.56 -8.45 -23.81
C ALA A 607 4.80 -8.58 -24.70
N GLY A 608 4.66 -9.27 -25.84
CA GLY A 608 5.74 -9.36 -26.82
C GLY A 608 6.19 -8.04 -27.43
N LEU A 609 5.57 -6.94 -27.01
CA LEU A 609 5.98 -5.59 -27.45
C LEU A 609 7.09 -5.00 -26.59
N LYS A 610 7.31 -5.55 -25.39
CA LYS A 610 8.34 -5.03 -24.49
C LYS A 610 9.70 -4.92 -25.18
N LYS A 611 10.15 -6.01 -25.80
CA LYS A 611 11.46 -6.05 -26.45
C LYS A 611 11.63 -5.04 -27.61
N PHE A 612 10.53 -4.71 -28.29
CA PHE A 612 10.57 -3.73 -29.39
C PHE A 612 10.38 -2.29 -28.91
N ALA A 613 10.35 -2.07 -27.59
CA ALA A 613 10.12 -0.73 -27.04
C ALA A 613 11.13 0.32 -27.51
N ASP A 614 12.37 -0.12 -27.74
CA ASP A 614 13.47 0.78 -28.13
C ASP A 614 13.83 0.72 -29.61
N ASP A 615 13.15 -0.13 -30.38
CA ASP A 615 13.33 -0.16 -31.84
C ASP A 615 12.88 1.18 -32.44
N GLU A 616 13.76 1.79 -33.23
CA GLU A 616 13.52 3.13 -33.78
C GLU A 616 12.36 3.17 -34.78
N ASP A 617 12.18 2.08 -35.53
CA ASP A 617 11.18 2.02 -36.60
C ASP A 617 9.78 1.88 -36.03
N LEU A 618 9.60 0.96 -35.09
CA LEU A 618 8.34 0.84 -34.37
C LEU A 618 7.96 2.22 -33.83
N GLN A 619 8.92 2.86 -33.17
CA GLN A 619 8.73 4.19 -32.60
C GLN A 619 8.31 5.23 -33.63
N SER A 620 8.75 5.07 -34.88
CA SER A 620 8.39 5.99 -35.95
C SER A 620 6.90 5.83 -36.32
N GLU A 621 6.49 4.59 -36.60
CA GLU A 621 5.10 4.27 -36.90
C GLU A 621 4.18 4.62 -35.73
N TRP A 622 4.65 4.32 -34.52
CA TRP A 622 3.88 4.51 -33.30
C TRP A 622 3.57 5.99 -33.02
N ARG A 623 4.54 6.88 -33.27
CA ARG A 623 4.32 8.32 -33.14
C ARG A 623 3.44 8.89 -34.25
N THR A 624 3.57 8.33 -35.45
CA THR A 624 2.77 8.74 -36.61
C THR A 624 1.29 8.45 -36.37
N ALA A 625 0.99 7.24 -35.89
CA ALA A 625 -0.38 6.84 -35.56
C ALA A 625 -1.00 7.78 -34.54
N LYS A 626 -0.31 7.95 -33.41
CA LYS A 626 -0.73 8.88 -32.37
C LYS A 626 -1.10 10.23 -32.98
N ARG A 627 -0.23 10.75 -33.82
CA ARG A 627 -0.42 12.04 -34.49
C ARG A 627 -1.60 12.02 -35.46
N ASN A 628 -1.74 10.93 -36.22
CA ASN A 628 -2.88 10.76 -37.12
C ASN A 628 -4.21 10.71 -36.36
N ASN A 629 -4.20 10.02 -35.23
CA ASN A 629 -5.39 9.93 -34.37
C ASN A 629 -5.73 11.28 -33.75
N LYS A 630 -4.71 12.11 -33.52
CA LYS A 630 -4.93 13.46 -32.97
C LYS A 630 -5.63 14.39 -33.96
N MET A 631 -5.48 14.14 -35.26
CA MET A 631 -6.09 15.01 -36.26
C MET A 631 -7.62 14.88 -36.31
N LYS A 632 -8.15 13.73 -35.93
CA LYS A 632 -9.61 13.54 -35.87
C LYS A 632 -10.22 14.30 -34.69
N VAL A 633 -9.40 14.54 -33.66
CA VAL A 633 -9.78 15.33 -32.50
C VAL A 633 -9.80 16.83 -32.86
N VAL A 634 -8.82 17.26 -33.65
CA VAL A 634 -8.80 18.63 -34.17
C VAL A 634 -10.14 18.96 -34.86
N SER A 635 -10.62 18.02 -35.66
CA SER A 635 -11.94 18.16 -36.28
C SER A 635 -13.03 18.24 -35.23
N LEU A 636 -13.00 17.33 -34.26
CA LEU A 636 -14.02 17.31 -33.21
C LEU A 636 -14.09 18.63 -32.43
N ILE A 637 -12.93 19.19 -32.11
CA ILE A 637 -12.86 20.41 -31.30
C ILE A 637 -13.37 21.60 -32.09
N ARG A 638 -12.76 21.83 -33.26
CA ARG A 638 -13.26 22.80 -34.23
C ARG A 638 -14.78 22.70 -34.37
N ASP A 639 -15.25 21.48 -34.64
CA ASP A 639 -16.66 21.22 -34.92
C ASP A 639 -17.59 21.54 -33.73
N LYS A 640 -17.19 21.12 -32.53
CA LYS A 640 -18.07 21.19 -31.36
C LYS A 640 -17.93 22.47 -30.53
N THR A 641 -16.73 23.07 -30.54
CA THR A 641 -16.47 24.28 -29.77
C THR A 641 -16.15 25.51 -30.63
N GLY A 642 -15.59 25.30 -31.81
CA GLY A 642 -15.20 26.40 -32.69
C GLY A 642 -13.72 26.75 -32.59
N TYR A 643 -13.05 26.23 -31.55
CA TYR A 643 -11.63 26.51 -31.35
C TYR A 643 -10.75 25.76 -32.37
N ILE A 644 -9.70 26.44 -32.83
CA ILE A 644 -8.75 25.86 -33.77
C ILE A 644 -7.48 25.50 -33.01
N VAL A 645 -7.11 24.22 -33.02
CA VAL A 645 -5.96 23.72 -32.27
C VAL A 645 -4.98 22.94 -33.15
N SER A 646 -3.70 22.98 -32.77
CA SER A 646 -2.65 22.29 -33.52
C SER A 646 -2.43 20.88 -32.99
N PRO A 647 -2.25 19.90 -33.90
CA PRO A 647 -2.00 18.53 -33.48
C PRO A 647 -0.56 18.28 -33.03
N ASP A 648 0.32 19.27 -33.17
CA ASP A 648 1.74 19.10 -32.79
C ASP A 648 2.03 19.46 -31.33
N ALA A 649 0.99 19.75 -30.56
CA ALA A 649 1.11 19.92 -29.10
C ALA A 649 0.87 18.59 -28.39
N MET A 650 1.09 18.58 -27.07
CA MET A 650 0.78 17.42 -26.24
C MET A 650 -0.72 17.40 -26.00
N PHE A 651 -1.36 16.26 -26.27
CA PHE A 651 -2.79 16.12 -26.03
C PHE A 651 -3.04 15.56 -24.64
N ASP A 652 -3.37 16.49 -23.74
CA ASP A 652 -3.50 16.26 -22.31
C ASP A 652 -4.99 16.26 -21.96
N VAL A 653 -5.51 15.11 -21.56
CA VAL A 653 -6.95 14.93 -21.41
C VAL A 653 -7.34 14.59 -19.98
N GLN A 654 -8.38 15.25 -19.48
CA GLN A 654 -9.09 14.78 -18.31
C GLN A 654 -10.55 14.60 -18.67
N VAL A 655 -11.03 13.38 -18.51
CA VAL A 655 -12.31 12.98 -19.05
C VAL A 655 -13.01 12.06 -18.04
N LYS A 656 -13.89 12.67 -17.26
CA LYS A 656 -14.69 11.98 -16.25
C LYS A 656 -15.74 12.92 -15.68
N ARG A 657 -16.67 12.37 -14.89
CA ARG A 657 -17.80 13.17 -14.40
CA ARG A 657 -17.80 13.12 -14.33
C ARG A 657 -17.33 14.30 -13.50
N ILE A 658 -17.95 15.46 -13.67
CA ILE A 658 -17.54 16.67 -12.97
C ILE A 658 -17.96 16.58 -11.51
N HIS A 659 -16.96 16.52 -10.63
CA HIS A 659 -17.16 16.38 -9.21
C HIS A 659 -15.97 16.98 -8.49
N GLU A 660 -16.20 17.57 -7.31
CA GLU A 660 -15.11 18.12 -6.53
C GLU A 660 -14.06 17.08 -6.16
N TYR A 661 -14.49 15.82 -5.95
CA TYR A 661 -13.58 14.77 -5.49
C TYR A 661 -12.69 14.23 -6.61
N LYS A 662 -13.18 14.31 -7.84
CA LYS A 662 -12.38 13.92 -9.00
C LYS A 662 -11.31 14.97 -9.30
N ARG A 663 -11.59 16.20 -8.89
CA ARG A 663 -10.64 17.33 -8.90
C ARG A 663 -10.24 17.79 -10.30
N GLN A 664 -11.24 18.04 -11.15
CA GLN A 664 -11.01 18.83 -12.37
C GLN A 664 -10.44 20.19 -11.96
N LEU A 665 -10.90 20.70 -10.83
CA LEU A 665 -10.42 21.95 -10.29
C LEU A 665 -8.89 21.95 -10.06
N LEU A 666 -8.34 20.83 -9.59
CA LEU A 666 -6.88 20.72 -9.43
C LEU A 666 -6.15 20.86 -10.77
N ASN A 667 -6.71 20.25 -11.82
CA ASN A 667 -6.11 20.29 -13.13
C ASN A 667 -6.15 21.70 -13.71
N ILE A 668 -7.34 22.28 -13.78
CA ILE A 668 -7.49 23.63 -14.33
C ILE A 668 -6.63 24.63 -13.57
N LEU A 669 -6.58 24.53 -12.23
CA LEU A 669 -5.76 25.46 -11.45
C LEU A 669 -4.26 25.27 -11.71
N GLY A 670 -3.85 24.06 -12.07
CA GLY A 670 -2.47 23.80 -12.49
C GLY A 670 -2.19 24.42 -13.85
N ILE A 671 -3.13 24.27 -14.77
CA ILE A 671 -3.08 24.96 -16.07
C ILE A 671 -2.99 26.49 -15.83
N VAL A 672 -3.85 27.01 -14.96
CA VAL A 672 -3.87 28.45 -14.64
C VAL A 672 -2.50 28.93 -14.15
N TYR A 673 -1.82 28.09 -13.37
CA TYR A 673 -0.49 28.42 -12.86
C TYR A 673 0.53 28.55 -14.00
N ARG A 674 0.49 27.61 -14.94
CA ARG A 674 1.42 27.61 -16.06
C ARG A 674 1.16 28.80 -16.99
N TYR A 675 -0.12 29.06 -17.28
CA TYR A 675 -0.52 30.27 -18.00
C TYR A 675 0.10 31.50 -17.34
N LYS A 676 -0.06 31.61 -16.02
CA LYS A 676 0.47 32.76 -15.28
C LYS A 676 1.99 32.86 -15.45
N LYS A 677 2.69 31.75 -15.30
CA LYS A 677 4.14 31.73 -15.51
C LYS A 677 4.52 32.20 -16.90
N MET A 678 3.86 31.64 -17.91
CA MET A 678 4.07 32.05 -19.31
C MET A 678 3.95 33.57 -19.48
N LYS A 679 2.91 34.15 -18.89
CA LYS A 679 2.61 35.59 -19.01
C LYS A 679 3.58 36.50 -18.25
N GLU A 680 4.38 35.93 -17.35
CA GLU A 680 5.40 36.68 -16.59
C GLU A 680 6.81 36.26 -17.04
N MET A 681 6.94 36.07 -18.35
CA MET A 681 8.12 35.43 -18.94
C MET A 681 8.37 36.02 -20.32
N SER A 682 9.60 35.90 -20.81
CA SER A 682 9.94 36.36 -22.16
C SER A 682 9.59 35.28 -23.18
N ALA A 683 9.16 35.70 -24.37
CA ALA A 683 8.67 34.77 -25.41
C ALA A 683 9.71 33.73 -25.84
N LYS A 684 10.99 34.03 -25.63
CA LYS A 684 12.06 33.05 -25.81
C LYS A 684 12.01 31.98 -24.72
N ASP A 685 11.79 32.42 -23.48
CA ASP A 685 11.75 31.52 -22.33
C ASP A 685 10.48 30.66 -22.29
N ARG A 686 9.34 31.24 -22.66
CA ARG A 686 8.07 30.49 -22.75
C ARG A 686 8.25 29.17 -23.48
N ARG A 687 8.97 29.20 -24.60
CA ARG A 687 9.31 28.00 -25.36
C ARG A 687 10.31 27.10 -24.63
N LYS A 688 11.27 27.71 -23.92
CA LYS A 688 12.30 26.96 -23.18
C LYS A 688 11.75 26.24 -21.95
N SER A 689 10.74 26.82 -21.29
CA SER A 689 10.21 26.29 -20.03
C SER A 689 9.04 25.33 -20.17
N PHE A 690 8.19 25.53 -21.19
CA PHE A 690 6.97 24.73 -21.34
C PHE A 690 6.82 24.11 -22.72
N VAL A 691 6.38 22.84 -22.72
CA VAL A 691 6.07 22.12 -23.94
C VAL A 691 4.66 22.52 -24.35
N PRO A 692 4.44 22.75 -25.67
CA PRO A 692 3.08 23.11 -26.09
C PRO A 692 2.05 22.02 -25.76
N ARG A 693 0.86 22.45 -25.32
CA ARG A 693 -0.21 21.52 -24.93
C ARG A 693 -1.55 21.89 -25.54
N VAL A 694 -2.40 20.88 -25.69
CA VAL A 694 -3.84 21.05 -25.85
C VAL A 694 -4.51 20.31 -24.70
N CYS A 695 -4.99 21.07 -23.71
CA CYS A 695 -5.55 20.50 -22.49
C CYS A 695 -7.06 20.36 -22.62
N ILE A 696 -7.51 19.11 -22.65
CA ILE A 696 -8.90 18.79 -22.95
C ILE A 696 -9.63 18.30 -21.71
N PHE A 697 -10.77 18.92 -21.42
CA PHE A 697 -11.68 18.50 -20.37
C PHE A 697 -12.96 17.96 -21.00
N GLY A 698 -13.62 17.01 -20.32
CA GLY A 698 -14.90 16.49 -20.79
C GLY A 698 -15.66 15.82 -19.66
N GLY A 699 -16.99 15.79 -19.76
CA GLY A 699 -17.81 15.10 -18.78
C GLY A 699 -19.00 15.92 -18.30
N LYS A 700 -19.88 15.27 -17.55
CA LYS A 700 -21.16 15.85 -17.15
C LYS A 700 -21.20 16.17 -15.66
N ALA A 701 -21.83 17.29 -15.32
CA ALA A 701 -22.07 17.68 -13.93
C ALA A 701 -23.50 17.33 -13.57
N PHE A 702 -23.69 16.80 -12.36
CA PHE A 702 -25.04 16.58 -11.84
C PHE A 702 -25.70 17.94 -11.85
N ALA A 703 -26.86 18.05 -12.50
CA ALA A 703 -27.50 19.35 -12.74
C ALA A 703 -27.64 20.18 -11.47
N THR A 704 -28.02 19.51 -10.38
CA THR A 704 -28.38 20.19 -9.14
C THR A 704 -27.14 20.59 -8.33
N TYR A 705 -25.98 20.02 -8.69
CA TYR A 705 -24.71 20.24 -7.99
C TYR A 705 -24.12 21.58 -8.42
N VAL A 706 -24.40 22.61 -7.64
CA VAL A 706 -24.08 24.00 -7.99
C VAL A 706 -22.58 24.18 -8.26
N GLN A 707 -21.74 23.64 -7.37
CA GLN A 707 -20.31 23.87 -7.45
C GLN A 707 -19.70 23.17 -8.67
N ALA A 708 -20.18 21.97 -8.96
CA ALA A 708 -19.73 21.23 -10.14
C ALA A 708 -20.02 22.01 -11.43
N LYS A 709 -21.20 22.61 -11.50
CA LYS A 709 -21.54 23.43 -12.66
C LYS A 709 -20.68 24.68 -12.76
N ARG A 710 -20.37 25.31 -11.63
CA ARG A 710 -19.49 26.46 -11.60
CA ARG A 710 -19.50 26.48 -11.64
C ARG A 710 -18.08 26.10 -12.10
N ILE A 711 -17.67 24.85 -11.86
CA ILE A 711 -16.35 24.37 -12.29
C ILE A 711 -16.28 24.26 -13.83
N VAL A 712 -17.32 23.75 -14.48
CA VAL A 712 -17.30 23.68 -15.95
C VAL A 712 -17.37 25.09 -16.56
N LYS A 713 -18.15 25.96 -15.93
CA LYS A 713 -18.21 27.36 -16.30
C LYS A 713 -16.81 27.95 -16.22
N PHE A 714 -16.14 27.72 -15.11
CA PHE A 714 -14.80 28.26 -14.90
C PHE A 714 -13.81 27.83 -15.97
N ILE A 715 -13.84 26.53 -16.32
CA ILE A 715 -12.96 25.99 -17.36
C ILE A 715 -13.22 26.67 -18.71
N THR A 716 -14.49 26.78 -19.09
CA THR A 716 -14.86 27.44 -20.35
C THR A 716 -14.28 28.86 -20.41
N ASP A 717 -14.41 29.60 -19.31
CA ASP A 717 -13.89 30.96 -19.24
C ASP A 717 -12.37 31.03 -19.40
N VAL A 718 -11.67 30.06 -18.82
CA VAL A 718 -10.22 29.98 -18.99
C VAL A 718 -9.90 29.71 -20.46
N ALA A 719 -10.66 28.81 -21.09
CA ALA A 719 -10.50 28.51 -22.51
C ALA A 719 -10.65 29.76 -23.35
N ALA A 720 -11.69 30.54 -23.09
CA ALA A 720 -11.94 31.78 -23.83
C ALA A 720 -10.76 32.74 -23.71
N THR A 721 -10.26 32.92 -22.50
CA THR A 721 -9.14 33.83 -22.25
C THR A 721 -7.82 33.31 -22.83
N VAL A 722 -7.52 32.04 -22.58
CA VAL A 722 -6.22 31.47 -23.00
C VAL A 722 -6.12 31.32 -24.51
N ASN A 723 -7.10 30.65 -25.12
CA ASN A 723 -7.05 30.29 -26.54
C ASN A 723 -6.92 31.48 -27.50
N TYR A 724 -7.42 32.66 -27.10
CA TYR A 724 -7.37 33.85 -27.94
C TYR A 724 -6.32 34.87 -27.44
N ASP A 725 -5.25 34.39 -26.80
CA ASP A 725 -4.20 35.26 -26.29
C ASP A 725 -2.97 35.24 -27.21
N PRO A 726 -2.70 36.35 -27.92
CA PRO A 726 -1.53 36.48 -28.80
C PRO A 726 -0.19 36.06 -28.20
N ASP A 727 0.02 36.35 -26.91
CA ASP A 727 1.26 35.98 -26.23
C ASP A 727 1.44 34.45 -26.12
N ILE A 728 0.31 33.72 -26.10
CA ILE A 728 0.34 32.26 -25.97
C ILE A 728 0.43 31.54 -27.31
N GLY A 729 -0.53 31.80 -28.19
CA GLY A 729 -0.60 31.12 -29.48
C GLY A 729 -0.90 29.65 -29.31
N ASP A 730 -0.13 28.79 -29.99
CA ASP A 730 -0.31 27.34 -29.91
C ASP A 730 0.53 26.69 -28.80
N LEU A 731 1.10 27.51 -27.92
CA LEU A 731 1.84 27.02 -26.76
C LEU A 731 0.89 26.37 -25.73
N LEU A 732 -0.34 26.87 -25.65
CA LEU A 732 -1.34 26.31 -24.75
C LEU A 732 -2.75 26.57 -25.27
N LYS A 733 -3.54 25.51 -25.34
CA LYS A 733 -4.98 25.63 -25.58
C LYS A 733 -5.73 24.85 -24.49
N VAL A 734 -6.88 25.37 -24.07
CA VAL A 734 -7.74 24.69 -23.11
C VAL A 734 -9.12 24.53 -23.74
N VAL A 735 -9.64 23.30 -23.72
CA VAL A 735 -10.87 22.98 -24.45
C VAL A 735 -11.80 22.11 -23.61
N PHE A 736 -13.06 22.51 -23.49
CA PHE A 736 -14.07 21.66 -22.87
C PHE A 736 -14.96 21.05 -23.95
N VAL A 737 -14.74 19.78 -24.25
CA VAL A 737 -15.54 19.08 -25.25
C VAL A 737 -16.90 18.72 -24.67
N PRO A 738 -17.99 19.26 -25.25
CA PRO A 738 -19.33 19.04 -24.72
C PRO A 738 -19.88 17.64 -24.99
N ASP A 739 -20.83 17.22 -24.16
CA ASP A 739 -21.57 15.96 -24.34
C ASP A 739 -20.67 14.72 -24.43
N TYR A 740 -19.74 14.60 -23.49
CA TYR A 740 -18.87 13.43 -23.44
C TYR A 740 -19.69 12.13 -23.32
N ASN A 741 -19.40 11.19 -24.22
CA ASN A 741 -20.07 9.89 -24.25
C ASN A 741 -19.18 8.87 -24.95
N VAL A 742 -19.67 7.64 -25.13
CA VAL A 742 -18.84 6.59 -25.72
C VAL A 742 -18.22 7.05 -27.04
N SER A 743 -19.02 7.66 -27.90
CA SER A 743 -18.54 8.11 -29.21
C SER A 743 -17.41 9.13 -29.12
N VAL A 744 -17.54 10.07 -28.18
CA VAL A 744 -16.49 11.06 -27.96
C VAL A 744 -15.21 10.37 -27.50
N ALA A 745 -15.33 9.51 -26.49
CA ALA A 745 -14.20 8.73 -25.97
C ALA A 745 -13.47 8.00 -27.08
N GLU A 746 -14.22 7.41 -28.00
CA GLU A 746 -13.66 6.61 -29.08
C GLU A 746 -12.74 7.41 -30.00
N THR A 747 -13.05 8.69 -30.18
CA THR A 747 -12.19 9.60 -30.95
C THR A 747 -11.06 10.15 -30.07
N LEU A 748 -11.43 10.57 -28.86
CA LEU A 748 -10.50 11.23 -27.95
C LEU A 748 -9.37 10.30 -27.48
N ILE A 749 -9.74 9.12 -27.00
CA ILE A 749 -8.81 8.24 -26.28
C ILE A 749 -7.59 7.85 -27.13
N PRO A 750 -7.80 7.34 -28.35
CA PRO A 750 -6.67 6.97 -29.22
C PRO A 750 -5.72 8.12 -29.54
N ALA A 751 -6.21 9.35 -29.46
CA ALA A 751 -5.41 10.55 -29.72
C ALA A 751 -4.59 11.03 -28.52
N SER A 752 -4.84 10.46 -27.34
CA SER A 752 -4.35 11.03 -26.09
C SER A 752 -2.94 10.56 -25.74
N GLU A 753 -2.09 11.52 -25.34
CA GLU A 753 -0.72 11.25 -24.94
C GLU A 753 -0.58 11.28 -23.41
N LEU A 754 -1.26 12.23 -22.78
CA LEU A 754 -1.38 12.26 -21.33
C LEU A 754 -2.86 12.23 -20.92
N SER A 755 -3.20 11.40 -19.94
CA SER A 755 -4.53 11.42 -19.34
C SER A 755 -4.41 11.52 -17.81
N GLN A 756 -5.40 12.16 -17.20
CA GLN A 756 -5.33 12.51 -15.79
C GLN A 756 -6.34 11.72 -14.98
N HIS A 757 -5.87 11.16 -13.88
CA HIS A 757 -6.70 10.37 -12.98
C HIS A 757 -6.27 10.77 -11.58
N ILE A 758 -6.74 11.94 -11.16
CA ILE A 758 -6.15 12.68 -10.06
C ILE A 758 -7.10 12.86 -8.87
N SER A 759 -8.01 11.91 -8.65
CA SER A 759 -8.94 12.00 -7.52
C SER A 759 -8.19 11.92 -6.20
N THR A 760 -8.74 12.53 -5.16
CA THR A 760 -8.18 12.45 -3.82
C THR A 760 -7.97 10.99 -3.48
N ALA A 761 -6.78 10.65 -3.01
CA ALA A 761 -6.41 9.25 -2.80
C ALA A 761 -7.37 8.56 -1.84
N GLY A 762 -7.81 7.36 -2.23
CA GLY A 762 -8.75 6.57 -1.43
C GLY A 762 -10.20 6.74 -1.83
N MET A 763 -10.47 7.63 -2.78
CA MET A 763 -11.83 7.97 -3.18
C MET A 763 -12.35 7.15 -4.36
N GLU A 764 -11.44 6.64 -5.18
CA GLU A 764 -11.82 5.87 -6.35
C GLU A 764 -11.69 4.39 -6.06
N ALA A 765 -12.66 3.60 -6.52
CA ALA A 765 -12.64 2.15 -6.35
C ALA A 765 -11.81 1.49 -7.45
N SER A 766 -12.08 1.85 -8.71
CA SER A 766 -11.28 1.37 -9.84
C SER A 766 -11.07 2.46 -10.90
N GLY A 767 -11.91 2.45 -11.92
CA GLY A 767 -11.79 3.37 -13.05
C GLY A 767 -11.44 2.55 -14.27
N THR A 768 -12.23 2.66 -15.33
CA THR A 768 -12.01 1.89 -16.54
C THR A 768 -11.41 2.74 -17.66
N SER A 769 -11.68 4.04 -17.68
CA SER A 769 -11.07 4.92 -18.68
C SER A 769 -9.54 4.86 -18.59
N ASN A 770 -9.05 4.79 -17.35
CA ASN A 770 -7.62 4.61 -17.08
C ASN A 770 -7.01 3.48 -17.92
N MET A 771 -7.70 2.34 -17.94
CA MET A 771 -7.24 1.16 -18.64
C MET A 771 -7.29 1.33 -20.15
N LYS A 772 -8.31 2.06 -20.63
CA LYS A 772 -8.48 2.35 -22.06
C LYS A 772 -7.32 3.19 -22.56
N PHE A 773 -6.99 4.24 -21.80
CA PHE A 773 -5.91 5.14 -22.17
C PHE A 773 -4.59 4.40 -22.32
N ALA A 774 -4.24 3.62 -21.29
CA ALA A 774 -3.00 2.87 -21.29
C ALA A 774 -2.91 1.93 -22.50
N MET A 775 -4.01 1.27 -22.84
CA MET A 775 -4.06 0.38 -24.00
C MET A 775 -3.70 1.13 -25.27
N ASN A 776 -4.15 2.38 -25.37
CA ASN A 776 -3.89 3.20 -26.56
C ASN A 776 -2.55 3.93 -26.52
N GLY A 777 -1.71 3.60 -25.53
CA GLY A 777 -0.38 4.18 -25.43
C GLY A 777 -0.36 5.57 -24.82
N CYS A 778 -1.44 5.94 -24.16
CA CYS A 778 -1.50 7.22 -23.44
C CYS A 778 -0.84 7.06 -22.08
N LEU A 779 -0.05 8.05 -21.69
CA LEU A 779 0.59 8.04 -20.38
C LEU A 779 -0.35 8.61 -19.33
N LEU A 780 -0.26 8.06 -18.12
CA LEU A 780 -1.14 8.45 -17.03
C LEU A 780 -0.41 9.31 -16.02
N ILE A 781 -1.04 10.41 -15.63
CA ILE A 781 -0.64 11.17 -14.44
C ILE A 781 -1.79 10.99 -13.45
N GLY A 782 -1.48 10.49 -12.26
CA GLY A 782 -2.52 10.26 -11.28
C GLY A 782 -2.05 9.98 -9.87
N THR A 783 -3.02 9.88 -8.97
CA THR A 783 -2.78 9.55 -7.58
C THR A 783 -2.74 8.04 -7.37
N LEU A 784 -2.18 7.62 -6.23
CA LEU A 784 -2.14 6.20 -5.86
C LEU A 784 -3.55 5.80 -5.40
N ASP A 785 -4.42 5.55 -6.35
CA ASP A 785 -5.85 5.48 -6.08
C ASP A 785 -6.55 4.67 -7.16
N GLY A 786 -7.41 3.74 -6.73
CA GLY A 786 -8.17 2.92 -7.67
C GLY A 786 -7.31 2.15 -8.65
N ALA A 787 -7.72 2.17 -9.92
CA ALA A 787 -7.07 1.37 -10.97
C ALA A 787 -5.63 1.77 -11.23
N ASN A 788 -5.27 3.02 -10.94
CA ASN A 788 -3.90 3.49 -11.11
C ASN A 788 -2.88 2.58 -10.44
N VAL A 789 -3.20 2.10 -9.24
CA VAL A 789 -2.29 1.29 -8.45
C VAL A 789 -1.87 0.04 -9.22
N GLU A 790 -2.85 -0.72 -9.71
CA GLU A 790 -2.56 -1.95 -10.45
C GLU A 790 -2.01 -1.66 -11.84
N ILE A 791 -2.50 -0.59 -12.47
CA ILE A 791 -1.95 -0.15 -13.76
C ILE A 791 -0.45 0.14 -13.63
N ARG A 792 -0.07 0.82 -12.55
CA ARG A 792 1.32 1.16 -12.33
C ARG A 792 2.18 -0.09 -12.14
N GLU A 793 1.66 -1.09 -11.43
CA GLU A 793 2.37 -2.37 -11.30
C GLU A 793 2.66 -2.98 -12.66
N GLU A 794 1.63 -3.04 -13.50
CA GLU A 794 1.73 -3.77 -14.76
C GLU A 794 2.59 -3.06 -15.81
N VAL A 795 2.41 -1.74 -15.96
CA VAL A 795 3.19 -0.98 -16.96
C VAL A 795 4.57 -0.57 -16.43
N GLY A 796 4.73 -0.56 -15.10
CA GLY A 796 6.00 -0.20 -14.46
C GLY A 796 6.00 1.22 -13.94
N GLU A 797 6.51 1.42 -12.72
CA GLU A 797 6.51 2.74 -12.07
C GLU A 797 7.28 3.80 -12.85
N GLU A 798 8.27 3.36 -13.64
CA GLU A 798 9.07 4.26 -14.48
C GLU A 798 8.23 4.82 -15.63
N ASN A 799 7.14 4.14 -15.96
CA ASN A 799 6.25 4.53 -17.06
C ASN A 799 4.90 5.02 -16.55
N PHE A 800 4.92 5.75 -15.43
CA PHE A 800 3.71 6.29 -14.83
C PHE A 800 4.08 7.49 -13.94
N PHE A 801 3.34 8.58 -14.10
CA PHE A 801 3.60 9.82 -13.35
C PHE A 801 2.76 9.86 -12.08
N LEU A 802 3.37 9.49 -10.95
CA LEU A 802 2.68 9.43 -9.67
C LEU A 802 2.92 10.69 -8.85
N PHE A 803 1.86 11.17 -8.18
CA PHE A 803 1.96 12.34 -7.32
C PHE A 803 0.90 12.28 -6.22
N GLY A 804 1.08 13.13 -5.22
CA GLY A 804 0.03 13.40 -4.23
C GLY A 804 0.09 12.51 -3.00
N ALA A 805 -0.72 12.88 -2.01
CA ALA A 805 -0.81 12.15 -0.76
C ALA A 805 -1.48 10.81 -0.99
N HIS A 806 -1.04 9.80 -0.26
CA HIS A 806 -1.63 8.46 -0.36
C HIS A 806 -2.84 8.35 0.57
N ALA A 807 -3.64 7.31 0.34
CA ALA A 807 -4.89 7.08 1.07
C ALA A 807 -4.74 7.13 2.60
N PRO A 808 -3.74 6.42 3.17
CA PRO A 808 -3.63 6.40 4.63
C PRO A 808 -3.43 7.78 5.30
N GLU A 809 -2.85 8.73 4.57
CA GLU A 809 -2.48 10.05 5.10
CA GLU A 809 -2.49 10.02 5.14
C GLU A 809 -3.66 11.03 5.13
N ILE A 810 -4.73 10.71 4.42
CA ILE A 810 -5.84 11.65 4.22
C ILE A 810 -6.51 12.13 5.51
N ALA A 811 -7.25 11.27 6.19
CA ALA A 811 -7.99 11.67 7.41
C ALA A 811 -7.14 12.53 8.35
N GLY A 812 -5.85 12.21 8.44
CA GLY A 812 -4.91 12.99 9.24
C GLY A 812 -4.73 14.41 8.73
N LEU A 813 -4.57 14.55 7.41
CA LEU A 813 -4.39 15.86 6.78
C LEU A 813 -5.64 16.73 6.90
N ARG A 814 -6.81 16.08 6.91
CA ARG A 814 -8.07 16.79 7.11
C ARG A 814 -8.20 17.31 8.54
N GLN A 815 -7.90 16.46 9.51
CA GLN A 815 -7.95 16.88 10.92
C GLN A 815 -6.89 17.95 11.19
N GLU A 816 -5.73 17.80 10.57
CA GLU A 816 -4.70 18.82 10.58
C GLU A 816 -5.25 20.18 10.12
N ARG A 817 -6.05 20.15 9.05
CA ARG A 817 -6.71 21.37 8.53
C ARG A 817 -7.71 21.93 9.55
N ALA A 818 -8.56 21.05 10.08
CA ALA A 818 -9.54 21.43 11.10
C ALA A 818 -8.93 22.21 12.28
N GLU A 819 -7.75 21.81 12.74
CA GLU A 819 -7.12 22.48 13.88
C GLU A 819 -6.04 23.51 13.49
N GLY A 820 -6.22 24.13 12.32
CA GLY A 820 -5.44 25.30 11.92
C GLY A 820 -3.99 25.10 11.50
N LYS A 821 -3.55 23.85 11.43
CA LYS A 821 -2.13 23.55 11.27
C LYS A 821 -1.66 23.48 9.80
N PHE A 822 -2.59 23.55 8.86
CA PHE A 822 -2.22 23.49 7.43
C PHE A 822 -1.88 24.85 6.87
N VAL A 823 -0.71 24.96 6.24
CA VAL A 823 -0.23 26.20 5.64
C VAL A 823 0.04 25.94 4.17
N PRO A 824 -0.73 26.58 3.26
CA PRO A 824 -0.60 26.25 1.85
C PRO A 824 0.64 26.86 1.20
N ASP A 825 1.06 26.26 0.09
CA ASP A 825 2.18 26.74 -0.70
C ASP A 825 1.92 28.18 -1.16
N LEU A 826 2.97 28.99 -1.22
CA LEU A 826 2.86 30.36 -1.75
C LEU A 826 2.36 30.36 -3.19
N ARG A 827 2.77 29.36 -3.97
CA ARG A 827 2.33 29.23 -5.36
C ARG A 827 0.82 28.96 -5.49
N PHE A 828 0.22 28.41 -4.44
CA PHE A 828 -1.22 28.10 -4.45
C PHE A 828 -2.07 29.34 -4.12
N GLU A 829 -1.55 30.21 -3.26
CA GLU A 829 -2.20 31.49 -2.94
C GLU A 829 -2.09 32.46 -4.14
N GLU A 830 -0.99 32.34 -4.87
CA GLU A 830 -0.74 33.11 -6.08
C GLU A 830 -1.84 32.89 -7.12
N VAL A 831 -2.11 31.62 -7.41
CA VAL A 831 -3.16 31.23 -8.35
C VAL A 831 -4.54 31.72 -7.89
N LYS A 832 -4.89 31.39 -6.65
CA LYS A 832 -6.17 31.82 -6.08
C LYS A 832 -6.40 33.31 -6.22
N GLU A 833 -5.37 34.11 -5.94
CA GLU A 833 -5.46 35.56 -6.06
C GLU A 833 -5.55 35.96 -7.53
N TYR A 834 -4.77 35.29 -8.38
CA TYR A 834 -4.74 35.53 -9.82
C TYR A 834 -6.06 35.20 -10.50
N VAL A 835 -6.84 34.30 -9.88
CA VAL A 835 -8.20 33.97 -10.34
C VAL A 835 -9.20 35.00 -9.83
N ARG A 836 -9.07 35.35 -8.54
CA ARG A 836 -9.84 36.46 -7.96
C ARG A 836 -9.52 37.80 -8.65
N SER A 837 -8.47 37.81 -9.47
CA SER A 837 -8.06 39.00 -10.22
C SER A 837 -9.04 39.46 -11.32
N GLY A 838 -9.84 38.54 -11.85
CA GLY A 838 -10.83 38.87 -12.89
C GLY A 838 -10.35 38.67 -14.33
N VAL A 839 -9.09 38.25 -14.48
CA VAL A 839 -8.46 38.07 -15.79
C VAL A 839 -9.26 37.13 -16.69
N PHE A 840 -10.12 36.30 -16.09
CA PHE A 840 -10.91 35.34 -16.85
C PHE A 840 -12.35 35.80 -17.14
N GLY A 841 -12.57 37.12 -17.12
CA GLY A 841 -13.85 37.70 -17.55
C GLY A 841 -14.64 38.36 -16.44
N THR A 842 -15.91 38.61 -16.69
CA THR A 842 -16.78 39.35 -15.77
C THR A 842 -17.27 38.52 -14.58
N SER A 843 -16.76 37.29 -14.43
CA SER A 843 -16.99 36.51 -13.22
C SER A 843 -15.69 36.53 -12.42
N ASN A 844 -15.84 36.66 -11.10
CA ASN A 844 -14.68 36.77 -10.21
C ASN A 844 -14.28 35.41 -9.62
N TYR A 845 -15.28 34.59 -9.29
CA TYR A 845 -15.07 33.23 -8.75
C TYR A 845 -14.63 33.21 -7.28
N ASP A 846 -14.76 34.33 -6.59
CA ASP A 846 -14.47 34.35 -5.16
C ASP A 846 -15.25 33.27 -4.42
N GLU A 847 -16.39 32.85 -4.99
CA GLU A 847 -17.18 31.75 -4.43
C GLU A 847 -16.48 30.40 -4.56
N LEU A 848 -15.99 30.11 -5.76
CA LEU A 848 -15.27 28.85 -6.04
C LEU A 848 -13.97 28.79 -5.24
N MET A 849 -13.15 29.84 -5.35
CA MET A 849 -11.91 29.90 -4.59
C MET A 849 -12.18 29.83 -3.10
N GLY A 850 -13.33 30.38 -2.68
CA GLY A 850 -13.77 30.32 -1.29
C GLY A 850 -14.03 28.91 -0.78
N SER A 851 -14.27 27.97 -1.69
CA SER A 851 -14.44 26.55 -1.34
C SER A 851 -13.11 25.83 -1.03
N LEU A 852 -12.00 26.54 -1.20
CA LEU A 852 -10.67 26.03 -0.86
C LEU A 852 -10.11 26.72 0.39
N GLU A 853 -10.98 27.40 1.12
CA GLU A 853 -10.57 28.25 2.24
C GLU A 853 -11.37 27.97 3.50
N GLY A 854 -10.87 28.45 4.62
CA GLY A 854 -11.44 28.16 5.93
C GLY A 854 -10.86 26.88 6.48
N ASN A 855 -11.22 26.53 7.71
CA ASN A 855 -10.75 25.30 8.35
C ASN A 855 -11.84 24.25 8.54
N GLU A 856 -13.09 24.66 8.47
CA GLU A 856 -14.22 23.74 8.61
C GLU A 856 -15.48 24.29 7.94
N GLY A 857 -16.42 23.39 7.64
CA GLY A 857 -17.70 23.78 7.05
C GLY A 857 -18.01 23.02 5.76
N TYR A 858 -19.28 22.65 5.60
CA TYR A 858 -19.73 21.95 4.40
C TYR A 858 -19.49 22.80 3.17
N GLY A 859 -18.81 22.23 2.17
CA GLY A 859 -18.52 22.94 0.92
C GLY A 859 -17.30 23.85 0.94
N ARG A 860 -16.70 24.01 2.12
CA ARG A 860 -15.51 24.85 2.29
C ARG A 860 -14.34 23.98 2.77
N ALA A 861 -13.24 24.62 3.17
CA ALA A 861 -12.14 23.97 3.89
C ALA A 861 -11.35 22.96 3.06
N ASP A 862 -11.46 23.02 1.73
CA ASP A 862 -10.63 22.22 0.82
C ASP A 862 -10.62 20.75 1.21
N TYR A 863 -11.81 20.20 1.42
CA TYR A 863 -11.98 18.83 1.91
C TYR A 863 -11.27 17.80 1.04
N PHE A 864 -11.17 18.06 -0.26
CA PHE A 864 -10.53 17.12 -1.19
C PHE A 864 -9.06 17.45 -1.49
N LEU A 865 -8.44 18.22 -0.59
CA LEU A 865 -6.99 18.42 -0.57
C LEU A 865 -6.38 18.95 -1.87
N VAL A 866 -7.09 19.86 -2.54
CA VAL A 866 -6.60 20.46 -3.78
C VAL A 866 -5.33 21.27 -3.51
N GLY A 867 -5.38 22.13 -2.50
CA GLY A 867 -4.23 22.94 -2.11
C GLY A 867 -3.05 22.11 -1.63
N LYS A 868 -3.35 21.14 -0.76
CA LYS A 868 -2.33 20.23 -0.22
C LYS A 868 -1.52 19.53 -1.31
N ASP A 869 -2.21 18.91 -2.27
CA ASP A 869 -1.54 18.15 -3.35
C ASP A 869 -0.97 19.03 -4.48
N PHE A 870 -1.34 20.32 -4.49
CA PHE A 870 -0.95 21.26 -5.55
C PHE A 870 0.55 21.28 -5.84
N PRO A 871 1.40 21.53 -4.83
CA PRO A 871 2.83 21.65 -5.14
C PRO A 871 3.39 20.37 -5.76
N SER A 872 3.11 19.24 -5.12
CA SER A 872 3.47 17.92 -5.64
C SER A 872 3.00 17.71 -7.08
N TYR A 873 1.79 18.18 -7.37
CA TYR A 873 1.16 18.00 -8.67
C TYR A 873 1.84 18.82 -9.77
N ILE A 874 1.94 20.14 -9.58
CA ILE A 874 2.54 21.02 -10.59
C ILE A 874 4.02 20.71 -10.82
N GLU A 875 4.66 20.14 -9.81
CA GLU A 875 6.01 19.62 -9.96
C GLU A 875 5.98 18.36 -10.85
N CYS A 876 5.09 17.41 -10.52
CA CYS A 876 4.95 16.20 -11.34
C CYS A 876 4.72 16.53 -12.83
N GLN A 877 3.99 17.61 -13.11
CA GLN A 877 3.75 18.05 -14.50
C GLN A 877 5.01 18.61 -15.17
N GLU A 878 5.95 19.13 -14.37
CA GLU A 878 7.24 19.53 -14.90
C GLU A 878 8.06 18.32 -15.35
N LYS A 879 7.93 17.20 -14.64
CA LYS A 879 8.58 15.95 -15.06
C LYS A 879 7.98 15.41 -16.36
N VAL A 880 6.67 15.60 -16.52
CA VAL A 880 5.99 15.21 -17.76
C VAL A 880 6.53 16.03 -18.94
N ASP A 881 6.66 17.33 -18.76
CA ASP A 881 7.24 18.20 -19.80
C ASP A 881 8.62 17.72 -20.21
N GLU A 882 9.49 17.52 -19.22
CA GLU A 882 10.86 17.10 -19.48
CA GLU A 882 10.86 17.09 -19.46
C GLU A 882 10.94 15.76 -20.21
N ALA A 883 9.99 14.87 -19.94
CA ALA A 883 9.93 13.58 -20.62
C ALA A 883 9.46 13.75 -22.06
N TYR A 884 8.44 14.59 -22.27
CA TYR A 884 7.88 14.84 -23.60
C TYR A 884 8.91 15.50 -24.51
N ARG A 885 9.90 16.18 -23.93
CA ARG A 885 11.00 16.74 -24.69
C ARG A 885 11.81 15.66 -25.42
N ASP A 886 12.03 14.54 -24.74
CA ASP A 886 12.70 13.40 -25.35
C ASP A 886 11.67 12.41 -25.90
N GLN A 887 11.16 12.70 -27.09
CA GLN A 887 10.16 11.85 -27.75
C GLN A 887 10.61 10.41 -27.97
N LYS A 888 11.87 10.12 -27.63
CA LYS A 888 12.37 8.74 -27.63
C LYS A 888 11.88 8.07 -26.35
N LEU A 889 12.14 8.72 -25.22
CA LEU A 889 11.71 8.23 -23.91
C LEU A 889 10.19 8.14 -23.87
N TRP A 890 9.52 9.20 -24.32
CA TRP A 890 8.06 9.27 -24.28
C TRP A 890 7.43 8.09 -25.02
N THR A 891 7.89 7.84 -26.25
CA THR A 891 7.33 6.78 -27.08
C THR A 891 7.68 5.40 -26.54
N ARG A 892 8.86 5.27 -25.93
CA ARG A 892 9.24 4.05 -25.25
C ARG A 892 8.23 3.70 -24.15
N MET A 893 7.90 4.69 -23.33
CA MET A 893 6.93 4.53 -22.25
C MET A 893 5.53 4.27 -22.82
N SER A 894 5.17 4.98 -23.88
CA SER A 894 3.89 4.76 -24.56
C SER A 894 3.74 3.29 -24.92
N ILE A 895 4.73 2.74 -25.61
CA ILE A 895 4.73 1.34 -26.04
C ILE A 895 4.66 0.38 -24.84
N LEU A 896 5.33 0.73 -23.75
CA LEU A 896 5.33 -0.12 -22.56
C LEU A 896 4.00 -0.14 -21.83
N ASN A 897 3.19 0.91 -22.00
CA ASN A 897 1.84 0.95 -21.44
C ASN A 897 0.90 -0.01 -22.17
N THR A 898 0.95 0.00 -23.49
CA THR A 898 0.17 -0.96 -24.30
C THR A 898 0.61 -2.39 -23.98
N ALA A 899 1.92 -2.59 -23.85
CA ALA A 899 2.50 -3.90 -23.54
C ALA A 899 2.12 -4.41 -22.14
N GLY A 900 1.85 -3.50 -21.22
CA GLY A 900 1.47 -3.84 -19.85
C GLY A 900 -0.02 -3.93 -19.58
N SER A 901 -0.83 -3.60 -20.59
CA SER A 901 -2.29 -3.57 -20.42
C SER A 901 -3.03 -4.92 -20.39
N PRO A 902 -2.41 -6.03 -20.86
CA PRO A 902 -3.18 -7.29 -20.96
C PRO A 902 -4.04 -7.65 -19.76
N LYS A 903 -3.57 -7.35 -18.56
CA LYS A 903 -4.31 -7.65 -17.32
C LYS A 903 -5.69 -6.97 -17.29
N PHE A 904 -5.84 -5.87 -18.02
CA PHE A 904 -7.06 -5.07 -17.97
C PHE A 904 -8.04 -5.33 -19.11
N SER A 905 -7.91 -6.50 -19.73
CA SER A 905 -8.93 -6.96 -20.66
C SER A 905 -10.08 -7.55 -19.86
N SER A 906 -11.29 -7.09 -20.16
CA SER A 906 -12.51 -7.64 -19.55
C SER A 906 -12.67 -9.15 -19.78
N ASP A 907 -12.00 -9.71 -20.80
CA ASP A 907 -12.01 -11.15 -21.00
C ASP A 907 -11.56 -11.92 -19.75
N ARG A 908 -10.42 -11.57 -19.17
CA ARG A 908 -9.94 -12.30 -17.99
C ARG A 908 -10.76 -11.96 -16.76
N THR A 909 -11.35 -10.76 -16.74
CA THR A 909 -12.32 -10.41 -15.70
C THR A 909 -13.51 -11.36 -15.75
N ILE A 910 -14.04 -11.61 -16.95
CA ILE A 910 -15.19 -12.50 -17.12
C ILE A 910 -14.85 -13.95 -16.76
N HIS A 911 -13.68 -14.43 -17.19
CA HIS A 911 -13.24 -15.78 -16.84
C HIS A 911 -13.30 -15.96 -15.32
N GLU A 912 -12.77 -14.98 -14.59
CA GLU A 912 -12.77 -15.02 -13.12
C GLU A 912 -14.18 -15.05 -12.55
N TYR A 913 -15.06 -14.20 -13.05
CA TYR A 913 -16.45 -14.23 -12.64
C TYR A 913 -17.08 -15.58 -12.96
N ALA A 914 -16.84 -16.07 -14.17
CA ALA A 914 -17.42 -17.34 -14.63
C ALA A 914 -17.05 -18.53 -13.73
N LYS A 915 -15.79 -18.55 -13.28
CA LYS A 915 -15.26 -19.69 -12.54
C LYS A 915 -15.51 -19.60 -11.03
N ASP A 916 -15.26 -18.43 -10.45
CA ASP A 916 -15.24 -18.27 -9.00
C ASP A 916 -16.55 -17.74 -8.38
N ILE A 917 -17.54 -17.40 -9.20
CA ILE A 917 -18.81 -16.88 -8.71
C ILE A 917 -20.01 -17.56 -9.39
N TRP A 918 -20.15 -17.33 -10.68
CA TRP A 918 -21.31 -17.85 -11.41
C TRP A 918 -21.23 -19.37 -11.58
N ASP A 919 -20.01 -19.89 -11.64
CA ASP A 919 -19.78 -21.30 -11.89
C ASP A 919 -20.47 -21.73 -13.18
N ILE A 920 -20.18 -21.01 -14.26
CA ILE A 920 -20.70 -21.32 -15.59
C ILE A 920 -19.56 -21.74 -16.53
N SER A 921 -19.93 -22.40 -17.61
CA SER A 921 -18.98 -22.88 -18.61
C SER A 921 -19.35 -22.31 -19.98
N PRO A 922 -18.39 -22.27 -20.90
CA PRO A 922 -18.76 -21.85 -22.25
C PRO A 922 -19.61 -22.90 -22.95
N VAL A 923 -20.50 -22.44 -23.83
CA VAL A 923 -21.32 -23.32 -24.65
C VAL A 923 -21.02 -22.97 -26.10
N ILE A 924 -20.27 -23.84 -26.79
CA ILE A 924 -19.88 -23.60 -28.18
C ILE A 924 -20.79 -24.39 -29.13
N MET A 925 -21.41 -23.69 -30.07
CA MET A 925 -22.22 -24.32 -31.11
C MET A 925 -21.28 -25.01 -32.11
N PRO A 926 -21.76 -26.05 -32.81
CA PRO A 926 -20.85 -26.84 -33.66
C PRO A 926 -20.22 -26.05 -34.80
N ILE B 27 44.16 -26.49 -1.35
CA ILE B 27 44.61 -27.08 -0.03
C ILE B 27 43.65 -28.18 0.45
N ASP B 28 44.16 -29.40 0.51
CA ASP B 28 43.45 -30.56 1.04
C ASP B 28 42.97 -30.31 2.48
N SER B 29 41.94 -31.02 2.91
CA SER B 29 41.49 -30.94 4.31
C SER B 29 42.62 -31.31 5.28
N SER B 30 43.52 -32.17 4.82
CA SER B 30 44.65 -32.65 5.62
C SER B 30 45.68 -31.54 5.89
N ALA B 31 45.76 -30.56 4.99
CA ALA B 31 46.65 -29.40 5.17
C ALA B 31 46.09 -28.44 6.21
N ILE B 32 44.77 -28.22 6.14
CA ILE B 32 44.07 -27.40 7.11
C ILE B 32 44.20 -27.98 8.51
N ALA B 33 44.07 -29.30 8.63
CA ALA B 33 44.24 -29.98 9.90
C ALA B 33 45.62 -29.74 10.51
N SER B 34 46.64 -29.69 9.66
CA SER B 34 47.99 -29.33 10.09
C SER B 34 48.08 -27.90 10.60
N ASN B 35 47.47 -26.97 9.87
CA ASN B 35 47.53 -25.55 10.21
C ASN B 35 46.73 -25.25 11.49
N ILE B 36 45.62 -25.97 11.69
CA ILE B 36 44.90 -25.91 12.96
C ILE B 36 45.85 -26.32 14.07
N GLN B 37 46.48 -27.48 13.90
CA GLN B 37 47.44 -27.99 14.89
C GLN B 37 48.56 -27.00 15.12
N HIS B 38 49.10 -26.47 14.03
CA HIS B 38 50.15 -25.46 14.10
C HIS B 38 49.78 -24.33 15.06
N HIS B 39 48.60 -23.74 14.85
CA HIS B 39 48.17 -22.60 15.65
C HIS B 39 47.91 -22.98 17.11
N ALA B 40 47.46 -24.21 17.35
CA ALA B 40 47.28 -24.70 18.71
C ALA B 40 48.62 -24.75 19.46
N ASP B 41 49.70 -25.06 18.76
CA ASP B 41 51.02 -25.25 19.38
C ASP B 41 51.95 -24.05 19.26
N PHE B 42 51.82 -23.25 18.19
CA PHE B 42 52.75 -22.16 17.92
C PHE B 42 52.17 -20.73 18.01
N THR B 43 50.84 -20.63 18.12
CA THR B 43 50.21 -19.42 18.68
C THR B 43 49.29 -19.84 19.84
N PRO B 44 49.86 -20.51 20.87
CA PRO B 44 49.07 -21.12 21.94
C PRO B 44 48.50 -20.16 22.99
N LEU B 45 47.34 -20.50 23.54
CA LEU B 45 46.70 -19.77 24.65
C LEU B 45 46.50 -20.65 25.89
N PHE B 46 46.95 -21.90 25.83
CA PHE B 46 46.76 -22.88 26.90
C PHE B 46 48.01 -23.74 27.07
N SER B 47 48.01 -24.59 28.10
CA SER B 47 49.07 -25.59 28.29
C SER B 47 49.09 -26.52 27.08
N PRO B 48 50.24 -27.14 26.79
CA PRO B 48 50.32 -28.03 25.63
C PRO B 48 49.46 -29.29 25.77
N GLU B 49 49.43 -29.88 26.96
CA GLU B 49 48.68 -31.12 27.20
C GLU B 49 47.18 -30.89 27.38
N HIS B 50 46.76 -29.63 27.51
CA HIS B 50 45.35 -29.32 27.70
C HIS B 50 44.54 -29.64 26.45
N SER B 51 43.34 -30.20 26.65
CA SER B 51 42.48 -30.62 25.55
C SER B 51 41.05 -30.13 25.75
N SER B 52 40.66 -29.15 24.94
CA SER B 52 39.34 -28.51 25.06
C SER B 52 38.71 -28.28 23.68
N PRO B 53 37.38 -28.35 23.62
CA PRO B 53 36.65 -27.79 22.48
C PRO B 53 36.97 -26.31 22.28
N LEU B 54 37.16 -25.58 23.37
CA LEU B 54 37.53 -24.15 23.31
C LEU B 54 38.93 -23.95 22.73
N LYS B 55 39.87 -24.80 23.13
CA LYS B 55 41.22 -24.74 22.59
C LYS B 55 41.18 -24.99 21.09
N ALA B 56 40.37 -25.97 20.69
CA ALA B 56 40.18 -26.26 19.27
C ALA B 56 39.57 -25.06 18.55
N TYR B 57 38.69 -24.33 19.23
CA TYR B 57 38.09 -23.12 18.64
C TYR B 57 39.14 -22.06 18.29
N HIS B 58 39.93 -21.65 19.27
CA HIS B 58 40.92 -20.61 19.03
C HIS B 58 41.88 -21.00 17.92
N ALA B 59 42.25 -22.28 17.87
CA ALA B 59 43.16 -22.78 16.86
C ALA B 59 42.52 -22.78 15.47
N THR B 60 41.29 -23.27 15.38
CA THR B 60 40.56 -23.29 14.12
C THR B 60 40.31 -21.86 13.61
N ALA B 61 39.98 -20.96 14.53
CA ALA B 61 39.76 -19.55 14.20
C ALA B 61 41.01 -18.91 13.60
N LYS B 62 42.16 -19.21 14.21
CA LYS B 62 43.43 -18.68 13.73
C LYS B 62 43.82 -19.26 12.37
N SER B 63 43.44 -20.50 12.12
CA SER B 63 43.71 -21.14 10.84
C SER B 63 42.93 -20.44 9.73
N VAL B 64 41.63 -20.25 9.96
CA VAL B 64 40.79 -19.51 9.02
C VAL B 64 41.37 -18.11 8.83
N PHE B 65 41.73 -17.47 9.93
CA PHE B 65 42.18 -16.08 9.94
C PHE B 65 43.36 -15.82 8.98
N ASP B 66 44.25 -16.80 8.83
CA ASP B 66 45.36 -16.71 7.87
C ASP B 66 44.87 -16.35 6.47
N SER B 67 43.75 -16.95 6.06
CA SER B 67 43.15 -16.63 4.76
C SER B 67 42.67 -15.18 4.70
N LEU B 68 42.01 -14.74 5.78
CA LEU B 68 41.46 -13.38 5.83
C LEU B 68 42.57 -12.34 5.74
N ILE B 69 43.71 -12.62 6.39
CA ILE B 69 44.85 -11.71 6.35
C ILE B 69 45.35 -11.57 4.91
N MET B 70 45.67 -12.69 4.29
CA MET B 70 46.10 -12.71 2.88
C MET B 70 45.19 -11.86 2.01
N ASN B 71 43.89 -12.13 2.11
CA ASN B 71 42.87 -11.44 1.32
C ASN B 71 42.69 -9.98 1.75
N TRP B 72 42.82 -9.71 3.04
CA TRP B 72 42.71 -8.35 3.59
C TRP B 72 43.85 -7.49 3.07
N ASN B 73 45.05 -8.05 3.07
CA ASN B 73 46.24 -7.31 2.62
C ASN B 73 46.19 -7.00 1.13
N ALA B 74 45.72 -7.96 0.36
CA ALA B 74 45.52 -7.76 -1.08
C ALA B 74 44.47 -6.68 -1.35
N THR B 75 43.35 -6.73 -0.63
CA THR B 75 42.27 -5.76 -0.80
C THR B 75 42.73 -4.36 -0.41
N TYR B 76 43.42 -4.27 0.72
CA TYR B 76 43.98 -2.99 1.18
C TYR B 76 44.91 -2.37 0.14
N ASP B 77 45.86 -3.17 -0.35
CA ASP B 77 46.87 -2.70 -1.30
C ASP B 77 46.26 -2.23 -2.61
N TYR B 78 45.22 -2.93 -3.07
CA TYR B 78 44.60 -2.63 -4.36
C TYR B 78 43.78 -1.34 -4.30
N TYR B 79 43.09 -1.12 -3.19
CA TYR B 79 42.35 0.12 -2.97
C TYR B 79 43.27 1.34 -3.01
N ASN B 80 44.49 1.21 -2.46
CA ASN B 80 45.47 2.29 -2.53
C ASN B 80 45.86 2.62 -3.96
N LYS B 81 46.12 1.58 -4.75
CA LYS B 81 46.51 1.75 -6.14
C LYS B 81 45.40 2.41 -6.96
N VAL B 82 44.19 1.85 -6.87
CA VAL B 82 43.07 2.33 -7.68
C VAL B 82 42.52 3.67 -7.17
N ASN B 83 42.75 3.97 -5.89
CA ASN B 83 42.28 5.20 -5.26
C ASN B 83 40.85 5.61 -5.68
N ALA B 84 39.94 4.62 -5.69
CA ALA B 84 38.54 4.88 -5.99
C ALA B 84 37.82 5.41 -4.76
N LYS B 85 36.61 5.92 -4.96
CA LYS B 85 35.81 6.44 -3.87
C LYS B 85 35.51 5.29 -2.91
N GLN B 86 35.58 5.58 -1.62
CA GLN B 86 35.45 4.57 -0.57
C GLN B 86 34.39 5.01 0.43
N ALA B 87 33.53 4.10 0.85
CA ALA B 87 32.46 4.42 1.81
C ALA B 87 32.87 4.09 3.24
N TYR B 88 32.33 4.85 4.18
CA TYR B 88 32.69 4.71 5.58
C TYR B 88 31.45 4.75 6.45
N TYR B 89 31.04 3.59 6.94
CA TYR B 89 29.79 3.44 7.69
C TYR B 89 30.09 3.49 9.19
N LEU B 90 29.64 4.57 9.85
CA LEU B 90 29.88 4.79 11.28
C LEU B 90 28.65 4.42 12.09
N SER B 91 28.84 3.55 13.08
CA SER B 91 27.76 3.11 13.95
C SER B 91 28.28 2.84 15.34
N MET B 92 27.45 3.10 16.34
CA MET B 92 27.78 2.80 17.73
C MET B 92 27.56 1.33 18.04
N GLU B 93 26.87 0.61 17.16
CA GLU B 93 26.66 -0.83 17.31
C GLU B 93 27.14 -1.59 16.09
N PHE B 94 27.70 -2.77 16.35
CA PHE B 94 27.91 -3.79 15.33
C PHE B 94 27.63 -5.15 15.95
N LEU B 95 26.45 -5.72 15.67
CA LEU B 95 26.14 -7.09 16.08
C LEU B 95 26.78 -8.10 15.14
N GLN B 96 28.09 -8.28 15.27
CA GLN B 96 28.86 -9.13 14.35
C GLN B 96 28.43 -10.60 14.38
N GLY B 97 28.11 -11.10 15.57
CA GLY B 97 27.80 -12.51 15.76
C GLY B 97 29.08 -13.33 15.71
N ARG B 98 28.95 -14.65 15.79
CA ARG B 98 30.09 -15.54 15.65
C ARG B 98 30.63 -15.46 14.22
N ALA B 99 31.95 -15.45 14.09
CA ALA B 99 32.60 -15.27 12.80
C ALA B 99 32.93 -16.58 12.11
N LEU B 100 33.26 -17.61 12.90
CA LEU B 100 33.81 -18.86 12.38
C LEU B 100 32.98 -19.51 11.25
N THR B 101 31.78 -19.96 11.58
CA THR B 101 30.91 -20.65 10.62
C THR B 101 30.73 -19.85 9.31
N ASN B 102 30.62 -18.52 9.46
CA ASN B 102 30.36 -17.66 8.31
CA ASN B 102 30.36 -17.59 8.35
C ASN B 102 31.60 -17.28 7.50
N ALA B 103 32.77 -17.29 8.14
CA ALA B 103 34.02 -17.03 7.42
C ALA B 103 34.36 -18.24 6.56
N ILE B 104 34.32 -19.42 7.20
CA ILE B 104 34.52 -20.70 6.52
C ILE B 104 33.53 -20.87 5.37
N GLY B 105 32.29 -20.45 5.60
CA GLY B 105 31.25 -20.48 4.57
C GLY B 105 31.61 -19.61 3.38
N ASN B 106 31.94 -18.35 3.63
CA ASN B 106 32.28 -17.41 2.56
C ASN B 106 33.52 -17.81 1.77
N LEU B 107 34.49 -18.43 2.46
CA LEU B 107 35.70 -18.98 1.81
C LEU B 107 35.42 -20.29 1.07
N GLU B 108 34.25 -20.87 1.29
CA GLU B 108 33.86 -22.16 0.70
C GLU B 108 34.80 -23.28 1.11
N LEU B 109 35.18 -23.28 2.39
CA LEU B 109 36.03 -24.34 2.93
C LEU B 109 35.28 -25.10 4.03
N THR B 110 33.95 -24.97 4.02
CA THR B 110 33.10 -25.55 5.05
C THR B 110 33.13 -27.07 5.10
N GLY B 111 33.23 -27.72 3.94
CA GLY B 111 33.35 -29.17 3.88
C GLY B 111 34.71 -29.67 4.35
N GLN B 112 35.77 -28.99 3.94
CA GLN B 112 37.15 -29.41 4.26
C GLN B 112 37.55 -29.10 5.70
N TYR B 113 37.04 -28.01 6.28
CA TYR B 113 37.25 -27.73 7.70
C TYR B 113 36.53 -28.74 8.61
N ALA B 114 35.36 -29.19 8.18
CA ALA B 114 34.61 -30.19 8.93
C ALA B 114 35.41 -31.48 9.07
N GLU B 115 35.95 -31.95 7.94
CA GLU B 115 36.77 -33.17 7.93
C GLU B 115 38.06 -32.97 8.72
N ALA B 116 38.77 -31.88 8.46
CA ALA B 116 39.99 -31.54 9.19
C ALA B 116 39.80 -31.63 10.70
N LEU B 117 38.64 -31.20 11.19
CA LEU B 117 38.31 -31.28 12.61
C LEU B 117 38.00 -32.70 13.09
N LYS B 118 37.52 -33.57 12.20
CA LYS B 118 37.32 -34.98 12.57
C LYS B 118 38.66 -35.68 12.82
N GLN B 119 39.63 -35.43 11.95
CA GLN B 119 40.98 -35.99 12.10
C GLN B 119 41.59 -35.69 13.46
N LEU B 120 41.38 -34.47 13.94
CA LEU B 120 41.89 -34.01 15.24
C LEU B 120 41.00 -34.42 16.42
N GLY B 121 39.96 -35.20 16.13
CA GLY B 121 39.06 -35.71 17.18
C GLY B 121 38.05 -34.69 17.67
N HIS B 122 37.63 -33.79 16.78
CA HIS B 122 36.70 -32.73 17.12
C HIS B 122 35.54 -32.63 16.13
N ASN B 123 34.60 -31.73 16.39
CA ASN B 123 33.36 -31.60 15.64
C ASN B 123 33.07 -30.12 15.35
N LEU B 124 32.98 -29.75 14.08
CA LEU B 124 32.80 -28.36 13.67
C LEU B 124 31.67 -27.67 14.44
N GLU B 125 30.48 -28.27 14.41
CA GLU B 125 29.32 -27.68 15.09
C GLU B 125 29.62 -27.41 16.56
N ASP B 126 30.15 -28.43 17.24
CA ASP B 126 30.54 -28.35 18.65
C ASP B 126 31.59 -27.27 18.92
N VAL B 127 32.57 -27.16 18.02
CA VAL B 127 33.67 -26.20 18.15
C VAL B 127 33.18 -24.76 17.92
N ALA B 128 32.34 -24.59 16.91
CA ALA B 128 31.74 -23.28 16.61
C ALA B 128 30.97 -22.70 17.80
N SER B 129 30.31 -23.56 18.58
CA SER B 129 29.50 -23.14 19.72
C SER B 129 30.33 -22.70 20.93
N GLN B 130 31.65 -22.86 20.84
CA GLN B 130 32.56 -22.35 21.87
C GLN B 130 32.92 -20.89 21.65
N GLU B 131 32.60 -20.35 20.49
CA GLU B 131 32.89 -18.95 20.18
C GLU B 131 31.97 -18.02 20.96
N PRO B 132 32.54 -17.00 21.61
CA PRO B 132 31.71 -16.01 22.28
C PRO B 132 31.14 -15.00 21.27
N ASP B 133 29.89 -14.57 21.49
CA ASP B 133 29.31 -13.50 20.68
C ASP B 133 30.00 -12.16 20.99
N PRO B 134 30.64 -11.54 19.98
CA PRO B 134 31.31 -10.28 20.31
C PRO B 134 30.27 -9.30 20.82
N ALA B 135 30.51 -8.72 21.98
CA ALA B 135 29.55 -7.81 22.60
C ALA B 135 29.77 -6.40 22.05
N LEU B 136 29.67 -6.27 20.73
CA LEU B 136 29.98 -5.02 20.03
C LEU B 136 28.71 -4.28 19.57
N GLY B 137 27.55 -4.82 19.94
CA GLY B 137 26.26 -4.23 19.56
C GLY B 137 25.14 -4.73 20.45
N ASN B 138 23.91 -4.53 20.00
CA ASN B 138 22.74 -4.76 20.85
C ASN B 138 21.52 -5.26 20.08
N GLY B 139 20.99 -4.41 19.22
CA GLY B 139 19.76 -4.69 18.47
C GLY B 139 19.91 -4.40 16.99
N GLY B 140 18.77 -4.20 16.33
CA GLY B 140 18.68 -4.06 14.87
C GLY B 140 19.59 -3.02 14.25
N LEU B 141 19.77 -1.90 14.93
CA LEU B 141 20.63 -0.81 14.45
C LEU B 141 22.02 -1.35 14.11
N GLY B 142 22.58 -2.12 15.03
CA GLY B 142 23.91 -2.68 14.89
C GLY B 142 24.00 -3.92 14.01
N ARG B 143 22.91 -4.70 13.99
CA ARG B 143 22.87 -5.89 13.17
C ARG B 143 22.77 -5.52 11.70
N LEU B 144 22.00 -4.47 11.40
CA LEU B 144 21.93 -3.93 10.05
C LEU B 144 23.32 -3.58 9.55
N ALA B 145 24.07 -2.85 10.36
CA ALA B 145 25.43 -2.47 10.03
C ALA B 145 26.26 -3.70 9.67
N SER B 146 26.12 -4.75 10.48
CA SER B 146 26.85 -5.99 10.25
C SER B 146 26.45 -6.67 8.93
N CYS B 147 25.14 -6.80 8.70
CA CYS B 147 24.64 -7.34 7.42
C CYS B 147 25.22 -6.50 6.28
N PHE B 148 25.08 -5.18 6.39
CA PHE B 148 25.65 -4.22 5.43
C PHE B 148 27.13 -4.47 5.12
N LEU B 149 27.94 -4.82 6.12
CA LEU B 149 29.35 -5.09 5.87
C LEU B 149 29.55 -6.40 5.09
N ASP B 150 28.69 -7.39 5.33
CA ASP B 150 28.74 -8.66 4.58
C ASP B 150 28.43 -8.43 3.10
N SER B 151 27.37 -7.66 2.84
CA SER B 151 26.94 -7.35 1.48
C SER B 151 27.92 -6.47 0.70
N LEU B 152 28.49 -5.47 1.38
CA LEU B 152 29.50 -4.60 0.78
C LEU B 152 30.73 -5.39 0.30
N ALA B 153 31.19 -6.33 1.13
CA ALA B 153 32.34 -7.16 0.79
C ALA B 153 31.98 -8.16 -0.30
N THR B 154 30.89 -8.87 -0.09
CA THR B 154 30.38 -9.83 -1.08
C THR B 154 30.27 -9.19 -2.47
N LEU B 155 29.78 -7.96 -2.53
CA LEU B 155 29.57 -7.26 -3.82
C LEU B 155 30.77 -6.41 -4.29
N ASN B 156 31.92 -6.57 -3.65
CA ASN B 156 33.18 -5.94 -4.07
C ASN B 156 33.20 -4.41 -4.00
N TYR B 157 32.42 -3.83 -3.09
CA TYR B 157 32.45 -2.37 -2.88
C TYR B 157 33.56 -2.02 -1.89
N PRO B 158 34.31 -0.94 -2.18
CA PRO B 158 35.28 -0.46 -1.21
C PRO B 158 34.59 0.30 -0.10
N ALA B 159 34.51 -0.32 1.08
CA ALA B 159 33.77 0.24 2.20
C ALA B 159 34.27 -0.32 3.52
N TRP B 160 34.48 0.56 4.49
CA TRP B 160 34.86 0.15 5.84
C TRP B 160 33.76 0.48 6.84
N GLY B 161 33.76 -0.25 7.95
CA GLY B 161 32.99 0.12 9.12
C GLY B 161 33.91 0.77 10.14
N TYR B 162 33.40 1.79 10.83
CA TYR B 162 34.11 2.39 11.96
C TYR B 162 33.23 2.27 13.20
N GLY B 163 33.80 1.75 14.28
CA GLY B 163 33.07 1.55 15.53
C GLY B 163 33.97 1.62 16.75
N LEU B 164 33.41 1.28 17.92
CA LEU B 164 34.16 1.20 19.17
C LEU B 164 34.30 -0.24 19.62
N ARG B 165 35.42 -0.56 20.26
CA ARG B 165 35.68 -1.92 20.73
C ARG B 165 35.23 -2.11 22.17
N TYR B 166 33.94 -2.43 22.35
CA TYR B 166 33.37 -2.54 23.69
C TYR B 166 33.87 -3.79 24.42
N ARG B 167 34.25 -3.60 25.68
CA ARG B 167 34.75 -4.69 26.51
C ARG B 167 33.58 -5.52 27.05
N TYR B 168 32.69 -4.88 27.81
CA TYR B 168 31.66 -5.59 28.54
C TYR B 168 30.30 -5.61 27.84
N GLY B 169 30.21 -4.95 26.68
CA GLY B 169 28.99 -4.95 25.89
C GLY B 169 27.86 -4.23 26.57
N LEU B 170 26.62 -4.65 26.31
CA LEU B 170 25.45 -4.08 26.97
C LEU B 170 25.25 -4.81 28.29
N PHE B 171 24.80 -6.07 28.22
CA PHE B 171 24.91 -7.00 29.33
C PHE B 171 24.56 -8.42 28.89
N LYS B 172 25.13 -9.40 29.60
CA LYS B 172 24.77 -10.79 29.44
C LYS B 172 23.56 -11.01 30.32
N GLN B 173 22.46 -11.49 29.73
CA GLN B 173 21.19 -11.61 30.45
C GLN B 173 21.10 -12.99 31.09
N ILE B 174 20.79 -13.03 32.40
CA ILE B 174 20.50 -14.30 33.07
C ILE B 174 19.08 -14.25 33.61
N ILE B 175 18.40 -15.40 33.58
CA ILE B 175 17.05 -15.53 34.13
C ILE B 175 17.14 -16.34 35.42
N THR B 176 16.75 -15.72 36.53
CA THR B 176 16.61 -16.37 37.82
C THR B 176 15.13 -16.44 38.15
N LYS B 177 14.79 -16.88 39.36
CA LYS B 177 13.40 -16.87 39.80
C LYS B 177 12.91 -15.45 40.17
N ASP B 178 13.79 -14.45 40.06
CA ASP B 178 13.43 -13.05 40.25
C ASP B 178 13.22 -12.29 38.93
N GLY B 179 13.42 -12.98 37.80
CA GLY B 179 13.27 -12.36 36.49
C GLY B 179 14.63 -12.18 35.86
N GLN B 180 14.83 -11.08 35.15
CA GLN B 180 16.10 -10.83 34.48
C GLN B 180 17.09 -10.19 35.45
N GLU B 181 18.34 -10.61 35.34
CA GLU B 181 19.46 -9.94 35.98
C GLU B 181 20.55 -9.72 34.96
N GLU B 182 21.34 -8.67 35.17
CA GLU B 182 22.35 -8.25 34.20
C GLU B 182 23.77 -8.55 34.71
N VAL B 183 24.58 -9.09 33.81
CA VAL B 183 25.97 -9.43 34.10
C VAL B 183 26.84 -8.90 32.95
N ALA B 184 28.03 -8.41 33.27
CA ALA B 184 28.96 -7.92 32.25
C ALA B 184 29.52 -9.07 31.40
N GLU B 185 29.66 -8.81 30.10
CA GLU B 185 30.11 -9.82 29.13
C GLU B 185 31.60 -10.10 29.30
N ASN B 186 32.00 -11.33 28.94
CA ASN B 186 33.38 -11.78 29.13
C ASN B 186 34.14 -12.08 27.83
N TRP B 187 33.62 -11.60 26.70
CA TRP B 187 34.06 -12.06 25.39
C TRP B 187 35.54 -11.79 25.06
N LEU B 188 36.13 -10.79 25.72
CA LEU B 188 37.54 -10.44 25.49
C LEU B 188 38.53 -11.10 26.45
N GLU B 189 38.03 -11.78 27.48
CA GLU B 189 38.89 -12.36 28.53
C GLU B 189 40.13 -13.12 28.02
N MET B 190 39.99 -13.84 26.91
CA MET B 190 41.11 -14.57 26.28
C MET B 190 41.57 -13.93 24.97
N GLY B 191 41.09 -12.72 24.68
CA GLY B 191 41.41 -12.06 23.44
C GLY B 191 40.52 -12.51 22.29
N ASN B 192 40.39 -11.64 21.30
CA ASN B 192 39.58 -11.88 20.13
C ASN B 192 40.48 -12.37 18.97
N PRO B 193 40.32 -13.64 18.56
CA PRO B 193 41.20 -14.14 17.50
C PRO B 193 40.89 -13.56 16.11
N TRP B 194 39.80 -12.79 16.02
CA TRP B 194 39.34 -12.23 14.74
C TRP B 194 39.72 -10.76 14.53
N GLU B 195 40.75 -10.30 15.24
CA GLU B 195 41.19 -8.91 15.12
C GLU B 195 42.70 -8.78 15.03
N ILE B 196 43.13 -7.61 14.58
CA ILE B 196 44.55 -7.27 14.46
C ILE B 196 44.72 -5.87 15.02
N VAL B 197 45.58 -5.74 16.02
CA VAL B 197 45.90 -4.44 16.59
C VAL B 197 46.83 -3.72 15.63
N ARG B 198 46.56 -2.46 15.34
CA ARG B 198 47.45 -1.66 14.48
C ARG B 198 48.09 -0.57 15.32
N ASN B 199 49.24 -0.90 15.93
CA ASN B 199 49.91 0.00 16.87
C ASN B 199 50.47 1.29 16.23
N ASP B 200 50.72 1.26 14.93
CA ASP B 200 51.09 2.47 14.20
C ASP B 200 49.87 3.36 13.92
N VAL B 201 48.68 2.81 14.13
CA VAL B 201 47.43 3.55 13.92
C VAL B 201 46.88 4.00 15.27
N SER B 202 47.37 5.14 15.72
CA SER B 202 46.99 5.74 16.99
C SER B 202 46.62 7.19 16.72
N TYR B 203 45.48 7.65 17.22
CA TYR B 203 45.05 9.05 17.03
C TYR B 203 44.69 9.73 18.34
N PRO B 204 45.16 10.97 18.54
CA PRO B 204 44.76 11.71 19.75
C PRO B 204 43.32 12.22 19.68
N VAL B 205 42.63 12.14 20.81
CA VAL B 205 41.30 12.71 20.94
C VAL B 205 41.30 13.58 22.18
N LYS B 206 40.67 14.74 22.09
CA LYS B 206 40.73 15.73 23.16
C LYS B 206 39.34 16.01 23.74
N PHE B 207 39.29 16.18 25.06
CA PHE B 207 38.07 16.57 25.76
C PHE B 207 38.32 17.82 26.61
N TYR B 208 37.26 18.60 26.81
CA TYR B 208 37.31 19.87 27.55
C TYR B 208 38.25 20.88 26.86
N GLY B 209 39.03 21.63 27.63
CA GLY B 209 39.92 22.63 27.09
C GLY B 209 39.21 23.94 26.79
N LYS B 210 39.86 24.81 26.02
CA LYS B 210 39.25 26.06 25.57
C LYS B 210 39.85 26.45 24.23
N VAL B 211 39.14 27.35 23.53
CA VAL B 211 39.60 27.85 22.24
C VAL B 211 40.24 29.23 22.43
N VAL B 212 41.36 29.45 21.77
CA VAL B 212 42.00 30.76 21.71
C VAL B 212 42.34 31.10 20.28
N GLU B 213 42.23 32.38 19.93
CA GLU B 213 42.60 32.85 18.61
C GLU B 213 44.07 33.25 18.65
N GLY B 214 44.91 32.45 18.00
CA GLY B 214 46.34 32.71 17.90
C GLY B 214 46.59 33.58 16.69
N THR B 215 47.09 34.79 16.94
CA THR B 215 47.19 35.84 15.92
C THR B 215 47.68 35.31 14.58
N ASP B 216 46.82 35.45 13.59
CA ASP B 216 46.70 34.53 12.45
C ASP B 216 45.23 34.16 12.28
N GLY B 217 44.32 35.02 12.75
CA GLY B 217 42.90 34.70 12.85
C GLY B 217 42.59 33.24 13.17
N ARG B 218 43.64 32.44 13.37
CA ARG B 218 43.52 31.01 13.37
C ARG B 218 43.11 30.51 14.75
N LYS B 219 42.08 29.67 14.78
CA LYS B 219 41.57 29.11 16.02
C LYS B 219 42.45 27.93 16.44
N HIS B 220 42.70 27.82 17.74
CA HIS B 220 43.46 26.70 18.28
C HIS B 220 42.76 26.15 19.52
N TRP B 221 42.50 24.85 19.53
CA TRP B 221 41.86 24.18 20.65
C TRP B 221 42.93 23.60 21.56
N ILE B 222 43.04 24.14 22.77
CA ILE B 222 44.12 23.79 23.70
C ILE B 222 43.61 23.25 25.03
N GLY B 223 44.52 22.66 25.79
CA GLY B 223 44.22 22.19 27.14
C GLY B 223 43.38 20.94 27.19
N GLY B 224 42.66 20.77 28.30
CA GLY B 224 41.72 19.67 28.48
C GLY B 224 42.38 18.32 28.77
N GLU B 225 41.62 17.26 28.54
CA GLU B 225 42.11 15.88 28.65
C GLU B 225 42.55 15.41 27.27
N ASN B 226 43.56 14.55 27.22
CA ASN B 226 43.97 13.91 25.96
C ASN B 226 44.09 12.39 26.11
N ILE B 227 43.45 11.66 25.19
CA ILE B 227 43.50 10.20 25.19
C ILE B 227 44.02 9.73 23.83
N LYS B 228 44.18 8.41 23.69
CA LYS B 228 44.54 7.83 22.40
C LYS B 228 43.49 6.83 21.97
N ALA B 229 43.19 6.83 20.68
CA ALA B 229 42.38 5.80 20.06
C ALA B 229 43.29 4.92 19.22
N VAL B 230 43.37 3.64 19.57
CA VAL B 230 44.18 2.67 18.84
C VAL B 230 43.26 1.78 18.01
N ALA B 231 43.73 1.38 16.83
CA ALA B 231 42.89 0.63 15.89
C ALA B 231 42.99 -0.87 16.11
N HIS B 232 41.83 -1.52 16.11
CA HIS B 232 41.72 -2.97 16.16
C HIS B 232 40.87 -3.40 14.97
N ASP B 233 41.52 -3.93 13.94
CA ASP B 233 40.85 -4.24 12.68
C ASP B 233 40.19 -5.61 12.70
N VAL B 234 38.92 -5.66 12.26
CA VAL B 234 38.18 -6.91 12.10
C VAL B 234 37.84 -7.11 10.60
N PRO B 235 38.61 -7.97 9.91
CA PRO B 235 38.37 -8.27 8.49
C PRO B 235 36.95 -8.74 8.22
N ILE B 236 36.43 -8.42 7.04
CA ILE B 236 35.11 -8.84 6.63
C ILE B 236 35.21 -9.58 5.31
N PRO B 237 35.27 -10.92 5.34
CA PRO B 237 35.39 -11.66 4.09
C PRO B 237 34.09 -11.68 3.31
N GLY B 238 34.15 -11.37 2.02
CA GLY B 238 33.00 -11.49 1.14
C GLY B 238 32.75 -12.94 0.74
N TYR B 239 31.56 -13.21 0.25
CA TYR B 239 31.17 -14.54 -0.22
C TYR B 239 31.53 -14.75 -1.70
N LYS B 240 32.23 -15.85 -1.98
CA LYS B 240 32.69 -16.19 -3.34
C LYS B 240 33.52 -15.06 -3.95
N THR B 241 34.43 -14.51 -3.15
CA THR B 241 35.30 -13.42 -3.60
C THR B 241 36.53 -13.28 -2.70
N LYS B 242 37.59 -12.69 -3.24
CA LYS B 242 38.79 -12.38 -2.47
C LYS B 242 38.58 -11.12 -1.66
N THR B 243 37.69 -10.24 -2.12
CA THR B 243 37.44 -8.97 -1.44
C THR B 243 37.22 -9.19 0.05
N THR B 244 38.12 -8.62 0.85
CA THR B 244 37.97 -8.60 2.30
C THR B 244 38.08 -7.15 2.78
N ASN B 245 36.94 -6.54 3.09
CA ASN B 245 36.90 -5.20 3.63
C ASN B 245 37.28 -5.22 5.11
N ASN B 246 37.01 -4.12 5.83
CA ASN B 246 37.50 -3.97 7.20
C ASN B 246 36.46 -3.35 8.13
N LEU B 247 36.46 -3.79 9.39
CA LEU B 247 35.78 -3.08 10.46
C LEU B 247 36.85 -2.57 11.43
N ARG B 248 37.10 -1.27 11.39
CA ARG B 248 38.10 -0.64 12.26
C ARG B 248 37.44 -0.29 13.60
N LEU B 249 37.96 -0.86 14.69
CA LEU B 249 37.41 -0.64 16.03
C LEU B 249 38.39 0.08 16.95
N TRP B 250 37.95 1.19 17.52
CA TRP B 250 38.79 2.01 18.38
C TRP B 250 38.79 1.54 19.83
N SER B 251 39.98 1.34 20.39
CA SER B 251 40.15 1.06 21.80
C SER B 251 40.82 2.27 22.47
N THR B 252 40.16 2.81 23.49
CA THR B 252 40.66 4.00 24.19
C THR B 252 41.63 3.65 25.33
N THR B 253 42.70 4.43 25.43
CA THR B 253 43.71 4.23 26.48
C THR B 253 44.57 5.49 26.60
N VAL B 254 45.53 5.48 27.53
CA VAL B 254 46.53 6.55 27.65
C VAL B 254 47.92 5.92 27.83
N PRO B 255 48.98 6.69 27.55
CA PRO B 255 50.32 6.12 27.69
C PRO B 255 50.68 5.78 29.14
N SER B 256 51.39 4.67 29.32
CA SER B 256 51.79 4.19 30.64
C SER B 256 52.26 5.30 31.57
N GLN B 257 52.97 6.29 31.03
CA GLN B 257 53.49 7.41 31.82
C GLN B 257 52.43 8.31 32.46
N ASN B 258 51.17 8.19 32.05
CA ASN B 258 50.07 8.90 32.71
C ASN B 258 49.70 8.29 34.06
N PHE B 259 50.25 7.11 34.36
CA PHE B 259 50.07 6.45 35.66
C PHE B 259 50.86 7.23 36.72
N ASP B 260 50.19 7.59 37.81
CA ASP B 260 50.80 8.43 38.85
C ASP B 260 51.43 7.57 39.96
N LEU B 261 52.73 7.33 39.83
CA LEU B 261 53.49 6.54 40.82
C LEU B 261 53.45 7.16 42.22
N GLY B 262 53.54 8.49 42.28
CA GLY B 262 53.48 9.22 43.53
C GLY B 262 52.22 8.90 44.31
N ALA B 263 51.08 8.93 43.61
CA ALA B 263 49.81 8.55 44.19
C ALA B 263 49.80 7.07 44.59
N PHE B 264 50.31 6.21 43.72
CA PHE B 264 50.31 4.76 43.97
C PHE B 264 51.17 4.40 45.18
N ASN B 265 52.34 4.99 45.31
CA ASN B 265 53.23 4.70 46.43
C ASN B 265 52.78 5.38 47.73
N ALA B 266 51.94 6.40 47.61
CA ALA B 266 51.33 7.02 48.78
C ALA B 266 50.16 6.20 49.32
N GLY B 267 49.70 5.23 48.55
CA GLY B 267 48.62 4.32 48.97
C GLY B 267 47.34 4.54 48.17
N ASP B 268 47.23 5.69 47.53
CA ASP B 268 46.04 6.03 46.77
C ASP B 268 46.13 5.39 45.39
N HIS B 269 45.81 4.11 45.34
CA HIS B 269 45.97 3.30 44.13
C HIS B 269 44.93 3.64 43.06
N ALA B 270 43.75 4.07 43.48
CA ALA B 270 42.69 4.45 42.53
C ALA B 270 43.08 5.74 41.81
N LYS B 271 43.56 6.72 42.58
CA LYS B 271 44.03 7.98 42.01
C LYS B 271 45.15 7.74 41.00
N ALA B 272 46.09 6.88 41.36
CA ALA B 272 47.18 6.49 40.46
C ALA B 272 46.67 5.97 39.13
N ASN B 273 45.49 5.34 39.16
CA ASN B 273 44.88 4.70 38.00
C ASN B 273 43.83 5.58 37.29
N GLU B 274 43.54 6.74 37.86
CA GLU B 274 42.45 7.60 37.42
C GLU B 274 42.49 7.93 35.92
N ALA B 275 43.68 8.29 35.42
CA ALA B 275 43.82 8.72 34.03
C ALA B 275 43.49 7.58 33.07
N HIS B 276 43.98 6.39 33.41
CA HIS B 276 43.70 5.18 32.64
C HIS B 276 42.23 4.80 32.68
N LEU B 277 41.62 4.87 33.86
CA LEU B 277 40.19 4.55 33.99
C LEU B 277 39.35 5.47 33.11
N ASN B 278 39.69 6.76 33.11
CA ASN B 278 38.94 7.74 32.34
C ASN B 278 39.00 7.51 30.82
N ALA B 279 40.18 7.15 30.33
CA ALA B 279 40.33 6.79 28.93
C ALA B 279 39.57 5.50 28.66
N GLU B 280 39.85 4.48 29.46
CA GLU B 280 39.39 3.11 29.18
C GLU B 280 37.87 2.92 29.29
N LYS B 281 37.25 3.61 30.25
CA LYS B 281 35.82 3.45 30.50
C LYS B 281 34.96 3.79 29.28
N ILE B 282 35.51 4.60 28.37
CA ILE B 282 34.84 4.94 27.11
C ILE B 282 34.45 3.67 26.34
N CYS B 283 35.28 2.63 26.44
CA CYS B 283 35.03 1.39 25.75
C CYS B 283 34.46 0.28 26.64
N HIS B 284 34.03 0.58 27.87
CA HIS B 284 33.54 -0.47 28.77
C HIS B 284 32.15 -0.97 28.40
N VAL B 285 31.18 -0.06 28.41
CA VAL B 285 29.77 -0.44 28.26
C VAL B 285 29.14 0.26 27.06
N LEU B 286 28.28 -0.46 26.35
CA LEU B 286 27.55 0.09 25.22
C LEU B 286 26.29 0.80 25.73
N TYR B 287 26.07 2.03 25.27
CA TYR B 287 24.97 2.88 25.75
C TYR B 287 24.90 2.97 27.26
N PRO B 288 25.99 3.46 27.90
CA PRO B 288 25.97 3.56 29.36
C PRO B 288 24.82 4.43 29.85
N GLY B 289 24.35 4.18 31.08
CA GLY B 289 23.26 4.96 31.64
C GLY B 289 23.62 6.43 31.72
N ASP B 290 22.67 7.29 31.33
CA ASP B 290 22.90 8.74 31.22
C ASP B 290 21.91 9.60 31.99
N GLU B 291 21.30 9.05 33.04
CA GLU B 291 20.46 9.82 33.94
C GLU B 291 21.31 10.56 34.99
N SER B 292 22.56 10.84 34.62
CA SER B 292 23.53 11.47 35.51
C SER B 292 24.47 12.29 34.64
N SER B 293 24.92 13.42 35.15
CA SER B 293 25.82 14.28 34.38
C SER B 293 27.11 13.53 34.03
N GLU B 294 27.49 12.56 34.87
CA GLU B 294 28.69 11.75 34.60
CA GLU B 294 28.67 11.74 34.62
C GLU B 294 28.44 10.78 33.46
N GLY B 295 27.23 10.23 33.38
CA GLY B 295 26.85 9.30 32.31
C GLY B 295 26.68 9.96 30.95
N LYS B 296 26.16 11.18 30.96
CA LYS B 296 25.98 11.95 29.73
C LYS B 296 27.33 12.35 29.14
N ILE B 297 28.25 12.80 29.99
CA ILE B 297 29.61 13.14 29.56
C ILE B 297 30.29 11.95 28.88
N LEU B 298 30.07 10.74 29.42
CA LEU B 298 30.70 9.52 28.89
C LEU B 298 30.10 9.12 27.56
N ARG B 299 28.76 9.07 27.55
CA ARG B 299 27.98 8.88 26.33
C ARG B 299 28.43 9.82 25.20
N LEU B 300 28.76 11.05 25.57
CA LEU B 300 29.15 12.09 24.62
C LEU B 300 30.62 11.95 24.18
N LYS B 301 31.48 11.58 25.11
CA LYS B 301 32.88 11.24 24.81
C LYS B 301 32.96 10.04 23.86
N GLN B 302 32.11 9.04 24.09
CA GLN B 302 32.03 7.87 23.20
C GLN B 302 31.81 8.29 21.76
N GLN B 303 30.88 9.23 21.55
CA GLN B 303 30.49 9.66 20.22
C GLN B 303 31.56 10.49 19.54
N TYR B 304 32.16 11.43 20.28
CA TYR B 304 33.25 12.23 19.73
C TYR B 304 34.48 11.37 19.41
N THR B 305 34.75 10.39 20.27
CA THR B 305 35.87 9.47 20.06
C THR B 305 35.70 8.77 18.73
N LEU B 306 34.52 8.20 18.51
CA LEU B 306 34.19 7.51 17.27
C LEU B 306 34.37 8.44 16.07
N CYS B 307 33.79 9.64 16.16
CA CYS B 307 33.82 10.60 15.06
C CYS B 307 35.22 11.16 14.79
N SER B 308 35.91 11.58 15.85
CA SER B 308 37.21 12.22 15.69
C SER B 308 38.27 11.26 15.19
N ALA B 309 38.41 10.12 15.88
CA ALA B 309 39.40 9.11 15.49
C ALA B 309 39.16 8.67 14.05
N SER B 310 37.90 8.33 13.73
CA SER B 310 37.55 7.85 12.42
C SER B 310 37.86 8.86 11.31
N LEU B 311 37.49 10.14 11.52
CA LEU B 311 37.75 11.16 10.52
C LEU B 311 39.24 11.45 10.38
N GLN B 312 39.95 11.50 11.51
CA GLN B 312 41.40 11.68 11.46
C GLN B 312 42.07 10.58 10.64
N ASP B 313 41.54 9.36 10.75
CA ASP B 313 42.05 8.22 10.00
C ASP B 313 41.74 8.36 8.52
N ILE B 314 40.47 8.65 8.21
CA ILE B 314 40.01 8.89 6.85
C ILE B 314 40.82 10.00 6.18
N ILE B 315 40.99 11.11 6.91
CA ILE B 315 41.78 12.24 6.43
C ILE B 315 43.19 11.78 6.07
N SER B 316 43.82 11.04 6.98
CA SER B 316 45.17 10.53 6.80
C SER B 316 45.33 9.70 5.52
N ARG B 317 44.36 8.84 5.24
CA ARG B 317 44.41 7.93 4.08
C ARG B 317 44.24 8.69 2.75
N PHE B 318 43.34 9.66 2.73
CA PHE B 318 43.16 10.55 1.57
C PHE B 318 44.49 11.24 1.22
N GLU B 319 45.15 11.78 2.24
CA GLU B 319 46.42 12.48 2.06
C GLU B 319 47.51 11.59 1.46
N SER B 320 47.74 10.43 2.08
CA SER B 320 48.80 9.54 1.62
C SER B 320 48.55 9.03 0.20
N ARG B 321 47.27 8.80 -0.14
CA ARG B 321 46.90 8.33 -1.48
C ARG B 321 47.06 9.40 -2.56
N ALA B 322 46.70 10.64 -2.24
CA ALA B 322 46.78 11.74 -3.19
C ALA B 322 48.23 12.18 -3.45
N GLY B 323 49.06 12.11 -2.43
CA GLY B 323 50.48 12.40 -2.57
C GLY B 323 50.75 13.86 -2.89
N ASP B 324 51.55 14.10 -3.93
CA ASP B 324 51.90 15.46 -4.35
C ASP B 324 50.67 16.20 -4.86
N SER B 325 49.97 15.58 -5.80
CA SER B 325 48.76 16.16 -6.39
C SER B 325 47.59 16.05 -5.42
N LEU B 326 47.54 16.95 -4.44
CA LEU B 326 46.53 16.93 -3.40
C LEU B 326 45.63 18.16 -3.48
N ASN B 327 44.35 17.94 -3.75
CA ASN B 327 43.35 19.01 -3.80
C ASN B 327 42.15 18.62 -2.95
N TRP B 328 41.83 19.44 -1.96
CA TRP B 328 40.77 19.10 -0.99
C TRP B 328 39.37 19.14 -1.60
N GLU B 329 39.22 19.84 -2.73
CA GLU B 329 37.98 19.82 -3.48
C GLU B 329 37.59 18.38 -3.87
N ASP B 330 38.59 17.53 -4.04
CA ASP B 330 38.36 16.13 -4.42
C ASP B 330 37.89 15.25 -3.27
N PHE B 331 37.83 15.78 -2.05
CA PHE B 331 37.50 14.97 -0.87
C PHE B 331 36.15 14.25 -0.99
N PRO B 332 35.07 14.98 -1.30
CA PRO B 332 33.78 14.29 -1.43
C PRO B 332 33.65 13.37 -2.67
N SER B 333 34.58 13.46 -3.62
CA SER B 333 34.60 12.53 -4.75
C SER B 333 35.42 11.28 -4.43
N LYS B 334 36.13 11.29 -3.31
CA LYS B 334 36.90 10.13 -2.83
C LYS B 334 36.35 9.53 -1.53
N VAL B 335 35.57 10.30 -0.78
CA VAL B 335 35.13 9.91 0.57
C VAL B 335 33.63 10.09 0.74
N ALA B 336 32.97 9.04 1.24
CA ALA B 336 31.58 9.11 1.68
C ALA B 336 31.52 8.62 3.12
N VAL B 337 31.04 9.46 4.04
CA VAL B 337 30.87 9.07 5.44
C VAL B 337 29.38 9.00 5.76
N GLN B 338 28.94 7.85 6.25
CA GLN B 338 27.52 7.59 6.53
C GLN B 338 27.29 7.49 8.03
N MET B 339 26.43 8.35 8.55
CA MET B 339 26.09 8.35 9.97
C MET B 339 24.86 7.47 10.19
N ASN B 340 25.08 6.34 10.87
CA ASN B 340 23.99 5.47 11.27
C ASN B 340 23.32 6.08 12.50
N ASP B 341 22.11 6.62 12.31
CA ASP B 341 21.41 7.35 13.38
C ASP B 341 22.14 8.66 13.72
N THR B 342 21.73 9.33 14.80
CA THR B 342 22.33 10.62 15.17
C THR B 342 23.59 10.49 16.04
N HIS B 343 23.89 9.30 16.52
CA HIS B 343 25.03 9.11 17.42
C HIS B 343 26.33 9.69 16.86
N PRO B 344 26.60 9.51 15.55
CA PRO B 344 27.82 10.10 14.98
C PRO B 344 27.67 11.53 14.40
N THR B 345 26.68 12.29 14.87
CA THR B 345 26.40 13.66 14.37
C THR B 345 27.64 14.56 14.38
N LEU B 346 28.46 14.43 15.42
CA LEU B 346 29.67 15.24 15.60
C LEU B 346 30.65 15.15 14.43
N CYS B 347 30.51 14.16 13.56
CA CYS B 347 31.26 14.11 12.30
C CYS B 347 31.21 15.45 11.56
N ILE B 348 30.03 16.05 11.49
CA ILE B 348 29.83 17.31 10.78
C ILE B 348 30.72 18.43 11.32
N PRO B 349 30.50 18.87 12.58
CA PRO B 349 31.39 19.92 13.11
C PRO B 349 32.86 19.50 13.22
N GLU B 350 33.11 18.22 13.49
CA GLU B 350 34.48 17.71 13.57
C GLU B 350 35.20 17.83 12.24
N LEU B 351 34.51 17.53 11.14
CA LEU B 351 35.12 17.65 9.82
C LEU B 351 35.42 19.12 9.53
N MET B 352 34.47 20.00 9.87
CA MET B 352 34.68 21.43 9.75
C MET B 352 35.90 21.84 10.55
N ARG B 353 35.98 21.35 11.78
CA ARG B 353 37.10 21.65 12.68
C ARG B 353 38.43 21.36 11.99
N ILE B 354 38.58 20.14 11.49
CA ILE B 354 39.86 19.70 10.92
C ILE B 354 40.22 20.44 9.64
N LEU B 355 39.26 20.55 8.71
CA LEU B 355 39.50 21.23 7.44
C LEU B 355 39.94 22.68 7.65
N MET B 356 39.28 23.39 8.56
CA MET B 356 39.63 24.79 8.82
C MET B 356 40.86 24.92 9.72
N ASP B 357 40.74 24.43 10.95
CA ASP B 357 41.78 24.69 11.96
C ASP B 357 43.11 24.01 11.64
N ILE B 358 43.07 22.82 11.03
CA ILE B 358 44.30 22.08 10.74
C ILE B 358 44.76 22.21 9.30
N LYS B 359 43.84 22.12 8.35
CA LYS B 359 44.20 22.13 6.93
C LYS B 359 44.20 23.54 6.35
N GLY B 360 43.54 24.48 7.02
CA GLY B 360 43.58 25.90 6.64
C GLY B 360 42.55 26.32 5.61
N LEU B 361 41.52 25.50 5.42
CA LEU B 361 40.46 25.83 4.46
C LEU B 361 39.56 26.94 5.03
N SER B 362 38.86 27.62 4.12
CA SER B 362 37.90 28.64 4.53
C SER B 362 36.57 27.98 4.89
N TRP B 363 35.66 28.76 5.48
CA TRP B 363 34.39 28.23 5.96
C TRP B 363 33.59 27.58 4.83
N ASN B 364 33.35 28.33 3.75
CA ASN B 364 32.54 27.85 2.64
C ASN B 364 33.21 26.70 1.90
N GLU B 365 34.53 26.74 1.80
CA GLU B 365 35.32 25.65 1.23
C GLU B 365 35.14 24.37 2.06
N ALA B 366 35.20 24.51 3.39
CA ALA B 366 35.04 23.39 4.30
C ALA B 366 33.60 22.87 4.37
N TRP B 367 32.63 23.79 4.37
CA TRP B 367 31.21 23.42 4.44
C TRP B 367 30.77 22.63 3.22
N SER B 368 31.17 23.11 2.04
CA SER B 368 30.83 22.43 0.78
C SER B 368 31.34 21.00 0.76
N ILE B 369 32.56 20.80 1.25
CA ILE B 369 33.18 19.47 1.32
C ILE B 369 32.44 18.60 2.33
N THR B 370 32.06 19.20 3.45
CA THR B 370 31.36 18.48 4.50
C THR B 370 29.98 18.05 4.04
N GLU B 371 29.19 19.01 3.56
CA GLU B 371 27.83 18.74 3.11
C GLU B 371 27.79 17.64 2.04
N ARG B 372 28.82 17.55 1.20
CA ARG B 372 28.89 16.55 0.13
C ARG B 372 29.53 15.22 0.54
N THR B 373 30.20 15.20 1.70
CA THR B 373 30.82 13.97 2.22
C THR B 373 29.89 13.17 3.12
N VAL B 374 29.09 13.87 3.92
CA VAL B 374 28.28 13.25 4.97
C VAL B 374 26.86 12.94 4.51
N ALA B 375 26.31 11.83 4.97
CA ALA B 375 24.89 11.52 4.80
C ALA B 375 24.34 10.90 6.09
N TYR B 376 23.02 10.98 6.26
CA TYR B 376 22.36 10.61 7.52
C TYR B 376 21.26 9.59 7.29
N THR B 377 21.30 8.49 8.05
CA THR B 377 20.23 7.51 8.04
C THR B 377 19.46 7.56 9.36
N ASN B 378 18.14 7.67 9.25
CA ASN B 378 17.25 7.83 10.38
C ASN B 378 16.44 6.57 10.57
N HIS B 379 16.38 6.07 11.80
CA HIS B 379 15.63 4.86 12.14
C HIS B 379 14.44 5.13 13.08
N THR B 380 14.14 6.39 13.34
CA THR B 380 13.12 6.76 14.31
C THR B 380 11.84 7.25 13.64
N VAL B 381 10.70 6.89 14.21
CA VAL B 381 9.39 7.27 13.68
C VAL B 381 8.73 8.40 14.48
N LEU B 382 9.11 8.54 15.76
CA LEU B 382 8.63 9.65 16.60
C LEU B 382 9.58 10.85 16.50
N PRO B 383 9.04 12.07 16.35
CA PRO B 383 9.91 13.25 16.32
C PRO B 383 10.36 13.73 17.70
N GLU B 384 9.91 13.07 18.77
CA GLU B 384 10.35 13.39 20.13
C GLU B 384 11.42 12.41 20.64
N ALA B 385 11.68 11.34 19.88
CA ALA B 385 12.70 10.37 20.24
C ALA B 385 14.09 10.71 19.64
N LEU B 386 14.19 11.88 19.02
CA LEU B 386 15.42 12.33 18.38
C LEU B 386 16.41 12.91 19.40
N GLU B 387 17.68 12.54 19.24
CA GLU B 387 18.73 12.82 20.23
C GLU B 387 18.96 14.32 20.46
N LYS B 388 18.92 14.73 21.73
CA LYS B 388 19.20 16.09 22.16
C LYS B 388 20.31 16.09 23.21
N TRP B 389 21.07 17.18 23.28
CA TRP B 389 22.06 17.36 24.35
C TRP B 389 21.89 18.72 25.00
N SER B 390 22.19 18.78 26.29
CA SER B 390 22.33 20.04 26.99
C SER B 390 23.50 20.81 26.36
N LEU B 391 23.24 22.06 25.98
CA LEU B 391 24.27 22.91 25.39
C LEU B 391 25.39 23.15 26.40
N ASP B 392 25.01 23.40 27.65
CA ASP B 392 25.98 23.63 28.72
C ASP B 392 27.01 22.50 28.78
N ILE B 393 26.53 21.26 28.80
CA ILE B 393 27.42 20.10 28.86
C ILE B 393 28.32 20.03 27.63
N MET B 394 27.73 20.15 26.44
CA MET B 394 28.50 20.10 25.20
C MET B 394 29.47 21.28 25.07
N GLN B 395 29.06 22.45 25.56
CA GLN B 395 29.91 23.65 25.55
C GLN B 395 31.16 23.45 26.42
N LYS B 396 30.98 22.80 27.56
CA LYS B 396 32.09 22.51 28.47
C LYS B 396 33.07 21.49 27.90
N LEU B 397 32.53 20.42 27.32
CA LEU B 397 33.33 19.30 26.81
C LEU B 397 33.97 19.58 25.45
N LEU B 398 33.18 20.09 24.51
CA LEU B 398 33.65 20.38 23.15
C LEU B 398 33.34 21.83 22.80
N PRO B 399 34.06 22.79 23.41
CA PRO B 399 33.77 24.21 23.18
C PRO B 399 33.97 24.66 21.73
N ARG B 400 34.97 24.08 21.05
CA ARG B 400 35.25 24.45 19.66
C ARG B 400 34.17 23.94 18.72
N HIS B 401 33.57 22.79 19.05
CA HIS B 401 32.49 22.26 18.23
C HIS B 401 31.21 23.06 18.35
N VAL B 402 30.98 23.65 19.54
CA VAL B 402 29.83 24.53 19.75
C VAL B 402 29.98 25.83 18.96
N GLU B 403 31.19 26.39 18.94
CA GLU B 403 31.47 27.56 18.10
C GLU B 403 31.07 27.27 16.65
N ILE B 404 31.51 26.12 16.14
CA ILE B 404 31.22 25.71 14.77
C ILE B 404 29.72 25.50 14.58
N ILE B 405 29.11 24.74 15.48
CA ILE B 405 27.66 24.52 15.44
C ILE B 405 26.90 25.85 15.47
N GLU B 406 27.35 26.77 16.32
CA GLU B 406 26.75 28.11 16.40
C GLU B 406 26.74 28.79 15.04
N THR B 407 27.88 28.73 14.34
CA THR B 407 28.01 29.32 13.01
C THR B 407 27.10 28.63 12.00
N ILE B 408 27.02 27.30 12.06
CA ILE B 408 26.14 26.54 11.16
C ILE B 408 24.68 26.95 11.38
N ASP B 409 24.29 27.10 12.65
CA ASP B 409 22.92 27.44 12.99
C ASP B 409 22.56 28.86 12.55
N GLU B 410 23.52 29.77 12.58
CA GLU B 410 23.31 31.14 12.11
C GLU B 410 23.10 31.16 10.60
N GLU B 411 23.93 30.41 9.87
CA GLU B 411 23.76 30.27 8.42
C GLU B 411 22.37 29.72 8.09
N LEU B 412 22.06 28.55 8.66
CA LEU B 412 20.77 27.91 8.45
C LEU B 412 19.62 28.89 8.56
N MET B 413 19.69 29.77 9.56
CA MET B 413 18.61 30.70 9.84
C MET B 413 18.54 31.86 8.87
N ASN B 414 19.71 32.30 8.37
CA ASN B 414 19.75 33.30 7.29
C ASN B 414 19.21 32.74 5.97
N ASN B 415 19.43 31.45 5.74
CA ASN B 415 18.88 30.76 4.57
C ASN B 415 17.36 30.58 4.65
N ILE B 416 16.83 30.43 5.87
CA ILE B 416 15.38 30.40 6.09
C ILE B 416 14.80 31.79 5.86
N VAL B 417 15.48 32.80 6.40
CA VAL B 417 15.14 34.20 6.15
C VAL B 417 15.03 34.48 4.64
N SER B 418 16.00 33.99 3.88
CA SER B 418 16.02 34.17 2.42
C SER B 418 14.83 33.54 1.69
N LYS B 419 14.26 32.49 2.26
CA LYS B 419 13.28 31.64 1.55
C LYS B 419 11.82 31.77 1.97
N TYR B 420 11.50 32.60 2.96
CA TYR B 420 10.16 32.50 3.58
C TYR B 420 9.41 33.79 3.92
N GLY B 421 10.07 34.75 4.56
CA GLY B 421 9.34 35.87 5.11
C GLY B 421 10.14 37.12 5.45
N THR B 422 9.84 37.66 6.65
CA THR B 422 10.01 39.07 7.02
C THR B 422 8.64 39.70 6.89
N ALA B 423 8.00 39.46 5.75
CA ALA B 423 6.64 39.96 5.49
C ALA B 423 5.63 39.22 6.37
N ASP B 424 5.53 37.91 6.18
CA ASP B 424 4.86 37.09 7.17
C ASP B 424 5.90 36.83 8.25
N ILE B 425 5.45 36.64 9.49
CA ILE B 425 6.37 36.33 10.60
C ILE B 425 5.95 35.08 11.35
N SER B 426 4.72 35.05 11.85
CA SER B 426 4.25 33.89 12.61
C SER B 426 4.58 32.62 11.83
N LEU B 427 4.59 32.73 10.50
CA LEU B 427 5.15 31.70 9.64
C LEU B 427 6.63 31.49 9.94
N LEU B 428 7.40 32.57 9.82
CA LEU B 428 8.84 32.53 10.04
C LEU B 428 9.19 32.01 11.44
N LYS B 429 8.45 32.47 12.42
CA LYS B 429 8.55 31.98 13.79
C LYS B 429 8.50 30.45 13.79
N GLN B 430 7.51 29.90 13.10
CA GLN B 430 7.31 28.44 13.05
C GLN B 430 8.44 27.72 12.30
N LYS B 431 8.86 28.26 11.17
CA LYS B 431 9.98 27.68 10.40
C LYS B 431 11.28 27.67 11.18
N LEU B 432 11.51 28.73 11.96
CA LEU B 432 12.73 28.84 12.77
C LEU B 432 12.72 27.89 13.96
N LYS B 433 11.55 27.66 14.57
CA LYS B 433 11.44 26.69 15.65
C LYS B 433 11.77 25.28 15.15
N ASP B 434 10.99 24.81 14.19
CA ASP B 434 11.11 23.44 13.67
C ASP B 434 12.54 23.05 13.30
N MET B 435 13.27 23.99 12.70
CA MET B 435 14.55 23.67 12.07
C MET B 435 15.79 24.05 12.90
N ARG B 436 15.65 24.96 13.85
CA ARG B 436 16.78 25.39 14.69
C ARG B 436 17.55 24.23 15.31
N ILE B 437 18.88 24.30 15.24
CA ILE B 437 19.74 23.31 15.90
C ILE B 437 19.86 23.62 17.39
N LEU B 438 20.09 24.90 17.71
CA LEU B 438 20.20 25.35 19.10
C LEU B 438 18.88 25.93 19.58
N ASP B 439 18.17 25.16 20.42
CA ASP B 439 16.84 25.57 20.88
C ASP B 439 16.94 26.33 22.18
N ASN B 440 16.09 27.35 22.33
CA ASN B 440 16.07 28.23 23.50
C ASN B 440 17.41 28.92 23.70
N VAL B 441 17.89 29.55 22.63
CA VAL B 441 19.14 30.31 22.64
C VAL B 441 18.84 31.71 22.06
N ASP B 442 19.58 32.72 22.51
CA ASP B 442 19.45 34.04 21.93
C ASP B 442 19.78 33.98 20.45
N LEU B 443 18.89 34.52 19.62
CA LEU B 443 19.09 34.53 18.17
C LEU B 443 20.31 35.39 17.81
N PRO B 444 21.02 35.03 16.73
CA PRO B 444 22.05 35.91 16.18
C PRO B 444 21.52 37.31 15.91
N ALA B 445 22.39 38.31 16.04
CA ALA B 445 22.00 39.72 15.89
C ALA B 445 21.16 39.97 14.64
N SER B 446 21.54 39.33 13.53
CA SER B 446 20.85 39.50 12.25
C SER B 446 19.39 39.06 12.31
N VAL B 447 19.17 37.84 12.78
CA VAL B 447 17.82 37.25 12.82
C VAL B 447 16.95 37.95 13.88
N ALA B 448 17.52 38.18 15.05
CA ALA B 448 16.80 38.86 16.14
C ALA B 448 16.10 40.13 15.68
N LYS B 449 16.81 40.92 14.88
CA LYS B 449 16.31 42.19 14.31
C LYS B 449 14.84 42.13 13.84
N LEU B 450 14.48 41.01 13.19
CA LEU B 450 13.18 40.87 12.52
C LEU B 450 12.01 40.82 13.50
N PHE B 451 12.30 40.64 14.78
CA PHE B 451 11.26 40.46 15.80
C PHE B 451 11.22 41.62 16.78
N ILE B 452 11.42 42.83 16.29
CA ILE B 452 11.36 44.03 17.13
C ILE B 452 9.93 44.60 17.10
N LYS B 453 9.50 45.12 18.25
CA LYS B 453 8.14 45.66 18.43
C LYS B 453 8.20 47.16 18.69
N GLU B 511 10.55 46.34 22.49
CA GLU B 511 11.81 45.62 22.33
C GLU B 511 11.57 44.17 21.92
N LEU B 512 12.66 43.47 21.62
CA LEU B 512 12.66 42.05 21.21
C LEU B 512 11.53 41.17 21.76
N ASP B 513 10.71 40.62 20.85
CA ASP B 513 9.73 39.60 21.18
C ASP B 513 10.43 38.50 21.99
N PRO B 514 9.80 38.02 23.08
CA PRO B 514 10.27 36.89 23.89
C PRO B 514 10.82 35.69 23.13
N PHE B 515 10.26 35.40 21.96
CA PHE B 515 10.71 34.28 21.13
C PHE B 515 12.21 34.29 20.81
N ALA B 516 12.76 35.50 20.63
CA ALA B 516 14.17 35.66 20.24
C ALA B 516 15.12 35.75 21.42
N LYS B 517 14.75 35.13 22.53
CA LYS B 517 15.50 35.26 23.78
C LYS B 517 15.60 33.93 24.50
N TYR B 518 16.70 33.75 25.23
CA TYR B 518 16.89 32.59 26.09
C TYR B 518 15.95 32.74 27.28
N ASP B 519 15.08 31.74 27.47
CA ASP B 519 14.19 31.69 28.62
C ASP B 519 14.76 30.69 29.64
N PRO B 520 15.29 31.21 30.76
CA PRO B 520 15.93 30.33 31.75
C PRO B 520 14.98 29.30 32.39
N GLN B 521 13.69 29.42 32.10
CA GLN B 521 12.70 28.47 32.60
C GLN B 521 12.83 27.12 31.92
N PHE B 522 13.50 27.08 30.77
CA PHE B 522 13.75 25.84 30.04
C PHE B 522 15.24 25.66 29.77
N PRO B 523 15.67 24.43 29.48
CA PRO B 523 17.08 24.22 29.18
C PRO B 523 17.44 24.67 27.77
N ARG B 524 18.72 24.95 27.55
CA ARG B 524 19.25 25.26 26.23
C ARG B 524 19.68 23.94 25.59
N VAL B 525 19.10 23.62 24.44
CA VAL B 525 19.24 22.28 23.88
C VAL B 525 19.85 22.28 22.49
N VAL B 526 20.71 21.30 22.23
CA VAL B 526 21.28 21.07 20.90
C VAL B 526 20.58 19.85 20.31
N ARG B 527 19.85 20.07 19.23
CA ARG B 527 19.07 18.99 18.58
C ARG B 527 19.91 18.39 17.47
N MET B 528 20.39 17.17 17.70
CA MET B 528 21.41 16.57 16.87
C MET B 528 20.85 16.10 15.52
N ALA B 529 19.57 15.77 15.49
CA ALA B 529 18.91 15.33 14.27
C ALA B 529 18.86 16.48 13.25
N ASN B 530 18.42 17.65 13.71
CA ASN B 530 18.36 18.82 12.86
C ASN B 530 19.72 19.13 12.26
N LEU B 531 20.77 18.99 13.05
CA LEU B 531 22.13 19.25 12.57
C LEU B 531 22.54 18.25 11.48
N CYS B 532 22.13 16.99 11.62
CA CYS B 532 22.43 15.97 10.61
C CYS B 532 21.80 16.35 9.26
N VAL B 533 20.56 16.82 9.29
CA VAL B 533 19.83 17.18 8.07
C VAL B 533 20.48 18.36 7.34
N VAL B 534 20.87 19.37 8.11
CA VAL B 534 21.58 20.53 7.57
C VAL B 534 22.96 20.14 7.03
N GLY B 535 23.59 19.14 7.65
CA GLY B 535 24.97 18.77 7.33
C GLY B 535 25.17 17.68 6.28
N GLY B 536 24.11 16.97 5.92
CA GLY B 536 24.21 15.87 4.96
C GLY B 536 23.57 16.21 3.62
N HIS B 537 24.12 15.65 2.54
CA HIS B 537 23.53 15.80 1.21
C HIS B 537 22.35 14.85 1.00
N SER B 538 22.33 13.74 1.76
CA SER B 538 21.24 12.78 1.70
C SER B 538 20.75 12.39 3.10
N VAL B 539 19.42 12.33 3.25
CA VAL B 539 18.78 11.84 4.47
C VAL B 539 17.77 10.76 4.09
N ASN B 540 17.88 9.59 4.68
CA ASN B 540 17.00 8.47 4.31
C ASN B 540 16.36 7.75 5.50
N GLY B 541 15.14 7.28 5.28
CA GLY B 541 14.51 6.34 6.21
C GLY B 541 14.84 4.92 5.79
N VAL B 542 14.21 3.95 6.45
CA VAL B 542 14.54 2.54 6.32
C VAL B 542 13.36 1.66 5.90
N ALA B 543 12.25 2.30 5.51
CA ALA B 543 11.09 1.61 4.97
C ALA B 543 10.23 2.60 4.19
N GLU B 544 9.46 2.12 3.22
CA GLU B 544 8.66 3.01 2.36
C GLU B 544 7.74 3.93 3.16
N ILE B 545 6.95 3.33 4.05
CA ILE B 545 6.03 4.09 4.89
C ILE B 545 6.83 5.05 5.78
N HIS B 546 7.80 4.51 6.49
CA HIS B 546 8.65 5.29 7.37
C HIS B 546 9.31 6.49 6.67
N SER B 547 9.95 6.27 5.52
CA SER B 547 10.62 7.35 4.78
C SER B 547 9.67 8.48 4.37
N GLU B 548 8.39 8.15 4.20
CA GLU B 548 7.36 9.17 3.97
C GLU B 548 7.01 9.90 5.27
N ILE B 549 6.90 9.17 6.38
CA ILE B 549 6.67 9.78 7.69
C ILE B 549 7.77 10.80 7.99
N VAL B 550 9.00 10.43 7.65
CA VAL B 550 10.15 11.32 7.79
C VAL B 550 9.97 12.62 7.01
N LYS B 551 9.40 12.54 5.80
CA LYS B 551 9.14 13.72 4.97
C LYS B 551 7.95 14.56 5.44
N GLN B 552 6.93 13.91 5.97
CA GLN B 552 5.66 14.57 6.30
C GLN B 552 5.56 15.04 7.75
N ASP B 553 6.08 14.27 8.69
CA ASP B 553 5.93 14.59 10.12
C ASP B 553 7.22 15.04 10.80
N VAL B 554 8.30 14.31 10.58
CA VAL B 554 9.53 14.50 11.34
C VAL B 554 10.34 15.72 10.90
N PHE B 555 10.71 15.77 9.61
CA PHE B 555 11.49 16.89 9.09
C PHE B 555 10.75 17.64 7.98
N ASN B 556 9.48 17.93 8.21
CA ASN B 556 8.63 18.51 7.18
C ASN B 556 9.16 19.81 6.57
N SER B 557 9.50 20.77 7.43
CA SER B 557 10.01 22.06 6.97
C SER B 557 11.31 21.88 6.19
N PHE B 558 12.12 20.90 6.59
CA PHE B 558 13.36 20.60 5.89
C PHE B 558 13.06 20.02 4.52
N TYR B 559 12.11 19.08 4.46
CA TYR B 559 11.66 18.49 3.19
C TYR B 559 11.19 19.57 2.22
N GLU B 560 10.36 20.49 2.70
CA GLU B 560 9.96 21.65 1.91
C GLU B 560 11.16 22.43 1.39
N MET B 561 12.18 22.61 2.22
CA MET B 561 13.36 23.40 1.86
C MET B 561 14.29 22.69 0.88
N TRP B 562 14.61 21.44 1.16
CA TRP B 562 15.49 20.63 0.31
C TRP B 562 14.89 19.25 0.06
N PRO B 563 13.91 19.16 -0.86
CA PRO B 563 13.23 17.89 -1.05
C PRO B 563 14.14 16.78 -1.59
N THR B 564 15.12 17.14 -2.42
CA THR B 564 16.02 16.17 -3.04
C THR B 564 16.90 15.43 -2.03
N LYS B 565 17.19 16.06 -0.89
CA LYS B 565 17.93 15.39 0.20
C LYS B 565 17.29 14.07 0.58
N PHE B 566 15.95 14.05 0.59
CA PHE B 566 15.20 12.97 1.24
C PHE B 566 15.00 11.74 0.36
N GLN B 567 15.39 10.59 0.89
CA GLN B 567 15.34 9.33 0.16
C GLN B 567 14.74 8.23 1.01
N ASN B 568 14.60 7.06 0.40
CA ASN B 568 14.25 5.83 1.10
C ASN B 568 15.24 4.72 0.74
N LYS B 569 15.63 3.92 1.73
CA LYS B 569 16.46 2.75 1.53
C LYS B 569 15.96 1.63 2.42
N THR B 570 14.94 0.91 1.94
CA THR B 570 14.36 -0.19 2.70
C THR B 570 15.45 -1.15 3.15
N ASN B 571 15.34 -1.63 4.40
CA ASN B 571 16.37 -2.48 4.98
C ASN B 571 16.39 -3.86 4.34
N GLY B 572 17.43 -4.60 4.68
CA GLY B 572 17.58 -5.99 4.26
C GLY B 572 18.52 -6.73 5.18
N VAL B 573 18.58 -8.04 5.00
CA VAL B 573 19.47 -8.89 5.78
C VAL B 573 20.26 -9.76 4.81
N THR B 574 21.45 -10.21 5.21
CA THR B 574 22.27 -11.03 4.34
C THR B 574 21.73 -12.47 4.29
N PRO B 575 21.47 -12.99 3.06
CA PRO B 575 20.94 -14.35 2.94
C PRO B 575 21.97 -15.45 3.26
N ARG B 576 23.22 -15.05 3.41
CA ARG B 576 24.28 -16.00 3.67
C ARG B 576 24.28 -16.43 5.13
N ARG B 577 24.34 -15.47 6.05
CA ARG B 577 24.21 -15.78 7.47
C ARG B 577 22.80 -16.25 7.86
N TRP B 578 21.78 -15.72 7.18
CA TRP B 578 20.41 -15.89 7.64
C TRP B 578 19.56 -16.92 6.87
N ILE B 579 20.15 -17.56 5.87
CA ILE B 579 19.53 -18.74 5.24
C ILE B 579 20.59 -19.82 5.06
N ARG B 580 21.60 -19.50 4.24
CA ARG B 580 22.63 -20.44 3.82
C ARG B 580 23.36 -21.10 4.99
N PHE B 581 23.82 -20.31 5.96
CA PHE B 581 24.67 -20.83 7.04
C PHE B 581 23.95 -21.14 8.35
N CYS B 582 22.80 -20.50 8.61
CA CYS B 582 22.00 -20.86 9.78
C CYS B 582 21.04 -22.01 9.47
N ASN B 583 20.73 -22.22 8.19
CA ASN B 583 19.73 -23.22 7.79
C ASN B 583 20.19 -24.06 6.59
N PRO B 584 21.31 -24.81 6.75
CA PRO B 584 21.81 -25.67 5.68
C PRO B 584 20.76 -26.66 5.12
N GLU B 585 19.91 -27.20 5.98
CA GLU B 585 18.92 -28.18 5.55
C GLU B 585 17.94 -27.60 4.54
N LEU B 586 17.41 -26.42 4.84
CA LEU B 586 16.52 -25.74 3.91
C LEU B 586 17.29 -25.35 2.65
N SER B 587 18.51 -24.85 2.83
CA SER B 587 19.35 -24.40 1.71
C SER B 587 19.55 -25.47 0.64
N THR B 588 19.73 -26.72 1.05
CA THR B 588 19.88 -27.84 0.11
C THR B 588 18.58 -28.09 -0.66
N ILE B 589 17.45 -28.02 0.06
CA ILE B 589 16.13 -28.12 -0.56
C ILE B 589 15.92 -26.98 -1.56
N ILE B 590 16.32 -25.76 -1.20
CA ILE B 590 16.20 -24.62 -2.10
C ILE B 590 17.02 -24.86 -3.37
N SER B 591 18.28 -25.26 -3.19
CA SER B 591 19.20 -25.45 -4.32
C SER B 591 18.77 -26.58 -5.25
N LYS B 592 18.22 -27.65 -4.68
CA LYS B 592 17.72 -28.77 -5.48
C LYS B 592 16.67 -28.29 -6.48
N TRP B 593 15.58 -27.73 -5.97
CA TRP B 593 14.40 -27.41 -6.77
C TRP B 593 14.54 -26.20 -7.70
N ILE B 594 15.45 -25.27 -7.37
CA ILE B 594 15.74 -24.13 -8.24
C ILE B 594 16.89 -24.45 -9.23
N GLY B 595 17.64 -25.51 -8.92
CA GLY B 595 18.81 -25.88 -9.72
C GLY B 595 20.08 -25.57 -8.95
N SER B 596 20.69 -24.43 -9.24
CA SER B 596 21.95 -24.03 -8.62
C SER B 596 21.83 -23.64 -7.13
N ASP B 597 22.96 -23.24 -6.55
CA ASP B 597 23.01 -22.52 -5.27
C ASP B 597 23.34 -21.05 -5.50
N ASP B 598 23.12 -20.61 -6.75
CA ASP B 598 23.46 -19.26 -7.20
C ASP B 598 22.58 -18.22 -6.50
N TRP B 599 21.41 -18.65 -6.03
CA TRP B 599 20.49 -17.79 -5.27
C TRP B 599 21.12 -17.14 -4.03
N ILE B 600 22.16 -17.77 -3.50
CA ILE B 600 22.84 -17.25 -2.30
C ILE B 600 23.40 -15.85 -2.58
N LEU B 601 23.92 -15.66 -3.78
CA LEU B 601 24.43 -14.36 -4.23
C LEU B 601 23.35 -13.59 -4.98
N ASN B 602 22.71 -14.25 -5.95
CA ASN B 602 21.61 -13.68 -6.73
C ASN B 602 20.28 -14.18 -6.22
N THR B 603 19.77 -13.54 -5.18
CA THR B 603 18.62 -14.04 -4.40
C THR B 603 17.28 -13.86 -5.09
N ASP B 604 17.25 -13.10 -6.19
CA ASP B 604 16.06 -12.99 -7.03
C ASP B 604 15.57 -14.36 -7.48
N LYS B 605 16.49 -15.29 -7.69
CA LYS B 605 16.16 -16.65 -8.14
C LYS B 605 15.39 -17.52 -7.13
N LEU B 606 15.06 -16.97 -5.96
CA LEU B 606 14.16 -17.66 -5.03
C LEU B 606 12.71 -17.64 -5.53
N ALA B 607 12.36 -16.64 -6.33
CA ALA B 607 11.01 -16.52 -6.90
C ALA B 607 10.59 -17.76 -7.68
N GLY B 608 11.56 -18.48 -8.24
CA GLY B 608 11.29 -19.73 -8.96
C GLY B 608 10.64 -20.83 -8.14
N LEU B 609 10.48 -20.60 -6.84
CA LEU B 609 9.82 -21.56 -5.95
C LEU B 609 8.29 -21.44 -5.94
N LYS B 610 7.74 -20.33 -6.46
CA LYS B 610 6.29 -20.13 -6.44
C LYS B 610 5.54 -21.32 -7.03
N LYS B 611 5.91 -21.72 -8.25
CA LYS B 611 5.22 -22.82 -8.96
C LYS B 611 5.27 -24.17 -8.22
N PHE B 612 6.30 -24.38 -7.41
CA PHE B 612 6.43 -25.63 -6.64
C PHE B 612 5.72 -25.59 -5.28
N ALA B 613 4.99 -24.51 -4.99
CA ALA B 613 4.37 -24.32 -3.66
C ALA B 613 3.37 -25.42 -3.28
N ASP B 614 2.71 -26.00 -4.27
CA ASP B 614 1.70 -27.04 -4.03
C ASP B 614 2.23 -28.47 -4.22
N ASP B 615 3.43 -28.59 -4.78
CA ASP B 615 4.05 -29.90 -5.01
C ASP B 615 4.20 -30.67 -3.70
N GLU B 616 3.70 -31.91 -3.69
CA GLU B 616 3.67 -32.75 -2.50
C GLU B 616 5.07 -33.13 -1.99
N ASP B 617 6.02 -33.30 -2.90
CA ASP B 617 7.37 -33.73 -2.54
C ASP B 617 8.14 -32.60 -1.88
N LEU B 618 8.15 -31.44 -2.53
CA LEU B 618 8.78 -30.24 -1.95
C LEU B 618 8.21 -30.02 -0.55
N GLN B 619 6.87 -30.02 -0.47
CA GLN B 619 6.18 -29.85 0.80
C GLN B 619 6.65 -30.83 1.87
N SER B 620 6.97 -32.05 1.48
CA SER B 620 7.38 -33.09 2.42
C SER B 620 8.80 -32.84 2.94
N GLU B 621 9.72 -32.54 2.03
CA GLU B 621 11.11 -32.22 2.38
C GLU B 621 11.15 -30.96 3.25
N TRP B 622 10.40 -29.95 2.80
CA TRP B 622 10.30 -28.65 3.47
C TRP B 622 9.80 -28.74 4.91
N ARG B 623 8.84 -29.62 5.16
CA ARG B 623 8.32 -29.84 6.51
C ARG B 623 9.30 -30.63 7.37
N THR B 624 10.01 -31.57 6.75
CA THR B 624 11.01 -32.38 7.46
C THR B 624 12.16 -31.50 7.96
N ALA B 625 12.65 -30.61 7.10
CA ALA B 625 13.69 -29.65 7.46
C ALA B 625 13.26 -28.78 8.63
N LYS B 626 12.11 -28.13 8.50
CA LYS B 626 11.53 -27.34 9.58
C LYS B 626 11.54 -28.14 10.88
N ARG B 627 11.06 -29.37 10.83
CA ARG B 627 11.04 -30.26 11.99
C ARG B 627 12.45 -30.60 12.50
N ASN B 628 13.37 -30.86 11.58
CA ASN B 628 14.77 -31.11 11.93
C ASN B 628 15.42 -29.90 12.62
N ASN B 629 15.07 -28.70 12.16
CA ASN B 629 15.61 -27.47 12.77
C ASN B 629 15.03 -27.20 14.15
N LYS B 630 13.82 -27.67 14.40
CA LYS B 630 13.18 -27.55 15.72
C LYS B 630 13.83 -28.44 16.78
N MET B 631 14.47 -29.53 16.35
CA MET B 631 15.10 -30.49 17.28
CA MET B 631 15.09 -30.49 17.29
C MET B 631 16.29 -29.84 18.00
N LYS B 632 16.97 -28.91 17.32
CA LYS B 632 18.12 -28.21 17.91
C LYS B 632 17.68 -27.16 18.92
N VAL B 633 16.46 -26.65 18.76
CA VAL B 633 15.87 -25.71 19.73
C VAL B 633 15.46 -26.44 21.00
N VAL B 634 14.93 -27.65 20.86
CA VAL B 634 14.61 -28.48 22.01
C VAL B 634 15.85 -28.65 22.89
N SER B 635 17.01 -28.88 22.27
CA SER B 635 18.27 -28.96 23.00
C SER B 635 18.56 -27.64 23.69
N LEU B 636 18.40 -26.54 22.94
CA LEU B 636 18.67 -25.20 23.47
C LEU B 636 17.80 -24.88 24.68
N ILE B 637 16.52 -25.27 24.63
CA ILE B 637 15.58 -24.98 25.72
C ILE B 637 15.92 -25.79 26.95
N ARG B 638 15.96 -27.11 26.79
CA ARG B 638 16.45 -28.02 27.83
C ARG B 638 17.74 -27.48 28.44
N ASP B 639 18.70 -27.18 27.58
CA ASP B 639 20.03 -26.74 28.00
C ASP B 639 20.03 -25.46 28.84
N LYS B 640 19.30 -24.45 28.39
CA LYS B 640 19.33 -23.10 29.00
C LYS B 640 18.31 -22.91 30.12
N THR B 641 17.12 -23.50 29.95
CA THR B 641 16.02 -23.32 30.91
C THR B 641 15.70 -24.55 31.75
N GLY B 642 15.99 -25.74 31.23
CA GLY B 642 15.66 -26.98 31.94
C GLY B 642 14.31 -27.55 31.56
N TYR B 643 13.50 -26.77 30.83
CA TYR B 643 12.19 -27.24 30.39
C TYR B 643 12.32 -28.25 29.26
N ILE B 644 11.41 -29.22 29.24
CA ILE B 644 11.38 -30.26 28.23
C ILE B 644 10.18 -29.99 27.31
N VAL B 645 10.46 -29.78 26.04
CA VAL B 645 9.40 -29.50 25.06
C VAL B 645 9.46 -30.46 23.88
N SER B 646 8.31 -30.69 23.26
CA SER B 646 8.20 -31.57 22.10
C SER B 646 8.28 -30.78 20.79
N PRO B 647 9.00 -31.33 19.79
CA PRO B 647 9.09 -30.65 18.50
C PRO B 647 7.84 -30.80 17.65
N ASP B 648 6.86 -31.59 18.13
CA ASP B 648 5.62 -31.83 17.39
C ASP B 648 4.51 -30.83 17.72
N ALA B 649 4.89 -29.67 18.26
CA ALA B 649 3.96 -28.56 18.45
C ALA B 649 4.34 -27.45 17.46
N MET B 650 3.52 -26.41 17.42
CA MET B 650 3.79 -25.22 16.60
C MET B 650 4.79 -24.35 17.33
N PHE B 651 5.91 -24.06 16.67
CA PHE B 651 6.95 -23.23 17.29
C PHE B 651 6.65 -21.75 17.05
N ASP B 652 6.12 -21.12 18.10
CA ASP B 652 5.59 -19.77 18.08
C ASP B 652 6.57 -18.87 18.82
N VAL B 653 7.16 -17.92 18.09
CA VAL B 653 8.29 -17.15 18.61
C VAL B 653 8.05 -15.64 18.58
N GLN B 654 8.30 -14.99 19.70
CA GLN B 654 8.43 -13.53 19.73
C GLN B 654 9.79 -13.18 20.29
N VAL B 655 10.58 -12.47 19.49
CA VAL B 655 11.99 -12.26 19.79
C VAL B 655 12.42 -10.83 19.46
N LYS B 656 12.40 -9.98 20.49
CA LYS B 656 12.81 -8.58 20.34
C LYS B 656 12.95 -7.90 21.71
N ARG B 657 13.46 -6.67 21.70
CA ARG B 657 13.68 -5.88 22.91
CA ARG B 657 13.67 -5.86 22.90
C ARG B 657 12.40 -5.81 23.75
N ILE B 658 12.55 -6.12 25.04
CA ILE B 658 11.41 -6.12 25.95
C ILE B 658 10.98 -4.67 26.21
N HIS B 659 9.79 -4.33 25.72
CA HIS B 659 9.25 -2.98 25.80
C HIS B 659 7.73 -3.04 25.80
N GLU B 660 7.09 -2.13 26.51
CA GLU B 660 5.62 -2.03 26.50
C GLU B 660 5.07 -1.84 25.09
N TYR B 661 5.79 -1.11 24.25
CA TYR B 661 5.31 -0.75 22.90
C TYR B 661 5.45 -1.89 21.90
N LYS B 662 6.41 -2.79 22.14
CA LYS B 662 6.57 -3.98 21.30
C LYS B 662 5.51 -5.02 21.67
N ARG B 663 4.97 -4.88 22.88
CA ARG B 663 3.80 -5.62 23.33
C ARG B 663 4.02 -7.12 23.48
N GLN B 664 5.11 -7.50 24.14
CA GLN B 664 5.24 -8.86 24.64
C GLN B 664 4.04 -9.15 25.54
N LEU B 665 3.60 -8.13 26.28
CA LEU B 665 2.45 -8.24 27.18
C LEU B 665 1.20 -8.71 26.44
N LEU B 666 1.00 -8.21 25.21
CA LEU B 666 -0.14 -8.61 24.40
C LEU B 666 -0.10 -10.09 24.04
N ASN B 667 1.08 -10.58 23.69
CA ASN B 667 1.27 -11.98 23.36
C ASN B 667 0.98 -12.87 24.56
N ILE B 668 1.67 -12.62 25.67
CA ILE B 668 1.50 -13.45 26.87
C ILE B 668 0.08 -13.43 27.39
N LEU B 669 -0.58 -12.28 27.37
CA LEU B 669 -1.98 -12.22 27.83
C LEU B 669 -2.92 -13.01 26.92
N GLY B 670 -2.56 -13.13 25.64
CA GLY B 670 -3.30 -14.00 24.72
C GLY B 670 -3.07 -15.47 25.05
N ILE B 671 -1.82 -15.82 25.35
CA ILE B 671 -1.49 -17.16 25.82
C ILE B 671 -2.30 -17.47 27.09
N VAL B 672 -2.28 -16.53 28.04
CA VAL B 672 -3.02 -16.69 29.30
C VAL B 672 -4.50 -16.93 29.04
N TYR B 673 -5.06 -16.27 28.02
CA TYR B 673 -6.46 -16.46 27.67
C TYR B 673 -6.69 -17.88 27.18
N ARG B 674 -5.79 -18.39 26.34
CA ARG B 674 -5.93 -19.74 25.80
C ARG B 674 -5.74 -20.80 26.88
N TYR B 675 -4.75 -20.60 27.75
CA TYR B 675 -4.58 -21.44 28.92
C TYR B 675 -5.90 -21.54 29.70
N LYS B 676 -6.52 -20.39 29.97
CA LYS B 676 -7.76 -20.33 30.74
C LYS B 676 -8.85 -21.17 30.09
N LYS B 677 -9.06 -20.97 28.79
CA LYS B 677 -10.04 -21.74 28.04
C LYS B 677 -9.75 -23.23 28.14
N MET B 678 -8.50 -23.63 27.88
CA MET B 678 -8.08 -25.02 28.04
C MET B 678 -8.51 -25.58 29.39
N LYS B 679 -8.27 -24.82 30.46
CA LYS B 679 -8.58 -25.29 31.83
C LYS B 679 -10.08 -25.45 32.09
N GLU B 680 -10.90 -24.71 31.36
CA GLU B 680 -12.36 -24.76 31.52
C GLU B 680 -12.99 -25.55 30.37
N MET B 681 -12.42 -26.72 30.11
CA MET B 681 -12.74 -27.50 28.92
C MET B 681 -12.38 -28.97 29.17
N SER B 682 -12.96 -29.90 28.42
CA SER B 682 -12.67 -31.32 28.59
C SER B 682 -11.45 -31.73 27.77
N ALA B 683 -10.67 -32.67 28.29
CA ALA B 683 -9.42 -33.12 27.65
C ALA B 683 -9.58 -33.62 26.21
N LYS B 684 -10.78 -34.07 25.86
CA LYS B 684 -11.14 -34.40 24.48
C LYS B 684 -11.30 -33.12 23.64
N ASP B 685 -11.92 -32.10 24.23
CA ASP B 685 -12.13 -30.82 23.56
C ASP B 685 -10.83 -30.01 23.39
N ARG B 686 -9.97 -30.00 24.41
CA ARG B 686 -8.69 -29.30 24.33
C ARG B 686 -7.94 -29.60 23.04
N ARG B 687 -7.92 -30.88 22.64
CA ARG B 687 -7.32 -31.29 21.37
C ARG B 687 -8.11 -30.76 20.17
N LYS B 688 -9.43 -30.70 20.32
CA LYS B 688 -10.33 -30.27 19.25
C LYS B 688 -10.27 -28.76 18.98
N SER B 689 -10.03 -27.98 20.04
CA SER B 689 -10.12 -26.52 19.96
C SER B 689 -8.79 -25.80 19.77
N PHE B 690 -7.69 -26.38 20.26
CA PHE B 690 -6.38 -25.75 20.18
C PHE B 690 -5.30 -26.68 19.61
N VAL B 691 -4.47 -26.11 18.74
CA VAL B 691 -3.33 -26.81 18.19
C VAL B 691 -2.20 -26.73 19.23
N PRO B 692 -1.47 -27.84 19.44
CA PRO B 692 -0.32 -27.77 20.35
C PRO B 692 0.69 -26.70 19.94
N ARG B 693 1.22 -25.95 20.93
CA ARG B 693 2.19 -24.87 20.68
C ARG B 693 3.37 -24.94 21.65
N VAL B 694 4.51 -24.44 21.20
CA VAL B 694 5.62 -24.09 22.07
C VAL B 694 5.88 -22.60 21.86
N CYS B 695 5.47 -21.79 22.83
CA CYS B 695 5.54 -20.34 22.71
C CYS B 695 6.83 -19.82 23.33
N ILE B 696 7.67 -19.23 22.49
CA ILE B 696 9.00 -18.82 22.89
C ILE B 696 9.12 -17.30 22.93
N PHE B 697 9.59 -16.79 24.07
CA PHE B 697 9.92 -15.38 24.23
C PHE B 697 11.43 -15.23 24.35
N GLY B 698 11.94 -14.06 23.98
CA GLY B 698 13.37 -13.76 24.10
C GLY B 698 13.62 -12.29 23.93
N GLY B 699 14.73 -11.82 24.48
CA GLY B 699 15.10 -10.41 24.37
C GLY B 699 15.40 -9.78 25.71
N LYS B 700 15.98 -8.59 25.67
CA LYS B 700 16.52 -7.92 26.85
C LYS B 700 15.70 -6.71 27.25
N ALA B 701 15.54 -6.52 28.56
CA ALA B 701 14.89 -5.35 29.13
C ALA B 701 15.93 -4.32 29.55
N PHE B 702 15.66 -3.05 29.29
CA PHE B 702 16.49 -1.97 29.81
C PHE B 702 16.52 -2.10 31.33
N ALA B 703 17.72 -2.16 31.90
CA ALA B 703 17.88 -2.51 33.32
C ALA B 703 17.05 -1.66 34.26
N THR B 704 16.89 -0.38 33.93
CA THR B 704 16.22 0.57 34.82
C THR B 704 14.69 0.59 34.60
N TYR B 705 14.24 0.00 33.50
CA TYR B 705 12.83 0.04 33.07
C TYR B 705 12.01 -0.97 33.87
N VAL B 706 11.44 -0.52 34.99
CA VAL B 706 10.78 -1.41 35.95
C VAL B 706 9.70 -2.28 35.31
N GLN B 707 8.85 -1.67 34.48
CA GLN B 707 7.70 -2.39 33.91
C GLN B 707 8.13 -3.44 32.89
N ALA B 708 9.14 -3.14 32.08
CA ALA B 708 9.68 -4.12 31.14
C ALA B 708 10.21 -5.35 31.87
N LYS B 709 10.96 -5.13 32.95
CA LYS B 709 11.49 -6.23 33.75
C LYS B 709 10.37 -7.02 34.41
N ARG B 710 9.34 -6.32 34.85
CA ARG B 710 8.16 -6.98 35.41
C ARG B 710 7.49 -7.91 34.39
N ILE B 711 7.58 -7.55 33.10
CA ILE B 711 6.99 -8.36 32.03
C ILE B 711 7.77 -9.63 31.76
N VAL B 712 9.10 -9.57 31.79
CA VAL B 712 9.88 -10.82 31.61
C VAL B 712 9.65 -11.72 32.82
N LYS B 713 9.53 -11.11 33.99
CA LYS B 713 9.21 -11.82 35.23
C LYS B 713 7.86 -12.51 35.10
N PHE B 714 6.85 -11.76 34.70
CA PHE B 714 5.51 -12.31 34.48
C PHE B 714 5.52 -13.52 33.55
N ILE B 715 6.28 -13.43 32.46
CA ILE B 715 6.37 -14.53 31.49
C ILE B 715 6.96 -15.78 32.12
N THR B 716 8.05 -15.62 32.87
CA THR B 716 8.69 -16.76 33.53
C THR B 716 7.73 -17.47 34.49
N ASP B 717 6.95 -16.69 35.25
CA ASP B 717 5.95 -17.27 36.15
C ASP B 717 4.85 -18.03 35.41
N VAL B 718 4.42 -17.52 34.26
CA VAL B 718 3.43 -18.23 33.47
C VAL B 718 4.03 -19.54 32.96
N ALA B 719 5.28 -19.51 32.54
CA ALA B 719 5.98 -20.70 32.10
C ALA B 719 6.04 -21.73 33.21
N ALA B 720 6.43 -21.29 34.41
CA ALA B 720 6.48 -22.17 35.58
C ALA B 720 5.14 -22.86 35.81
N THR B 721 4.06 -22.09 35.77
CA THR B 721 2.73 -22.62 35.99
C THR B 721 2.25 -23.51 34.84
N VAL B 722 2.34 -23.02 33.61
CA VAL B 722 1.83 -23.76 32.46
C VAL B 722 2.59 -25.06 32.21
N ASN B 723 3.92 -24.96 32.12
CA ASN B 723 4.76 -26.11 31.70
C ASN B 723 4.70 -27.33 32.60
N TYR B 724 4.39 -27.15 33.88
CA TYR B 724 4.29 -28.26 34.83
C TYR B 724 2.84 -28.61 35.20
N ASP B 725 1.89 -28.32 34.33
CA ASP B 725 0.47 -28.62 34.59
C ASP B 725 0.06 -29.92 33.87
N PRO B 726 -0.24 -30.99 34.64
CA PRO B 726 -0.69 -32.29 34.11
C PRO B 726 -1.79 -32.22 33.03
N ASP B 727 -2.78 -31.35 33.22
CA ASP B 727 -3.89 -31.19 32.28
C ASP B 727 -3.44 -30.70 30.89
N ILE B 728 -2.36 -29.91 30.86
CA ILE B 728 -1.88 -29.33 29.60
C ILE B 728 -0.96 -30.29 28.85
N GLY B 729 0.13 -30.70 29.49
CA GLY B 729 1.13 -31.55 28.84
C GLY B 729 1.79 -30.84 27.67
N ASP B 730 1.90 -31.53 26.55
CA ASP B 730 2.54 -30.96 25.35
C ASP B 730 1.54 -30.24 24.42
N LEU B 731 0.40 -29.85 24.96
CA LEU B 731 -0.55 -29.00 24.23
C LEU B 731 -0.07 -27.55 24.24
N LEU B 732 0.58 -27.14 25.33
CA LEU B 732 1.08 -25.78 25.44
C LEU B 732 2.28 -25.67 26.37
N LYS B 733 3.32 -25.01 25.88
CA LYS B 733 4.50 -24.68 26.67
C LYS B 733 4.86 -23.20 26.45
N VAL B 734 5.30 -22.53 27.52
CA VAL B 734 5.85 -21.18 27.40
C VAL B 734 7.28 -21.20 27.90
N VAL B 735 8.19 -20.60 27.14
CA VAL B 735 9.60 -20.59 27.50
C VAL B 735 10.17 -19.19 27.22
N PHE B 736 10.84 -18.62 28.23
CA PHE B 736 11.63 -17.41 28.02
C PHE B 736 13.07 -17.84 27.85
N VAL B 737 13.57 -17.74 26.62
CA VAL B 737 14.94 -18.13 26.33
C VAL B 737 15.87 -16.99 26.74
N PRO B 738 16.81 -17.24 27.67
CA PRO B 738 17.70 -16.19 28.17
C PRO B 738 18.78 -15.75 27.19
N ASP B 739 19.26 -14.52 27.37
CA ASP B 739 20.44 -13.98 26.69
C ASP B 739 20.39 -14.02 25.16
N TYR B 740 19.21 -13.72 24.61
CA TYR B 740 19.01 -13.67 23.16
C TYR B 740 20.04 -12.79 22.45
N ASN B 741 20.68 -13.37 21.44
CA ASN B 741 21.70 -12.68 20.66
C ASN B 741 21.83 -13.35 19.30
N VAL B 742 22.80 -12.94 18.50
CA VAL B 742 22.93 -13.47 17.13
C VAL B 742 22.94 -15.00 17.13
N SER B 743 23.73 -15.60 18.04
CA SER B 743 23.84 -17.06 18.07
C SER B 743 22.51 -17.75 18.36
N VAL B 744 21.73 -17.18 19.29
CA VAL B 744 20.43 -17.73 19.64
C VAL B 744 19.50 -17.59 18.45
N ALA B 745 19.46 -16.40 17.86
CA ALA B 745 18.69 -16.16 16.65
C ALA B 745 18.95 -17.25 15.60
N GLU B 746 20.24 -17.56 15.39
CA GLU B 746 20.64 -18.52 14.36
C GLU B 746 20.09 -19.93 14.54
N THR B 747 19.90 -20.37 15.79
CA THR B 747 19.24 -21.65 16.07
C THR B 747 17.72 -21.48 16.02
N LEU B 748 17.20 -20.43 16.65
CA LEU B 748 15.77 -20.23 16.81
C LEU B 748 15.05 -20.00 15.47
N ILE B 749 15.55 -19.07 14.68
CA ILE B 749 14.85 -18.57 13.50
C ILE B 749 14.50 -19.66 12.50
N PRO B 750 15.48 -20.49 12.09
CA PRO B 750 15.21 -21.63 11.18
C PRO B 750 14.17 -22.64 11.69
N ALA B 751 13.99 -22.72 13.01
CA ALA B 751 13.02 -23.63 13.61
C ALA B 751 11.61 -23.05 13.71
N SER B 752 11.47 -21.76 13.43
CA SER B 752 10.23 -21.04 13.73
C SER B 752 9.19 -21.18 12.64
N GLU B 753 7.97 -21.53 13.05
CA GLU B 753 6.83 -21.66 12.13
C GLU B 753 5.97 -20.40 12.20
N LEU B 754 5.72 -19.90 13.41
CA LEU B 754 5.05 -18.61 13.59
C LEU B 754 6.00 -17.65 14.32
N SER B 755 6.07 -16.41 13.84
CA SER B 755 6.82 -15.35 14.53
C SER B 755 5.97 -14.10 14.65
N GLN B 756 6.14 -13.39 15.75
CA GLN B 756 5.25 -12.30 16.12
C GLN B 756 5.92 -10.93 16.01
N HIS B 757 5.22 -10.01 15.36
CA HIS B 757 5.71 -8.67 15.13
C HIS B 757 4.54 -7.73 15.34
N ILE B 758 4.21 -7.52 16.62
CA ILE B 758 2.90 -7.02 17.02
C ILE B 758 2.91 -5.67 17.73
N SER B 759 3.90 -4.82 17.41
CA SER B 759 3.98 -3.50 18.03
C SER B 759 2.79 -2.65 17.66
N THR B 760 2.47 -1.66 18.51
CA THR B 760 1.38 -0.73 18.22
C THR B 760 1.64 -0.10 16.86
N ALA B 761 0.62 -0.11 15.99
CA ALA B 761 0.79 0.30 14.60
C ALA B 761 1.27 1.74 14.51
N GLY B 762 2.34 1.96 13.74
CA GLY B 762 2.93 3.29 13.59
C GLY B 762 4.19 3.50 14.41
N MET B 763 4.48 2.57 15.31
CA MET B 763 5.62 2.66 16.23
C MET B 763 6.93 2.15 15.64
N GLU B 764 6.85 1.20 14.73
CA GLU B 764 8.03 0.57 14.19
C GLU B 764 8.40 1.19 12.84
N ALA B 765 9.69 1.46 12.64
CA ALA B 765 10.18 2.02 11.40
C ALA B 765 10.40 0.91 10.37
N SER B 766 11.16 -0.11 10.76
CA SER B 766 11.41 -1.27 9.90
C SER B 766 11.24 -2.59 10.65
N GLY B 767 12.32 -3.08 11.26
CA GLY B 767 12.37 -4.46 11.78
C GLY B 767 13.05 -5.37 10.77
N THR B 768 14.17 -5.97 11.15
CA THR B 768 14.92 -6.84 10.26
C THR B 768 14.77 -8.32 10.61
N SER B 769 14.46 -8.62 11.88
CA SER B 769 14.14 -9.99 12.25
C SER B 769 12.97 -10.53 11.44
N ASN B 770 11.99 -9.67 11.17
CA ASN B 770 10.82 -10.01 10.33
C ASN B 770 11.25 -10.66 9.02
N MET B 771 12.25 -10.04 8.38
CA MET B 771 12.73 -10.47 7.08
C MET B 771 13.47 -11.81 7.17
N LYS B 772 14.19 -12.01 8.26
CA LYS B 772 14.91 -13.26 8.49
C LYS B 772 13.93 -14.40 8.64
N PHE B 773 12.87 -14.18 9.42
CA PHE B 773 11.84 -15.19 9.63
C PHE B 773 11.21 -15.65 8.32
N ALA B 774 10.73 -14.69 7.54
CA ALA B 774 10.11 -14.99 6.25
C ALA B 774 11.06 -15.78 5.35
N MET B 775 12.33 -15.39 5.34
CA MET B 775 13.31 -16.09 4.52
C MET B 775 13.37 -17.58 4.89
N ASN B 776 13.24 -17.88 6.19
CA ASN B 776 13.30 -19.27 6.66
C ASN B 776 11.96 -20.02 6.64
N GLY B 777 10.97 -19.44 5.95
CA GLY B 777 9.68 -20.07 5.79
C GLY B 777 8.79 -19.94 7.01
N CYS B 778 9.16 -19.06 7.94
CA CYS B 778 8.32 -18.78 9.09
C CYS B 778 7.19 -17.86 8.68
N LEU B 779 5.99 -18.15 9.16
CA LEU B 779 4.85 -17.28 8.91
C LEU B 779 4.83 -16.17 9.94
N LEU B 780 4.36 -15.00 9.53
CA LEU B 780 4.33 -13.83 10.40
C LEU B 780 2.91 -13.51 10.83
N ILE B 781 2.76 -13.26 12.13
CA ILE B 781 1.58 -12.59 12.66
C ILE B 781 2.06 -11.21 13.10
N GLY B 782 1.32 -10.17 12.72
CA GLY B 782 1.72 -8.82 13.06
C GLY B 782 0.74 -7.73 12.67
N THR B 783 1.08 -6.51 13.09
CA THR B 783 0.31 -5.33 12.78
C THR B 783 0.78 -4.74 11.46
N LEU B 784 -0.04 -3.89 10.86
CA LEU B 784 0.34 -3.18 9.64
C LEU B 784 1.35 -2.08 10.01
N ASP B 785 2.60 -2.49 10.24
CA ASP B 785 3.59 -1.64 10.91
C ASP B 785 5.00 -1.98 10.43
N GLY B 786 5.74 -0.96 10.01
CA GLY B 786 7.14 -1.16 9.60
C GLY B 786 7.32 -2.13 8.44
N ALA B 787 8.28 -3.04 8.59
CA ALA B 787 8.65 -3.96 7.52
C ALA B 787 7.53 -4.93 7.17
N ASN B 788 6.62 -5.18 8.11
CA ASN B 788 5.47 -6.03 7.86
C ASN B 788 4.70 -5.61 6.60
N VAL B 789 4.54 -4.30 6.41
CA VAL B 789 3.72 -3.79 5.29
C VAL B 789 4.28 -4.26 3.95
N GLU B 790 5.59 -4.11 3.76
CA GLU B 790 6.24 -4.51 2.51
C GLU B 790 6.39 -6.03 2.39
N ILE B 791 6.67 -6.70 3.51
CA ILE B 791 6.73 -8.16 3.53
C ILE B 791 5.39 -8.76 3.08
N ARG B 792 4.29 -8.15 3.54
CA ARG B 792 2.97 -8.61 3.19
C ARG B 792 2.68 -8.42 1.69
N GLU B 793 3.16 -7.31 1.11
CA GLU B 793 3.04 -7.09 -0.32
C GLU B 793 3.73 -8.20 -1.11
N GLU B 794 4.97 -8.48 -0.76
CA GLU B 794 5.81 -9.40 -1.52
C GLU B 794 5.38 -10.87 -1.40
N VAL B 795 5.02 -11.31 -0.19
CA VAL B 795 4.58 -12.70 0.01
C VAL B 795 3.09 -12.91 -0.31
N GLY B 796 2.31 -11.84 -0.24
CA GLY B 796 0.87 -11.89 -0.49
C GLY B 796 0.08 -11.93 0.82
N GLU B 797 -1.01 -11.16 0.87
CA GLU B 797 -1.81 -11.01 2.11
C GLU B 797 -2.42 -12.33 2.57
N GLU B 798 -2.62 -13.25 1.64
CA GLU B 798 -3.14 -14.59 1.96
C GLU B 798 -2.14 -15.36 2.83
N ASN B 799 -0.86 -14.98 2.75
CA ASN B 799 0.22 -15.69 3.43
C ASN B 799 0.83 -14.85 4.53
N PHE B 800 -0.04 -14.15 5.26
CA PHE B 800 0.37 -13.28 6.35
C PHE B 800 -0.84 -13.08 7.24
N PHE B 801 -0.65 -13.18 8.56
CA PHE B 801 -1.73 -13.01 9.54
C PHE B 801 -1.76 -11.57 10.07
N LEU B 802 -2.64 -10.75 9.50
CA LEU B 802 -2.77 -9.33 9.88
C LEU B 802 -3.93 -9.12 10.85
N PHE B 803 -3.72 -8.22 11.81
CA PHE B 803 -4.69 -7.92 12.85
C PHE B 803 -4.45 -6.52 13.43
N GLY B 804 -5.47 -5.99 14.11
CA GLY B 804 -5.32 -4.79 14.94
C GLY B 804 -5.52 -3.47 14.22
N ALA B 805 -5.48 -2.40 15.00
CA ALA B 805 -5.67 -1.04 14.49
C ALA B 805 -4.51 -0.60 13.61
N HIS B 806 -4.81 0.16 12.56
CA HIS B 806 -3.78 0.68 11.67
C HIS B 806 -3.28 2.03 12.17
N ALA B 807 -2.16 2.48 11.61
CA ALA B 807 -1.48 3.69 12.06
C ALA B 807 -2.38 4.92 12.19
N PRO B 808 -3.20 5.22 11.16
CA PRO B 808 -4.05 6.42 11.24
C PRO B 808 -5.08 6.43 12.38
N GLU B 809 -5.53 5.25 12.81
CA GLU B 809 -6.57 5.10 13.84
CA GLU B 809 -6.58 5.16 13.82
C GLU B 809 -6.07 5.41 15.25
N ILE B 810 -4.75 5.38 15.43
CA ILE B 810 -4.14 5.44 16.76
C ILE B 810 -4.53 6.67 17.60
N ALA B 811 -4.17 7.85 17.14
CA ALA B 811 -4.44 9.09 17.90
C ALA B 811 -5.90 9.16 18.37
N GLY B 812 -6.82 8.76 17.50
CA GLY B 812 -8.24 8.75 17.83
C GLY B 812 -8.62 7.80 18.95
N LEU B 813 -8.05 6.59 18.91
CA LEU B 813 -8.33 5.56 19.94
C LEU B 813 -7.83 5.96 21.32
N ARG B 814 -6.69 6.66 21.37
CA ARG B 814 -6.15 7.16 22.63
C ARG B 814 -6.99 8.28 23.21
N GLN B 815 -7.35 9.24 22.37
CA GLN B 815 -8.18 10.37 22.83
C GLN B 815 -9.56 9.87 23.22
N GLU B 816 -10.06 8.88 22.49
CA GLU B 816 -11.29 8.17 22.85
C GLU B 816 -11.18 7.60 24.28
N ARG B 817 -10.04 6.98 24.59
CA ARG B 817 -9.79 6.43 25.92
C ARG B 817 -9.80 7.53 27.00
N ALA B 818 -9.03 8.59 26.77
CA ALA B 818 -9.00 9.75 27.68
C ALA B 818 -10.39 10.29 27.99
N GLU B 819 -11.27 10.32 26.99
CA GLU B 819 -12.64 10.84 27.16
C GLU B 819 -13.64 9.80 27.68
N GLY B 820 -13.14 8.70 28.26
CA GLY B 820 -14.00 7.68 28.87
C GLY B 820 -14.86 6.87 27.94
N LYS B 821 -14.69 7.06 26.63
CA LYS B 821 -15.55 6.41 25.63
C LYS B 821 -15.09 5.01 25.23
N PHE B 822 -14.05 4.48 25.87
CA PHE B 822 -13.57 3.13 25.57
C PHE B 822 -14.13 2.10 26.55
N VAL B 823 -14.56 0.96 26.02
CA VAL B 823 -15.09 -0.14 26.82
C VAL B 823 -14.41 -1.41 26.34
N PRO B 824 -13.64 -2.07 27.21
CA PRO B 824 -12.89 -3.23 26.75
C PRO B 824 -13.75 -4.49 26.64
N ASP B 825 -13.30 -5.42 25.80
CA ASP B 825 -13.94 -6.72 25.62
C ASP B 825 -14.05 -7.43 26.96
N LEU B 826 -15.16 -8.14 27.18
CA LEU B 826 -15.32 -8.92 28.43
C LEU B 826 -14.23 -9.98 28.56
N ARG B 827 -13.78 -10.54 27.43
CA ARG B 827 -12.69 -11.51 27.43
C ARG B 827 -11.37 -10.93 27.94
N PHE B 828 -11.19 -9.61 27.83
CA PHE B 828 -9.97 -8.94 28.29
C PHE B 828 -10.01 -8.65 29.78
N GLU B 829 -11.20 -8.34 30.30
CA GLU B 829 -11.41 -8.16 31.74
C GLU B 829 -11.26 -9.50 32.46
N GLU B 830 -11.72 -10.56 31.77
CA GLU B 830 -11.60 -11.95 32.23
C GLU B 830 -10.13 -12.33 32.50
N VAL B 831 -9.25 -12.02 31.54
CA VAL B 831 -7.83 -12.34 31.69
C VAL B 831 -7.21 -11.55 32.84
N LYS B 832 -7.43 -10.24 32.84
CA LYS B 832 -6.91 -9.36 33.89
C LYS B 832 -7.26 -9.85 35.28
N GLU B 833 -8.50 -10.29 35.46
CA GLU B 833 -8.97 -10.82 36.74
C GLU B 833 -8.34 -12.21 37.01
N TYR B 834 -8.21 -13.01 35.95
CA TYR B 834 -7.61 -14.33 36.05
C TYR B 834 -6.12 -14.28 36.40
N VAL B 835 -5.46 -13.17 36.06
CA VAL B 835 -4.08 -12.91 36.47
C VAL B 835 -4.06 -12.38 37.91
N ARG B 836 -5.03 -11.53 38.24
CA ARG B 836 -5.16 -11.00 39.60
C ARG B 836 -5.63 -12.03 40.62
N SER B 837 -5.98 -13.23 40.17
CA SER B 837 -6.41 -14.30 41.09
C SER B 837 -5.22 -15.04 41.75
N GLY B 838 -4.04 -14.95 41.14
CA GLY B 838 -2.82 -15.51 41.72
C GLY B 838 -2.45 -16.91 41.23
N VAL B 839 -3.10 -17.37 40.17
CA VAL B 839 -2.84 -18.70 39.62
C VAL B 839 -1.39 -18.89 39.15
N PHE B 840 -0.69 -17.78 38.91
CA PHE B 840 0.71 -17.81 38.47
C PHE B 840 1.72 -17.53 39.58
N GLY B 841 1.40 -17.97 40.80
CA GLY B 841 2.35 -17.89 41.91
C GLY B 841 2.05 -16.80 42.92
N THR B 842 3.05 -16.51 43.76
CA THR B 842 2.88 -15.59 44.90
C THR B 842 2.99 -14.14 44.49
N SER B 843 3.48 -13.89 43.28
CA SER B 843 3.34 -12.59 42.67
C SER B 843 1.89 -12.54 42.20
N ASN B 844 1.27 -11.37 42.26
CA ASN B 844 -0.15 -11.19 41.88
C ASN B 844 -0.38 -10.24 40.70
N TYR B 845 0.61 -9.40 40.40
CA TYR B 845 0.63 -8.56 39.18
C TYR B 845 -0.47 -7.52 39.05
N ASP B 846 -1.11 -7.20 40.18
CA ASP B 846 -2.09 -6.12 40.22
C ASP B 846 -1.49 -4.81 39.69
N GLU B 847 -0.19 -4.65 39.87
CA GLU B 847 0.53 -3.48 39.34
C GLU B 847 0.60 -3.49 37.81
N LEU B 848 0.98 -4.64 37.25
CA LEU B 848 1.09 -4.79 35.81
C LEU B 848 -0.27 -4.64 35.14
N MET B 849 -1.25 -5.41 35.60
CA MET B 849 -2.61 -5.31 35.07
C MET B 849 -3.14 -3.89 35.23
N GLY B 850 -2.74 -3.22 36.31
CA GLY B 850 -3.11 -1.83 36.57
C GLY B 850 -2.60 -0.80 35.57
N SER B 851 -1.55 -1.16 34.81
CA SER B 851 -1.01 -0.29 33.77
C SER B 851 -1.85 -0.34 32.50
N LEU B 852 -2.89 -1.17 32.50
CA LEU B 852 -3.82 -1.25 31.38
C LEU B 852 -5.14 -0.59 31.75
N GLU B 853 -5.15 0.15 32.85
CA GLU B 853 -6.38 0.73 33.41
C GLU B 853 -6.22 2.21 33.69
N GLY B 854 -7.35 2.87 33.93
CA GLY B 854 -7.40 4.33 33.99
C GLY B 854 -7.66 4.91 32.62
N ASN B 855 -7.86 6.22 32.56
CA ASN B 855 -8.07 6.91 31.28
C ASN B 855 -6.95 7.90 30.93
N GLU B 856 -6.18 8.33 31.94
CA GLU B 856 -5.04 9.23 31.73
CA GLU B 856 -5.02 9.18 31.70
C GLU B 856 -3.92 8.94 32.73
N GLY B 857 -2.72 9.45 32.45
CA GLY B 857 -1.58 9.31 33.35
C GLY B 857 -0.44 8.48 32.79
N TYR B 858 0.79 8.96 33.02
CA TYR B 858 2.01 8.28 32.57
C TYR B 858 2.09 6.89 33.18
N GLY B 859 2.33 5.89 32.34
CA GLY B 859 2.46 4.50 32.79
C GLY B 859 1.15 3.73 32.93
N ARG B 860 0.03 4.45 32.94
CA ARG B 860 -1.29 3.85 33.05
C ARG B 860 -2.04 4.03 31.73
N ALA B 861 -3.33 3.68 31.73
CA ALA B 861 -4.27 4.02 30.66
C ALA B 861 -4.00 3.30 29.33
N ASP B 862 -3.28 2.18 29.39
CA ASP B 862 -3.10 1.29 28.23
C ASP B 862 -2.71 2.06 26.98
N TYR B 863 -1.69 2.89 27.10
CA TYR B 863 -1.23 3.77 26.03
C TYR B 863 -0.95 3.04 24.71
N PHE B 864 -0.48 1.79 24.79
CA PHE B 864 -0.12 1.02 23.59
C PHE B 864 -1.23 0.06 23.13
N LEU B 865 -2.46 0.32 23.57
CA LEU B 865 -3.67 -0.32 23.03
C LEU B 865 -3.70 -1.85 23.09
N VAL B 866 -3.22 -2.40 24.20
CA VAL B 866 -3.25 -3.85 24.40
C VAL B 866 -4.69 -4.34 24.45
N GLY B 867 -5.53 -3.67 25.24
CA GLY B 867 -6.94 -4.03 25.34
C GLY B 867 -7.70 -3.91 24.03
N LYS B 868 -7.52 -2.78 23.35
CA LYS B 868 -8.23 -2.50 22.09
C LYS B 868 -7.92 -3.54 21.00
N ASP B 869 -6.65 -3.87 20.83
CA ASP B 869 -6.22 -4.85 19.82
C ASP B 869 -6.44 -6.30 20.26
N PHE B 870 -6.76 -6.53 21.54
CA PHE B 870 -6.90 -7.88 22.11
C PHE B 870 -7.89 -8.77 21.33
N PRO B 871 -9.15 -8.32 21.15
CA PRO B 871 -10.12 -9.21 20.50
C PRO B 871 -9.71 -9.57 19.08
N SER B 872 -9.35 -8.54 18.31
CA SER B 872 -8.76 -8.71 16.99
C SER B 872 -7.63 -9.74 16.99
N TYR B 873 -6.80 -9.66 18.02
CA TYR B 873 -5.56 -10.45 18.09
C TYR B 873 -5.79 -11.93 18.42
N ILE B 874 -6.63 -12.24 19.40
CA ILE B 874 -6.93 -13.64 19.73
C ILE B 874 -7.76 -14.29 18.62
N GLU B 875 -8.62 -13.51 17.97
CA GLU B 875 -9.38 -13.98 16.81
C GLU B 875 -8.44 -14.28 15.62
N CYS B 876 -7.41 -13.45 15.44
CA CYS B 876 -6.42 -13.71 14.40
C CYS B 876 -5.62 -14.98 14.70
N GLN B 877 -5.36 -15.24 15.99
CA GLN B 877 -4.67 -16.47 16.43
C GLN B 877 -5.52 -17.72 16.23
N GLU B 878 -6.85 -17.57 16.25
CA GLU B 878 -7.74 -18.68 15.94
C GLU B 878 -7.60 -19.09 14.46
N LYS B 879 -7.40 -18.11 13.58
CA LYS B 879 -7.19 -18.37 12.16
C LYS B 879 -5.83 -19.03 11.91
N VAL B 880 -4.86 -18.71 12.75
CA VAL B 880 -3.56 -19.38 12.72
C VAL B 880 -3.70 -20.87 13.04
N ASP B 881 -4.45 -21.19 14.10
CA ASP B 881 -4.73 -22.58 14.47
C ASP B 881 -5.34 -23.36 13.31
N GLU B 882 -6.38 -22.79 12.72
CA GLU B 882 -7.14 -23.44 11.65
CA GLU B 882 -7.14 -23.43 11.64
C GLU B 882 -6.27 -23.69 10.41
N ALA B 883 -5.30 -22.82 10.18
CA ALA B 883 -4.37 -22.95 9.06
C ALA B 883 -3.35 -24.05 9.33
N TYR B 884 -2.84 -24.07 10.55
CA TYR B 884 -1.85 -25.09 10.96
C TYR B 884 -2.44 -26.49 10.95
N ARG B 885 -3.77 -26.58 11.07
CA ARG B 885 -4.44 -27.88 10.98
C ARG B 885 -4.24 -28.52 9.60
N ASP B 886 -4.24 -27.68 8.56
CA ASP B 886 -3.99 -28.15 7.20
C ASP B 886 -2.54 -27.89 6.83
N GLN B 887 -1.64 -28.79 7.25
CA GLN B 887 -0.21 -28.67 6.95
C GLN B 887 0.09 -28.64 5.44
N LYS B 888 -0.93 -28.83 4.62
CA LYS B 888 -0.81 -28.60 3.18
C LYS B 888 -0.87 -27.09 2.92
N LEU B 889 -1.78 -26.41 3.59
CA LEU B 889 -1.92 -24.97 3.48
C LEU B 889 -0.73 -24.29 4.14
N TRP B 890 -0.45 -24.66 5.38
CA TRP B 890 0.64 -24.06 6.13
C TRP B 890 1.95 -24.08 5.36
N THR B 891 2.32 -25.24 4.83
CA THR B 891 3.59 -25.41 4.12
C THR B 891 3.60 -24.65 2.79
N ARG B 892 2.44 -24.59 2.14
CA ARG B 892 2.28 -23.76 0.95
C ARG B 892 2.67 -22.32 1.26
N MET B 893 2.12 -21.79 2.35
CA MET B 893 2.37 -20.41 2.78
C MET B 893 3.84 -20.23 3.17
N SER B 894 4.40 -21.22 3.87
CA SER B 894 5.81 -21.20 4.25
C SER B 894 6.68 -20.99 3.02
N ILE B 895 6.49 -21.86 2.03
CA ILE B 895 7.27 -21.80 0.79
C ILE B 895 7.10 -20.46 0.08
N LEU B 896 5.90 -19.90 0.11
CA LEU B 896 5.63 -18.61 -0.53
C LEU B 896 6.30 -17.43 0.20
N ASN B 897 6.56 -17.58 1.49
CA ASN B 897 7.28 -16.56 2.25
C ASN B 897 8.75 -16.49 1.83
N THR B 898 9.39 -17.65 1.71
CA THR B 898 10.74 -17.72 1.18
C THR B 898 10.80 -17.16 -0.26
N ALA B 899 9.82 -17.53 -1.08
CA ALA B 899 9.77 -17.12 -2.49
C ALA B 899 9.56 -15.62 -2.71
N GLY B 900 8.95 -14.96 -1.72
CA GLY B 900 8.68 -13.52 -1.77
C GLY B 900 9.72 -12.67 -1.03
N SER B 901 10.71 -13.31 -0.43
CA SER B 901 11.71 -12.60 0.36
C SER B 901 12.84 -11.89 -0.43
N PRO B 902 13.04 -12.20 -1.72
CA PRO B 902 14.20 -11.62 -2.42
C PRO B 902 14.44 -10.13 -2.19
N LYS B 903 13.37 -9.33 -2.21
CA LYS B 903 13.44 -7.88 -1.97
C LYS B 903 14.17 -7.50 -0.68
N PHE B 904 14.22 -8.41 0.29
CA PHE B 904 14.77 -8.09 1.61
C PHE B 904 16.21 -8.58 1.81
N SER B 905 16.93 -8.79 0.71
CA SER B 905 18.36 -9.06 0.77
C SER B 905 19.13 -7.75 0.89
N SER B 906 19.99 -7.66 1.91
CA SER B 906 20.82 -6.48 2.11
C SER B 906 21.64 -6.11 0.86
N ASP B 907 21.89 -7.08 -0.03
CA ASP B 907 22.59 -6.80 -1.28
C ASP B 907 21.94 -5.67 -2.08
N ARG B 908 20.63 -5.77 -2.33
CA ARG B 908 19.97 -4.74 -3.12
C ARG B 908 19.82 -3.43 -2.33
N THR B 909 19.75 -3.53 -1.01
CA THR B 909 19.84 -2.36 -0.15
C THR B 909 21.18 -1.64 -0.33
N ILE B 910 22.28 -2.40 -0.36
CA ILE B 910 23.62 -1.83 -0.57
C ILE B 910 23.75 -1.21 -1.96
N HIS B 911 23.29 -1.92 -2.98
CA HIS B 911 23.31 -1.38 -4.33
C HIS B 911 22.66 0.01 -4.35
N GLU B 912 21.46 0.11 -3.75
CA GLU B 912 20.73 1.39 -3.69
C GLU B 912 21.53 2.48 -2.97
N TYR B 913 22.11 2.14 -1.82
CA TYR B 913 22.99 3.07 -1.10
C TYR B 913 24.19 3.47 -1.97
N ALA B 914 24.82 2.48 -2.60
CA ALA B 914 26.02 2.71 -3.40
C ALA B 914 25.77 3.63 -4.60
N LYS B 915 24.61 3.48 -5.22
CA LYS B 915 24.26 4.23 -6.42
C LYS B 915 23.71 5.61 -6.10
N ASP B 916 22.67 5.64 -5.27
CA ASP B 916 21.87 6.84 -5.05
C ASP B 916 22.33 7.73 -3.88
N ILE B 917 23.36 7.33 -3.13
CA ILE B 917 23.87 8.15 -2.03
C ILE B 917 25.39 8.30 -2.03
N TRP B 918 26.10 7.19 -1.87
CA TRP B 918 27.56 7.21 -1.79
C TRP B 918 28.23 7.49 -3.12
N ASP B 919 27.58 7.06 -4.21
CA ASP B 919 28.11 7.21 -5.55
C ASP B 919 29.46 6.50 -5.70
N ILE B 920 29.53 5.28 -5.17
CA ILE B 920 30.70 4.41 -5.33
C ILE B 920 30.39 3.30 -6.32
N SER B 921 31.45 2.69 -6.84
CA SER B 921 31.34 1.53 -7.74
C SER B 921 32.16 0.39 -7.16
N PRO B 922 31.87 -0.86 -7.60
CA PRO B 922 32.70 -1.97 -7.12
C PRO B 922 34.12 -1.93 -7.66
N VAL B 923 35.06 -2.48 -6.90
CA VAL B 923 36.46 -2.58 -7.31
C VAL B 923 36.83 -4.06 -7.26
N ILE B 924 37.00 -4.68 -8.42
CA ILE B 924 37.32 -6.10 -8.50
C ILE B 924 38.81 -6.29 -8.74
N MET B 925 39.48 -7.00 -7.85
CA MET B 925 40.87 -7.39 -8.04
C MET B 925 40.90 -8.45 -9.13
N PRO B 926 41.98 -8.50 -9.92
CA PRO B 926 42.02 -9.43 -11.06
C PRO B 926 41.95 -10.91 -10.64
#